data_6A35
#
_entry.id   6A35
#
_cell.length_a   46.170
_cell.length_b   91.230
_cell.length_c   102.070
_cell.angle_alpha   108.580
_cell.angle_beta   98.090
_cell.angle_gamma   104.620
#
_symmetry.space_group_name_H-M   'P 1'
#
loop_
_entity.id
_entity.type
_entity.pdbx_description
1 polymer 'Putative methylthioribose-1-phosphate isomerase'
2 water water
#
_entity_poly.entity_id   1
_entity_poly.type   'polypeptide(L)'
_entity_poly.pdbx_seq_one_letter_code
;MEIRYTPKELTKLPRTVEYKNKSVYMINQRLLPKEFKVEKFSKVEEVAEAIKNMTVRGAPAIGAAAGFGLALYAETSKAK
TKEEFLDGFEKAYEILKNTRPTAVNLFWALNRIKKLVEEHSEDPLDEIKRLIVQEAYKIADEDVEANLRMGHYGAEVLPE
GNILTHCNAGSLATVHLGTVGSVVRVMHKDGSLKLLWLDETRPVLQGARLSAWEYSYDGLNVKLIADNAAAFVMQQGFVD
AIIVGADRIVANGDFANKIGTYMLAVLAREHGIPFFAVAPLSSIDMELKSGKDIPIEERSPEEVLTCGGCRIAPDVPVYN
PAFDVTPHKYLTGIITDRGVVWPPFKRNLKKLFEVNKSGGDEAV
;
_entity_poly.pdbx_strand_id   A,B,C,D
#
# COMPACT_ATOMS: atom_id res chain seq x y z
N MET A 1 -16.66 32.07 0.31
CA MET A 1 -15.60 32.16 -0.75
C MET A 1 -15.63 33.47 -1.50
N GLU A 2 -14.49 34.13 -1.60
CA GLU A 2 -14.41 35.33 -2.42
C GLU A 2 -13.60 35.12 -3.71
N ILE A 3 -14.13 35.67 -4.78
CA ILE A 3 -13.43 35.71 -6.03
C ILE A 3 -12.62 36.98 -5.91
N ARG A 4 -11.30 36.80 -5.90
CA ARG A 4 -10.37 37.88 -5.76
C ARG A 4 -9.78 38.32 -7.10
N TYR A 5 -10.11 37.59 -8.18
CA TYR A 5 -9.52 37.81 -9.52
C TYR A 5 -10.51 37.76 -10.67
N THR A 6 -10.30 38.59 -11.67
CA THR A 6 -11.09 38.49 -12.89
C THR A 6 -10.33 37.74 -13.96
N PRO A 7 -11.08 37.13 -14.91
CA PRO A 7 -10.46 36.52 -16.07
C PRO A 7 -9.21 37.26 -16.64
N LYS A 8 -9.31 38.52 -17.01
CA LYS A 8 -8.14 39.22 -17.53
C LYS A 8 -6.90 39.15 -16.62
N GLU A 9 -7.12 39.24 -15.30
CA GLU A 9 -6.05 39.13 -14.30
C GLU A 9 -5.37 37.74 -14.26
N LEU A 10 -6.06 36.69 -14.72
CA LEU A 10 -5.59 35.31 -14.68
C LEU A 10 -4.93 34.84 -15.97
N THR A 11 -5.58 34.98 -17.11
CA THR A 11 -4.89 34.66 -18.38
C THR A 11 -4.84 35.86 -19.31
N LYS A 12 -4.01 35.74 -20.33
CA LYS A 12 -4.01 36.67 -21.44
C LYS A 12 -4.49 36.01 -22.73
N LEU A 13 -4.94 34.77 -22.66
CA LEU A 13 -5.60 34.22 -23.81
C LEU A 13 -6.96 34.82 -23.93
N PRO A 14 -7.42 35.03 -25.15
CA PRO A 14 -8.85 35.24 -25.32
C PRO A 14 -9.61 34.03 -24.83
N ARG A 15 -10.91 34.03 -25.02
CA ARG A 15 -11.74 32.91 -24.66
C ARG A 15 -11.65 31.88 -25.77
N THR A 16 -11.91 30.63 -25.42
CA THR A 16 -11.74 29.52 -26.32
C THR A 16 -12.75 29.56 -27.46
N VAL A 17 -13.91 30.12 -27.15
CA VAL A 17 -14.98 30.26 -28.10
C VAL A 17 -15.65 31.57 -27.73
N GLU A 18 -15.85 32.41 -28.74
CA GLU A 18 -16.45 33.72 -28.55
C GLU A 18 -17.31 34.11 -29.75
N TYR A 19 -18.35 34.90 -29.50
CA TYR A 19 -19.26 35.44 -30.52
C TYR A 19 -19.16 36.97 -30.55
N LYS A 20 -19.01 37.58 -31.74
CA LYS A 20 -18.89 39.05 -31.92
C LYS A 20 -19.32 39.44 -33.34
N ASN A 21 -20.13 40.49 -33.47
CA ASN A 21 -20.58 40.98 -34.79
C ASN A 21 -21.09 39.82 -35.66
N LYS A 22 -22.08 39.08 -35.19
CA LYS A 22 -22.64 37.99 -35.99
C LYS A 22 -21.63 36.93 -36.48
N SER A 23 -20.50 36.75 -35.79
CA SER A 23 -19.54 35.70 -36.14
C SER A 23 -18.96 35.00 -34.91
N VAL A 24 -18.58 33.74 -35.10
CA VAL A 24 -18.05 32.93 -33.97
C VAL A 24 -16.54 32.78 -34.04
N TYR A 25 -15.86 33.19 -32.98
CA TYR A 25 -14.41 33.10 -32.94
C TYR A 25 -13.93 31.91 -32.11
N MET A 26 -13.06 31.08 -32.70
CA MET A 26 -12.44 29.94 -32.00
C MET A 26 -10.94 29.96 -32.18
N ILE A 27 -10.23 29.67 -31.08
CA ILE A 27 -8.81 29.34 -31.14
C ILE A 27 -8.70 28.00 -31.86
N ASN A 28 -7.81 27.91 -32.85
CA ASN A 28 -7.66 26.71 -33.66
C ASN A 28 -6.63 25.76 -33.06
N GLN A 29 -7.17 24.78 -32.35
CA GLN A 29 -6.38 23.92 -31.47
C GLN A 29 -5.74 22.78 -32.23
N ARG A 30 -6.24 22.57 -33.46
CA ARG A 30 -5.56 21.75 -34.43
C ARG A 30 -4.21 22.34 -34.82
N LEU A 31 -4.05 23.68 -34.75
CA LEU A 31 -2.77 24.33 -35.10
C LEU A 31 -1.78 24.48 -33.94
N LEU A 32 -2.16 24.01 -32.78
CA LEU A 32 -1.29 24.12 -31.64
C LEU A 32 -0.36 22.87 -31.55
N PRO A 33 0.84 23.03 -30.97
CA PRO A 33 1.42 24.28 -30.44
C PRO A 33 2.18 25.13 -31.47
N LYS A 34 2.38 24.58 -32.67
CA LYS A 34 3.10 25.27 -33.77
C LYS A 34 2.64 26.72 -33.99
N GLU A 35 1.34 26.90 -34.10
CA GLU A 35 0.79 28.15 -34.59
C GLU A 35 -0.46 28.43 -33.82
N PHE A 36 -0.50 29.64 -33.27
CA PHE A 36 -1.64 30.13 -32.50
C PHE A 36 -2.48 30.98 -33.44
N LYS A 37 -3.72 30.56 -33.66
CA LYS A 37 -4.60 31.28 -34.57
C LYS A 37 -6.05 31.17 -34.18
N VAL A 38 -6.69 32.32 -34.16
CA VAL A 38 -8.11 32.44 -33.92
C VAL A 38 -8.83 32.36 -35.27
N GLU A 39 -9.74 31.41 -35.42
CA GLU A 39 -10.59 31.36 -36.63
C GLU A 39 -11.89 32.17 -36.44
N LYS A 40 -12.40 32.71 -37.54
CA LYS A 40 -13.64 33.50 -37.57
C LYS A 40 -14.66 32.81 -38.47
N PHE A 41 -15.76 32.33 -37.92
CA PHE A 41 -16.78 31.62 -38.74
C PHE A 41 -18.07 32.40 -38.78
N SER A 42 -18.55 32.58 -40.01
CA SER A 42 -19.75 33.37 -40.27
C SER A 42 -20.88 32.55 -40.88
N LYS A 43 -20.82 31.23 -40.76
CA LYS A 43 -21.95 30.37 -41.14
C LYS A 43 -22.09 29.28 -40.09
N VAL A 44 -23.23 28.60 -40.04
CA VAL A 44 -23.36 27.51 -39.07
C VAL A 44 -22.62 26.26 -39.55
N GLU A 45 -22.62 25.96 -40.84
CA GLU A 45 -22.01 24.72 -41.31
C GLU A 45 -20.49 24.77 -41.18
N GLU A 46 -19.96 25.97 -40.99
CA GLU A 46 -18.54 26.20 -40.72
C GLU A 46 -18.28 25.99 -39.25
N VAL A 47 -19.17 26.53 -38.41
CA VAL A 47 -19.12 26.26 -36.96
C VAL A 47 -19.25 24.76 -36.70
N ALA A 48 -20.24 24.16 -37.35
CA ALA A 48 -20.46 22.72 -37.29
C ALA A 48 -19.23 21.94 -37.74
N GLU A 49 -18.64 22.33 -38.87
CA GLU A 49 -17.44 21.66 -39.35
C GLU A 49 -16.26 21.91 -38.39
N ALA A 50 -16.19 23.09 -37.79
CA ALA A 50 -15.15 23.35 -36.79
C ALA A 50 -15.32 22.53 -35.49
N ILE A 51 -16.50 21.97 -35.25
CA ILE A 51 -16.70 21.06 -34.13
C ILE A 51 -16.24 19.66 -34.49
N LYS A 52 -16.62 19.17 -35.67
CA LYS A 52 -16.17 17.84 -36.11
C LYS A 52 -14.64 17.77 -36.20
N ASN A 53 -14.04 18.61 -37.07
CA ASN A 53 -12.59 18.90 -37.11
C ASN A 53 -11.87 18.68 -35.81
N MET A 54 -12.47 19.14 -34.71
CA MET A 54 -11.80 19.30 -33.43
C MET A 54 -11.01 20.60 -33.41
N THR A 55 -11.39 21.55 -34.27
CA THR A 55 -10.87 22.89 -34.19
C THR A 55 -11.13 23.34 -32.76
N VAL A 56 -12.31 22.99 -32.28
CA VAL A 56 -12.72 23.25 -30.90
C VAL A 56 -12.91 21.93 -30.21
N ARG A 57 -12.48 21.90 -28.96
CA ARG A 57 -12.59 20.71 -28.17
C ARG A 57 -12.61 21.18 -26.75
N GLY A 58 -12.97 20.29 -25.82
CA GLY A 58 -13.34 20.65 -24.44
C GLY A 58 -14.87 20.70 -24.36
N ALA A 59 -15.51 19.89 -23.52
CA ALA A 59 -16.98 19.82 -23.45
C ALA A 59 -17.70 21.19 -23.37
N PRO A 60 -17.32 22.06 -22.40
CA PRO A 60 -17.96 23.35 -22.27
C PRO A 60 -17.70 24.24 -23.48
N ALA A 61 -16.56 24.06 -24.15
CA ALA A 61 -16.30 24.81 -25.37
C ALA A 61 -17.09 24.27 -26.57
N ILE A 62 -17.32 22.98 -26.61
CA ILE A 62 -18.16 22.39 -27.67
C ILE A 62 -19.67 22.76 -27.48
N GLY A 63 -20.05 23.03 -26.24
CA GLY A 63 -21.35 23.56 -25.94
C GLY A 63 -21.45 24.97 -26.46
N ALA A 64 -20.56 25.84 -25.99
CA ALA A 64 -20.60 27.28 -26.31
C ALA A 64 -20.56 27.55 -27.82
N ALA A 65 -19.67 26.82 -28.49
CA ALA A 65 -19.58 26.87 -29.95
C ALA A 65 -20.92 26.53 -30.57
N ALA A 66 -21.60 25.55 -30.03
CA ALA A 66 -22.91 25.19 -30.54
C ALA A 66 -23.91 26.29 -30.26
N GLY A 67 -23.99 26.74 -29.01
CA GLY A 67 -24.94 27.80 -28.63
C GLY A 67 -24.84 28.97 -29.59
N PHE A 68 -23.66 29.58 -29.64
CA PHE A 68 -23.43 30.69 -30.53
C PHE A 68 -23.74 30.37 -31.99
N GLY A 69 -23.52 29.13 -32.42
CA GLY A 69 -23.99 28.72 -33.74
C GLY A 69 -25.46 29.02 -34.00
N LEU A 70 -26.28 28.78 -32.99
CA LEU A 70 -27.69 29.11 -33.07
C LEU A 70 -27.82 30.63 -33.00
N ALA A 71 -27.10 31.26 -32.08
CA ALA A 71 -27.06 32.71 -32.11
C ALA A 71 -26.77 33.16 -33.55
N LEU A 72 -25.67 32.68 -34.09
CA LEU A 72 -25.31 32.99 -35.46
C LEU A 72 -26.51 32.81 -36.41
N TYR A 73 -27.29 31.75 -36.25
CA TYR A 73 -28.46 31.51 -37.09
C TYR A 73 -29.58 32.53 -36.86
N ALA A 74 -29.89 32.77 -35.59
CA ALA A 74 -30.83 33.81 -35.22
C ALA A 74 -30.49 35.09 -35.99
N GLU A 75 -29.31 35.66 -35.73
CA GLU A 75 -28.96 36.99 -36.26
C GLU A 75 -28.63 36.97 -37.77
N THR A 76 -28.91 35.87 -38.46
CA THR A 76 -28.39 35.65 -39.82
C THR A 76 -29.50 35.26 -40.83
N SER A 77 -30.38 34.33 -40.43
CA SER A 77 -31.60 33.93 -41.16
C SER A 77 -32.28 35.05 -41.92
N LYS A 78 -32.62 34.78 -43.18
CA LYS A 78 -33.40 35.70 -44.02
C LYS A 78 -34.92 35.44 -43.96
N ALA A 79 -35.33 34.52 -43.08
CA ALA A 79 -36.73 34.19 -42.92
C ALA A 79 -37.53 35.44 -42.54
N LYS A 80 -38.65 35.64 -43.23
CA LYS A 80 -39.50 36.83 -43.03
C LYS A 80 -40.63 36.52 -42.06
N THR A 81 -41.36 35.44 -42.30
CA THR A 81 -42.40 34.97 -41.37
C THR A 81 -41.80 34.01 -40.34
N LYS A 82 -42.31 34.09 -39.11
CA LYS A 82 -41.83 33.26 -38.00
C LYS A 82 -41.84 31.76 -38.29
N GLU A 83 -42.81 31.32 -39.05
CA GLU A 83 -42.90 29.91 -39.47
C GLU A 83 -41.70 29.38 -40.32
N GLU A 84 -41.14 30.24 -41.19
CA GLU A 84 -39.93 29.92 -41.97
C GLU A 84 -38.74 29.80 -41.02
N PHE A 85 -38.64 30.75 -40.10
CA PHE A 85 -37.53 30.80 -39.17
C PHE A 85 -37.44 29.55 -38.31
N LEU A 86 -38.59 29.10 -37.80
CA LEU A 86 -38.61 27.93 -36.90
C LEU A 86 -38.24 26.61 -37.60
N ASP A 87 -38.56 26.52 -38.89
CA ASP A 87 -38.23 25.35 -39.70
C ASP A 87 -36.75 25.38 -40.08
N GLY A 88 -36.16 26.58 -40.10
CA GLY A 88 -34.74 26.78 -40.39
C GLY A 88 -33.87 26.67 -39.14
N PHE A 89 -34.44 27.08 -38.01
CA PHE A 89 -33.80 26.89 -36.72
C PHE A 89 -33.55 25.38 -36.49
N GLU A 90 -34.60 24.60 -36.67
CA GLU A 90 -34.58 23.15 -36.52
C GLU A 90 -33.61 22.48 -37.52
N LYS A 91 -33.56 23.00 -38.75
CA LYS A 91 -32.54 22.59 -39.70
C LYS A 91 -31.12 22.74 -39.09
N ALA A 92 -30.82 23.92 -38.54
CA ALA A 92 -29.50 24.22 -37.95
C ALA A 92 -29.20 23.46 -36.64
N TYR A 93 -30.23 23.36 -35.80
CA TYR A 93 -30.12 22.54 -34.62
C TYR A 93 -29.77 21.10 -35.00
N GLU A 94 -30.34 20.56 -36.07
CA GLU A 94 -29.97 19.19 -36.48
C GLU A 94 -28.55 19.14 -37.05
N ILE A 95 -28.20 20.11 -37.87
CA ILE A 95 -26.84 20.20 -38.42
C ILE A 95 -25.79 20.24 -37.30
N LEU A 96 -26.02 21.09 -36.30
CA LEU A 96 -25.13 21.22 -35.18
C LEU A 96 -25.11 19.96 -34.34
N LYS A 97 -26.30 19.44 -34.06
CA LYS A 97 -26.49 18.27 -33.20
C LYS A 97 -25.77 17.06 -33.74
N ASN A 98 -25.54 17.01 -35.04
CA ASN A 98 -24.92 15.85 -35.68
C ASN A 98 -23.45 16.07 -36.03
N THR A 99 -22.71 16.65 -35.09
CA THR A 99 -21.29 16.90 -35.26
C THR A 99 -20.53 15.75 -34.60
N ARG A 100 -20.36 15.83 -33.29
CA ARG A 100 -19.88 14.72 -32.52
C ARG A 100 -21.00 14.30 -31.58
N PRO A 101 -22.05 13.65 -32.13
CA PRO A 101 -23.18 13.12 -31.34
C PRO A 101 -22.79 12.33 -30.09
N THR A 102 -21.49 12.19 -29.86
CA THR A 102 -20.95 11.58 -28.67
C THR A 102 -20.68 12.60 -27.53
N ALA A 103 -20.08 13.76 -27.84
CA ALA A 103 -19.83 14.80 -26.81
C ALA A 103 -21.14 15.37 -26.19
N VAL A 104 -21.27 15.29 -24.87
CA VAL A 104 -22.59 15.38 -24.19
C VAL A 104 -23.09 16.82 -23.93
N ASN A 105 -22.14 17.73 -23.69
CA ASN A 105 -22.44 19.14 -23.48
C ASN A 105 -23.08 19.79 -24.72
N LEU A 106 -22.79 19.24 -25.88
CA LEU A 106 -23.35 19.74 -27.12
C LEU A 106 -24.87 19.61 -27.07
N PHE A 107 -25.31 18.37 -26.95
CA PHE A 107 -26.70 18.05 -26.72
C PHE A 107 -27.34 19.01 -25.66
N TRP A 108 -26.62 19.34 -24.58
CA TRP A 108 -27.12 20.25 -23.49
C TRP A 108 -27.42 21.68 -23.92
N ALA A 109 -26.44 22.30 -24.55
CA ALA A 109 -26.58 23.63 -25.11
C ALA A 109 -27.74 23.65 -26.07
N LEU A 110 -27.66 22.84 -27.11
CA LEU A 110 -28.67 22.80 -28.16
C LEU A 110 -30.13 22.58 -27.67
N ASN A 111 -30.30 21.85 -26.56
CA ASN A 111 -31.62 21.63 -25.95
C ASN A 111 -32.10 22.77 -25.08
N ARG A 112 -31.21 23.25 -24.23
CA ARG A 112 -31.52 24.38 -23.35
C ARG A 112 -32.17 25.51 -24.14
N ILE A 113 -31.57 25.79 -25.29
CA ILE A 113 -32.06 26.78 -26.24
C ILE A 113 -33.27 26.28 -27.03
N LYS A 114 -33.24 25.03 -27.51
CA LYS A 114 -34.42 24.41 -28.17
C LYS A 114 -35.67 24.56 -27.27
N LYS A 115 -35.54 24.29 -25.98
CA LYS A 115 -36.68 24.37 -25.08
C LYS A 115 -37.10 25.83 -24.85
N LEU A 116 -36.13 26.73 -24.79
CA LEU A 116 -36.44 28.17 -24.61
C LEU A 116 -37.33 28.67 -25.72
N VAL A 117 -37.02 28.21 -26.94
CA VAL A 117 -37.67 28.66 -28.14
C VAL A 117 -38.99 27.93 -28.39
N GLU A 118 -39.16 26.75 -27.80
CA GLU A 118 -40.46 26.12 -27.75
C GLU A 118 -41.31 26.92 -26.78
N GLU A 119 -40.67 27.38 -25.71
CA GLU A 119 -41.33 28.12 -24.67
C GLU A 119 -41.94 29.43 -25.17
N HIS A 120 -41.20 30.23 -25.94
CA HIS A 120 -41.68 31.57 -26.38
C HIS A 120 -42.10 31.60 -27.86
N SER A 121 -42.69 30.51 -28.32
CA SER A 121 -43.01 30.38 -29.73
C SER A 121 -43.91 31.51 -30.22
N GLU A 122 -44.79 32.00 -29.35
CA GLU A 122 -45.73 33.06 -29.75
C GLU A 122 -45.19 34.48 -29.71
N ASP A 123 -44.07 34.73 -29.02
CA ASP A 123 -43.47 36.09 -28.97
C ASP A 123 -43.10 36.56 -30.38
N PRO A 124 -42.71 37.84 -30.56
CA PRO A 124 -42.31 38.25 -31.93
C PRO A 124 -40.97 37.63 -32.38
N LEU A 125 -40.79 37.57 -33.68
CA LEU A 125 -39.61 36.94 -34.30
C LEU A 125 -38.29 37.59 -33.87
N ASP A 126 -38.22 38.91 -34.03
CA ASP A 126 -37.10 39.72 -33.57
C ASP A 126 -36.84 39.61 -32.05
N GLU A 127 -37.86 39.22 -31.29
CA GLU A 127 -37.74 39.00 -29.84
C GLU A 127 -37.17 37.62 -29.49
N ILE A 128 -37.58 36.62 -30.26
CA ILE A 128 -37.12 35.27 -30.06
C ILE A 128 -35.63 35.21 -30.38
N LYS A 129 -35.25 35.84 -31.49
CA LYS A 129 -33.86 36.04 -31.89
C LYS A 129 -32.98 36.55 -30.75
N ARG A 130 -33.35 37.70 -30.18
CA ARG A 130 -32.70 38.24 -29.00
C ARG A 130 -32.52 37.16 -27.92
N LEU A 131 -33.55 36.36 -27.70
CA LEU A 131 -33.55 35.38 -26.62
C LEU A 131 -32.54 34.28 -26.80
N ILE A 132 -32.40 33.88 -28.05
CA ILE A 132 -31.48 32.83 -28.46
C ILE A 132 -30.04 33.28 -28.22
N VAL A 133 -29.58 34.23 -29.03
CA VAL A 133 -28.36 34.99 -28.76
C VAL A 133 -28.10 35.11 -27.23
N GLN A 134 -29.05 35.69 -26.52
CA GLN A 134 -28.84 35.92 -25.11
C GLN A 134 -28.40 34.64 -24.36
N GLU A 135 -29.12 33.56 -24.64
CA GLU A 135 -28.96 32.32 -23.90
C GLU A 135 -27.59 31.70 -24.25
N ALA A 136 -27.19 31.84 -25.52
CA ALA A 136 -25.87 31.45 -25.98
C ALA A 136 -24.75 32.07 -25.13
N TYR A 137 -24.84 33.39 -24.91
CA TYR A 137 -23.99 34.13 -23.96
C TYR A 137 -24.11 33.63 -22.54
N LYS A 138 -25.31 33.28 -22.10
CA LYS A 138 -25.46 32.84 -20.72
C LYS A 138 -24.65 31.59 -20.55
N ILE A 139 -24.96 30.62 -21.41
CA ILE A 139 -24.30 29.31 -21.42
C ILE A 139 -22.81 29.48 -21.23
N ALA A 140 -22.22 30.33 -22.06
CA ALA A 140 -20.78 30.54 -22.10
C ALA A 140 -20.27 31.23 -20.84
N ASP A 141 -20.76 32.45 -20.58
CA ASP A 141 -20.51 33.17 -19.32
C ASP A 141 -20.56 32.20 -18.14
N GLU A 142 -21.67 31.47 -18.07
CA GLU A 142 -21.88 30.48 -17.03
C GLU A 142 -20.63 29.66 -16.76
N ASP A 143 -19.98 29.19 -17.82
CA ASP A 143 -18.85 28.29 -17.65
C ASP A 143 -17.61 28.98 -17.02
N VAL A 144 -17.33 30.21 -17.50
CA VAL A 144 -16.20 31.00 -17.03
C VAL A 144 -16.31 31.26 -15.56
N GLU A 145 -17.53 31.42 -15.08
CA GLU A 145 -17.69 31.79 -13.68
C GLU A 145 -17.66 30.54 -12.81
N ALA A 146 -18.12 29.41 -13.34
CA ALA A 146 -17.94 28.15 -12.65
C ALA A 146 -16.43 27.89 -12.53
N ASN A 147 -15.72 28.24 -13.59
CA ASN A 147 -14.31 28.07 -13.66
C ASN A 147 -13.61 28.99 -12.64
N LEU A 148 -14.05 30.24 -12.54
CA LEU A 148 -13.54 31.16 -11.51
C LEU A 148 -13.67 30.62 -10.08
N ARG A 149 -14.88 30.19 -9.77
CA ARG A 149 -15.16 29.65 -8.45
C ARG A 149 -14.24 28.46 -8.21
N MET A 150 -14.14 27.53 -9.17
CA MET A 150 -13.35 26.34 -8.97
C MET A 150 -11.92 26.70 -8.64
N GLY A 151 -11.35 27.55 -9.46
CA GLY A 151 -10.04 28.10 -9.18
C GLY A 151 -9.83 28.50 -7.74
N HIS A 152 -10.71 29.36 -7.22
CA HIS A 152 -10.48 29.99 -5.92
C HIS A 152 -10.65 29.04 -4.79
N TYR A 153 -11.55 28.07 -4.98
CA TYR A 153 -11.71 26.94 -4.08
C TYR A 153 -10.45 26.10 -4.04
N GLY A 154 -9.95 25.74 -5.23
CA GLY A 154 -8.81 24.86 -5.34
C GLY A 154 -7.56 25.48 -4.77
N ALA A 155 -7.37 26.76 -5.03
CA ALA A 155 -6.20 27.44 -4.53
C ALA A 155 -6.20 27.46 -3.00
N GLU A 156 -7.35 27.33 -2.36
CA GLU A 156 -7.40 27.24 -0.89
C GLU A 156 -6.87 25.91 -0.36
N VAL A 157 -7.26 24.81 -1.00
CA VAL A 157 -6.99 23.46 -0.48
C VAL A 157 -5.69 22.80 -0.90
N LEU A 158 -5.15 23.15 -2.08
CA LEU A 158 -3.85 22.65 -2.55
C LEU A 158 -2.67 23.33 -1.84
N PRO A 159 -1.56 22.60 -1.65
CA PRO A 159 -0.39 23.24 -1.02
C PRO A 159 0.33 24.17 -1.96
N GLU A 160 1.09 25.10 -1.40
CA GLU A 160 2.09 25.82 -2.19
C GLU A 160 3.08 24.78 -2.70
N GLY A 161 3.70 25.09 -3.82
CA GLY A 161 4.86 24.36 -4.25
C GLY A 161 4.77 23.77 -5.64
N ASN A 162 5.23 22.52 -5.75
CA ASN A 162 5.23 21.82 -7.00
C ASN A 162 3.90 21.03 -7.16
N ILE A 163 3.21 21.31 -8.26
CA ILE A 163 2.02 20.59 -8.61
C ILE A 163 2.24 19.83 -9.91
N LEU A 164 1.66 18.65 -9.98
CA LEU A 164 1.71 17.86 -11.20
C LEU A 164 0.28 17.67 -11.69
N THR A 165 0.07 17.94 -12.97
CA THR A 165 -1.21 17.67 -13.60
C THR A 165 -1.10 16.76 -14.81
N HIS A 166 -2.23 16.55 -15.50
CA HIS A 166 -2.38 15.53 -16.59
C HIS A 166 -3.24 16.10 -17.72
N CYS A 167 -3.15 15.51 -18.91
CA CYS A 167 -4.00 15.89 -20.08
C CYS A 167 -4.21 17.41 -20.22
N ASN A 168 -5.36 17.84 -20.76
CA ASN A 168 -5.56 19.31 -20.90
C ASN A 168 -6.88 19.75 -20.32
N ALA A 169 -6.79 20.40 -19.19
CA ALA A 169 -7.89 20.92 -18.46
C ALA A 169 -7.52 22.36 -18.16
N GLY A 170 -7.00 23.05 -19.16
CA GLY A 170 -6.72 24.46 -19.02
C GLY A 170 -7.79 25.24 -19.72
N SER A 171 -7.54 26.52 -19.89
CA SER A 171 -8.42 27.40 -20.61
C SER A 171 -8.98 26.74 -21.89
N LEU A 172 -8.17 25.95 -22.57
CA LEU A 172 -8.53 25.52 -23.89
C LEU A 172 -9.51 24.40 -23.88
N ALA A 173 -9.72 23.81 -22.70
CA ALA A 173 -10.69 22.71 -22.51
C ALA A 173 -12.12 23.22 -22.17
N THR A 174 -12.26 24.53 -22.15
CA THR A 174 -13.35 25.20 -21.53
C THR A 174 -13.61 26.44 -22.34
N VAL A 175 -14.62 27.20 -21.94
CA VAL A 175 -14.79 28.52 -22.50
C VAL A 175 -13.56 29.37 -22.18
N HIS A 176 -13.24 29.49 -20.91
CA HIS A 176 -12.11 30.31 -20.50
C HIS A 176 -11.62 29.85 -19.12
N LEU A 177 -10.33 30.05 -18.88
CA LEU A 177 -9.61 29.74 -17.60
C LEU A 177 -9.28 28.26 -17.33
N GLY A 178 -10.26 27.38 -17.52
CA GLY A 178 -10.06 25.95 -17.38
C GLY A 178 -10.58 25.56 -16.03
N THR A 179 -10.67 24.27 -15.79
CA THR A 179 -11.02 23.75 -14.49
C THR A 179 -9.71 23.74 -13.74
N VAL A 180 -8.83 22.75 -14.01
CA VAL A 180 -7.45 22.75 -13.46
C VAL A 180 -6.76 24.09 -13.71
N GLY A 181 -6.91 24.57 -14.94
CA GLY A 181 -6.23 25.75 -15.39
C GLY A 181 -6.58 26.95 -14.57
N SER A 182 -7.79 26.96 -14.02
CA SER A 182 -8.21 28.07 -13.17
C SER A 182 -7.43 28.03 -11.88
N VAL A 183 -7.42 26.84 -11.27
CA VAL A 183 -6.79 26.62 -9.98
C VAL A 183 -5.32 27.06 -9.99
N VAL A 184 -4.53 26.50 -10.90
CA VAL A 184 -3.09 26.79 -11.00
C VAL A 184 -2.90 28.27 -11.43
N ARG A 185 -3.82 28.75 -12.27
CA ARG A 185 -3.74 30.14 -12.70
C ARG A 185 -3.97 31.08 -11.52
N VAL A 186 -4.81 30.68 -10.57
CA VAL A 186 -5.04 31.49 -9.37
C VAL A 186 -3.83 31.38 -8.46
N MET A 187 -3.32 30.14 -8.30
CA MET A 187 -2.14 29.87 -7.48
C MET A 187 -0.96 30.70 -7.99
N HIS A 188 -0.79 30.73 -9.31
CA HIS A 188 0.31 31.46 -9.94
C HIS A 188 0.23 32.92 -9.52
N LYS A 189 -0.96 33.50 -9.67
CA LYS A 189 -1.14 34.93 -9.36
C LYS A 189 -0.80 35.23 -7.90
N ASP A 190 -1.39 34.46 -6.99
CA ASP A 190 -0.96 34.43 -5.58
C ASP A 190 0.55 34.18 -5.40
N GLY A 191 1.12 33.31 -6.24
CA GLY A 191 2.54 32.96 -6.14
C GLY A 191 2.79 31.73 -5.30
N SER A 192 1.77 30.90 -5.14
CA SER A 192 1.85 29.61 -4.45
C SER A 192 2.14 28.48 -5.43
N LEU A 193 2.29 28.80 -6.69
CA LEU A 193 2.67 27.83 -7.69
C LEU A 193 4.15 28.02 -8.06
N LYS A 194 5.03 27.31 -7.35
CA LYS A 194 6.45 27.31 -7.68
C LYS A 194 6.76 26.45 -8.91
N LEU A 195 6.01 25.36 -9.14
CA LEU A 195 6.30 24.51 -10.32
C LEU A 195 5.11 23.64 -10.74
N LEU A 196 4.93 23.52 -12.04
CA LEU A 196 3.83 22.74 -12.59
C LEU A 196 4.45 21.72 -13.49
N TRP A 197 4.28 20.46 -13.17
CA TRP A 197 4.78 19.38 -14.01
C TRP A 197 3.66 18.97 -14.95
N LEU A 198 4.01 18.71 -16.22
CA LEU A 198 3.00 18.25 -17.15
C LEU A 198 3.35 16.89 -17.77
N ASP A 199 2.45 15.93 -17.60
CA ASP A 199 2.55 14.69 -18.36
C ASP A 199 2.16 15.03 -19.81
N GLU A 200 3.11 14.81 -20.72
CA GLU A 200 2.78 14.94 -22.11
C GLU A 200 1.43 14.22 -22.41
N THR A 201 1.18 13.10 -21.75
CA THR A 201 -0.13 12.43 -21.83
C THR A 201 -0.43 11.70 -23.14
N ARG A 202 0.24 10.56 -23.35
CA ARG A 202 -0.01 9.74 -24.53
C ARG A 202 -1.36 9.10 -24.32
N PRO A 203 -2.01 8.61 -25.37
CA PRO A 203 -1.53 8.59 -26.75
C PRO A 203 -1.70 9.87 -27.54
N VAL A 204 -2.67 10.69 -27.11
CA VAL A 204 -3.09 11.89 -27.87
C VAL A 204 -2.19 13.09 -27.59
N LEU A 205 -1.27 12.95 -26.64
CA LEU A 205 -0.30 14.01 -26.32
C LEU A 205 -0.90 15.41 -26.06
N GLN A 206 -2.07 15.48 -25.45
CA GLN A 206 -2.69 16.80 -25.23
C GLN A 206 -2.03 17.58 -24.10
N GLY A 207 -1.14 16.90 -23.36
CA GLY A 207 -0.35 17.57 -22.30
C GLY A 207 0.83 18.34 -22.82
N ALA A 208 1.47 17.75 -23.80
CA ALA A 208 2.56 18.41 -24.51
C ALA A 208 2.00 19.52 -25.37
N ARG A 209 1.05 19.12 -26.22
CA ARG A 209 0.60 19.91 -27.37
C ARG A 209 -0.22 21.16 -26.94
N LEU A 210 -1.08 21.03 -25.92
CA LEU A 210 -1.95 22.13 -25.49
C LEU A 210 -1.61 22.66 -24.08
N SER A 211 -1.47 21.76 -23.08
CA SER A 211 -1.29 22.23 -21.74
C SER A 211 0.04 22.99 -21.57
N ALA A 212 1.08 22.61 -22.30
CA ALA A 212 2.39 23.23 -22.08
C ALA A 212 2.41 24.50 -22.84
N TRP A 213 1.61 24.56 -23.88
CA TRP A 213 1.53 25.76 -24.66
C TRP A 213 0.76 26.86 -23.87
N GLU A 214 -0.44 26.56 -23.38
CA GLU A 214 -1.25 27.56 -22.70
C GLU A 214 -0.78 28.03 -21.31
N TYR A 215 -0.22 27.11 -20.49
CA TYR A 215 0.33 27.55 -19.15
C TYR A 215 1.66 28.29 -19.37
N SER A 216 2.41 27.83 -20.36
CA SER A 216 3.57 28.57 -20.86
C SER A 216 3.19 29.97 -21.38
N TYR A 217 2.12 30.02 -22.17
CA TYR A 217 1.62 31.29 -22.75
C TYR A 217 1.37 32.40 -21.69
N ASP A 218 0.91 31.99 -20.51
CA ASP A 218 0.60 32.88 -19.40
C ASP A 218 1.76 33.05 -18.42
N GLY A 219 2.94 32.50 -18.75
CA GLY A 219 4.17 32.73 -17.95
C GLY A 219 4.22 31.96 -16.65
N LEU A 220 3.56 30.81 -16.63
CA LEU A 220 3.56 29.89 -15.46
C LEU A 220 4.76 29.01 -15.60
N ASN A 221 5.24 28.39 -14.50
CA ASN A 221 6.55 27.65 -14.54
C ASN A 221 6.40 26.15 -14.65
N VAL A 222 6.77 25.66 -15.81
CA VAL A 222 6.22 24.45 -16.35
C VAL A 222 7.42 23.49 -16.70
N LYS A 223 7.31 22.21 -16.35
CA LYS A 223 8.30 21.22 -16.79
C LYS A 223 7.57 20.09 -17.44
N LEU A 224 7.79 19.92 -18.72
CA LEU A 224 7.17 18.83 -19.45
C LEU A 224 7.91 17.51 -19.20
N ILE A 225 7.19 16.44 -18.89
CA ILE A 225 7.81 15.14 -18.76
C ILE A 225 7.07 14.08 -19.53
N ALA A 226 7.73 12.91 -19.71
CA ALA A 226 7.09 11.70 -20.23
C ALA A 226 6.21 11.08 -19.16
N ASP A 227 5.19 10.30 -19.56
CA ASP A 227 4.22 9.76 -18.58
C ASP A 227 4.92 8.80 -17.61
N ASN A 228 5.75 7.91 -18.18
CA ASN A 228 6.63 6.99 -17.44
C ASN A 228 7.36 7.66 -16.28
N ALA A 229 7.66 8.97 -16.41
CA ALA A 229 8.48 9.65 -15.41
C ALA A 229 7.73 10.19 -14.20
N ALA A 230 6.41 10.09 -14.18
CA ALA A 230 5.63 10.73 -13.12
C ALA A 230 6.04 10.12 -11.82
N ALA A 231 6.15 8.81 -11.81
CA ALA A 231 6.50 8.11 -10.62
C ALA A 231 7.86 8.58 -10.11
N PHE A 232 8.86 8.51 -10.96
CA PHE A 232 10.16 8.97 -10.54
C PHE A 232 10.11 10.37 -9.88
N VAL A 233 9.47 11.35 -10.48
CA VAL A 233 9.58 12.68 -9.89
C VAL A 233 8.89 12.68 -8.53
N MET A 234 7.92 11.77 -8.36
CA MET A 234 7.20 11.64 -7.11
C MET A 234 8.16 11.04 -6.12
N GLN A 235 8.76 9.92 -6.52
CA GLN A 235 9.75 9.23 -5.70
C GLN A 235 10.68 10.25 -5.09
N GLN A 236 11.17 11.20 -5.89
CA GLN A 236 12.23 12.09 -5.43
C GLN A 236 11.78 13.24 -4.53
N GLY A 237 10.50 13.33 -4.24
CA GLY A 237 9.96 14.38 -3.38
C GLY A 237 9.74 15.67 -4.13
N PHE A 238 9.67 15.61 -5.45
CA PHE A 238 9.51 16.81 -6.28
C PHE A 238 8.05 17.21 -6.54
N VAL A 239 7.06 16.62 -5.83
CA VAL A 239 5.62 16.86 -6.08
C VAL A 239 4.90 16.95 -4.76
N ASP A 240 4.34 18.12 -4.50
CA ASP A 240 3.64 18.39 -3.24
C ASP A 240 2.14 18.01 -3.30
N ALA A 241 1.60 18.01 -4.52
CA ALA A 241 0.17 17.77 -4.73
C ALA A 241 -0.11 17.61 -6.20
N ILE A 242 -1.17 16.85 -6.45
CA ILE A 242 -1.54 16.40 -7.78
C ILE A 242 -2.99 16.75 -8.05
N ILE A 243 -3.21 17.48 -9.13
CA ILE A 243 -4.53 17.83 -9.56
C ILE A 243 -4.78 17.45 -11.03
N VAL A 244 -5.90 16.76 -11.20
CA VAL A 244 -6.42 16.41 -12.50
C VAL A 244 -7.83 16.91 -12.59
N GLY A 245 -8.34 16.98 -13.81
CA GLY A 245 -9.75 17.16 -14.04
C GLY A 245 -10.45 15.82 -14.01
N ALA A 246 -11.65 15.77 -14.59
CA ALA A 246 -12.44 14.54 -14.72
C ALA A 246 -13.57 14.75 -15.73
N ASP A 247 -13.66 13.84 -16.70
CA ASP A 247 -14.74 13.84 -17.71
C ASP A 247 -16.07 13.31 -17.19
N ARG A 248 -16.04 12.36 -16.27
CA ARG A 248 -17.24 12.00 -15.52
C ARG A 248 -16.95 11.54 -14.10
N ILE A 249 -17.58 12.22 -13.14
CA ILE A 249 -17.70 11.72 -11.75
C ILE A 249 -19.10 11.04 -11.49
N VAL A 250 -19.11 9.92 -10.79
CA VAL A 250 -20.35 9.19 -10.48
C VAL A 250 -20.64 9.18 -8.97
N ALA A 251 -21.73 8.52 -8.56
CA ALA A 251 -22.31 8.67 -7.21
C ALA A 251 -21.33 8.55 -6.04
N ASN A 252 -20.48 7.54 -6.06
CA ASN A 252 -19.58 7.28 -4.93
C ASN A 252 -18.26 8.05 -5.05
N GLY A 253 -18.17 8.90 -6.07
CA GLY A 253 -16.98 9.72 -6.30
C GLY A 253 -15.93 9.10 -7.19
N ASP A 254 -16.06 7.80 -7.49
CA ASP A 254 -15.26 7.17 -8.54
C ASP A 254 -15.33 8.07 -9.75
N PHE A 255 -14.30 8.10 -10.57
CA PHE A 255 -14.38 8.97 -11.76
C PHE A 255 -13.55 8.49 -12.90
N ALA A 256 -13.94 8.93 -14.08
CA ALA A 256 -13.25 8.65 -15.31
C ALA A 256 -12.54 9.95 -15.79
N ASN A 257 -11.36 9.77 -16.34
CA ASN A 257 -10.59 10.88 -16.90
C ASN A 257 -9.61 10.27 -17.93
N LYS A 258 -8.96 11.11 -18.72
CA LYS A 258 -8.01 10.63 -19.72
C LYS A 258 -7.02 9.62 -19.13
N ILE A 259 -6.78 8.55 -19.89
CA ILE A 259 -5.94 7.41 -19.50
C ILE A 259 -4.59 7.81 -18.86
N GLY A 260 -4.24 7.17 -17.76
CA GLY A 260 -3.04 7.53 -17.00
C GLY A 260 -3.33 8.28 -15.70
N THR A 261 -4.60 8.64 -15.52
CA THR A 261 -5.10 9.29 -14.30
C THR A 261 -5.19 8.29 -13.16
N TYR A 262 -5.34 7.01 -13.49
CA TYR A 262 -5.42 6.02 -12.43
C TYR A 262 -4.02 5.77 -11.94
N MET A 263 -3.13 5.60 -12.89
CA MET A 263 -1.69 5.43 -12.64
C MET A 263 -1.24 6.43 -11.58
N LEU A 264 -1.55 7.70 -11.84
CA LEU A 264 -1.14 8.77 -10.95
C LEU A 264 -1.74 8.60 -9.55
N ALA A 265 -3.03 8.32 -9.49
CA ALA A 265 -3.69 8.21 -8.24
C ALA A 265 -3.01 7.16 -7.34
N VAL A 266 -2.73 5.97 -7.92
CA VAL A 266 -2.03 4.88 -7.21
C VAL A 266 -0.65 5.30 -6.75
N LEU A 267 0.01 6.14 -7.54
CA LEU A 267 1.37 6.60 -7.20
C LEU A 267 1.33 7.73 -6.19
N ALA A 268 0.32 8.58 -6.33
CA ALA A 268 0.14 9.73 -5.48
C ALA A 268 -0.09 9.21 -4.08
N ARG A 269 -0.70 8.01 -4.08
CA ARG A 269 -1.09 7.25 -2.91
C ARG A 269 0.08 6.54 -2.25
N GLU A 270 1.02 6.05 -3.02
CA GLU A 270 2.20 5.39 -2.46
C GLU A 270 3.18 6.37 -1.79
N HIS A 271 3.19 7.63 -2.22
CA HIS A 271 4.11 8.62 -1.65
C HIS A 271 3.33 9.62 -0.81
N GLY A 272 2.13 9.22 -0.38
CA GLY A 272 1.29 10.08 0.44
C GLY A 272 1.23 11.49 -0.08
N ILE A 273 1.08 11.62 -1.39
CA ILE A 273 0.91 12.89 -2.06
C ILE A 273 -0.60 13.10 -2.31
N PRO A 274 -1.13 14.27 -1.91
CA PRO A 274 -2.55 14.54 -2.05
C PRO A 274 -2.99 14.60 -3.50
N PHE A 275 -4.19 14.12 -3.75
CA PHE A 275 -4.67 13.89 -5.09
C PHE A 275 -6.13 14.41 -5.22
N PHE A 276 -6.39 15.37 -6.10
CA PHE A 276 -7.71 16.04 -6.22
C PHE A 276 -8.25 16.02 -7.63
N ALA A 277 -9.53 15.76 -7.76
CA ALA A 277 -10.18 15.94 -9.02
C ALA A 277 -10.83 17.33 -9.02
N VAL A 278 -10.90 17.96 -10.16
CA VAL A 278 -11.56 19.22 -10.26
C VAL A 278 -12.54 19.22 -11.46
N ALA A 279 -13.78 19.68 -11.20
CA ALA A 279 -14.87 19.75 -12.23
C ALA A 279 -16.13 20.38 -11.68
N PRO A 280 -16.93 20.97 -12.55
CA PRO A 280 -18.18 21.48 -12.07
C PRO A 280 -19.18 20.36 -11.76
N LEU A 281 -20.28 20.76 -11.12
CA LEU A 281 -21.38 19.85 -10.77
C LEU A 281 -22.02 19.12 -11.96
N SER A 282 -22.03 19.73 -13.15
CA SER A 282 -22.65 19.11 -14.33
C SER A 282 -21.89 17.84 -14.75
N SER A 283 -20.61 17.83 -14.44
CA SER A 283 -19.80 16.67 -14.66
C SER A 283 -20.13 15.54 -13.70
N ILE A 284 -20.88 15.83 -12.64
CA ILE A 284 -21.26 14.79 -11.67
C ILE A 284 -22.60 14.20 -12.09
N ASP A 285 -22.59 12.90 -12.39
CA ASP A 285 -23.80 12.16 -12.73
C ASP A 285 -24.18 11.26 -11.57
N MET A 286 -25.14 11.75 -10.79
CA MET A 286 -25.61 11.06 -9.60
C MET A 286 -26.35 9.80 -9.98
N GLU A 287 -26.81 9.74 -11.22
CA GLU A 287 -27.45 8.52 -11.76
C GLU A 287 -26.67 7.25 -11.53
N LEU A 288 -25.35 7.30 -11.62
CA LEU A 288 -24.55 6.09 -11.66
C LEU A 288 -23.98 5.73 -10.29
N LYS A 289 -24.33 4.54 -9.80
CA LYS A 289 -23.90 4.04 -8.49
C LYS A 289 -22.38 4.14 -8.30
N SER A 290 -21.62 3.46 -9.16
CA SER A 290 -20.19 3.30 -8.94
C SER A 290 -19.42 3.33 -10.26
N GLY A 291 -18.09 3.23 -10.14
CA GLY A 291 -17.19 3.26 -11.29
C GLY A 291 -17.38 2.15 -12.30
N LYS A 292 -17.78 0.97 -11.83
CA LYS A 292 -18.04 -0.15 -12.75
C LYS A 292 -19.20 0.13 -13.72
N ASP A 293 -19.97 1.18 -13.46
CA ASP A 293 -21.05 1.60 -14.36
C ASP A 293 -20.61 2.50 -15.52
N ILE A 294 -19.37 2.98 -15.50
CA ILE A 294 -18.87 3.87 -16.56
C ILE A 294 -18.31 3.06 -17.75
N PRO A 295 -18.98 3.17 -18.92
CA PRO A 295 -18.49 2.49 -20.16
C PRO A 295 -17.14 3.03 -20.66
N ILE A 296 -16.24 2.13 -21.06
CA ILE A 296 -14.88 2.52 -21.54
C ILE A 296 -14.72 2.59 -23.06
N GLU A 297 -14.54 3.80 -23.58
CA GLU A 297 -14.25 4.00 -24.99
C GLU A 297 -12.82 3.57 -25.43
N GLU A 298 -12.73 2.58 -26.31
CA GLU A 298 -11.49 2.32 -27.06
C GLU A 298 -11.50 3.12 -28.36
N ARG A 299 -10.36 3.73 -28.70
CA ARG A 299 -10.25 4.54 -29.92
C ARG A 299 -9.34 3.81 -30.86
N SER A 300 -9.16 4.38 -32.06
CA SER A 300 -8.44 3.76 -33.17
C SER A 300 -7.04 3.25 -32.81
N PRO A 301 -6.63 2.13 -33.39
CA PRO A 301 -5.27 1.74 -33.02
C PRO A 301 -4.22 2.76 -33.46
N GLU A 302 -4.54 3.50 -34.51
CA GLU A 302 -3.61 4.42 -35.13
C GLU A 302 -3.03 5.49 -34.18
N GLU A 303 -3.74 5.78 -33.10
CA GLU A 303 -3.30 6.78 -32.13
C GLU A 303 -2.05 6.31 -31.42
N VAL A 304 -1.87 5.00 -31.31
CA VAL A 304 -0.72 4.41 -30.62
C VAL A 304 0.41 4.12 -31.60
N LEU A 305 0.04 3.61 -32.77
CA LEU A 305 1.02 3.19 -33.77
C LEU A 305 1.76 4.36 -34.37
N THR A 306 1.20 5.56 -34.22
CA THR A 306 1.79 6.81 -34.71
C THR A 306 1.97 7.74 -33.52
N CYS A 307 2.51 8.93 -33.76
CA CYS A 307 2.86 9.85 -32.70
C CYS A 307 3.23 11.13 -33.36
N GLY A 308 2.40 12.16 -33.19
CA GLY A 308 2.47 13.31 -34.10
C GLY A 308 2.24 12.75 -35.49
N GLY A 309 2.91 13.33 -36.48
CA GLY A 309 2.83 12.80 -37.85
C GLY A 309 3.32 11.37 -38.01
N CYS A 310 4.43 11.02 -37.38
CA CYS A 310 5.14 9.80 -37.77
C CYS A 310 4.54 8.54 -37.23
N ARG A 311 4.66 7.49 -38.02
CA ARG A 311 4.54 6.10 -37.55
C ARG A 311 5.74 5.72 -36.72
N ILE A 312 5.51 4.88 -35.70
CA ILE A 312 6.51 4.40 -34.77
C ILE A 312 6.33 2.93 -34.43
N ALA A 313 5.40 2.21 -35.04
CA ALA A 313 5.26 0.79 -34.73
C ALA A 313 5.14 -0.13 -35.95
N PRO A 314 5.49 -1.40 -35.77
CA PRO A 314 5.05 -2.38 -36.75
C PRO A 314 3.55 -2.43 -36.72
N ASP A 315 2.93 -3.09 -37.70
CA ASP A 315 1.51 -3.38 -37.60
C ASP A 315 1.39 -4.54 -36.64
N VAL A 316 0.91 -4.26 -35.44
CA VAL A 316 0.62 -5.26 -34.38
C VAL A 316 -0.60 -4.79 -33.59
N PRO A 317 -1.35 -5.72 -32.98
CA PRO A 317 -2.45 -5.38 -32.08
C PRO A 317 -2.11 -4.29 -31.07
N VAL A 318 -3.14 -3.53 -30.69
CA VAL A 318 -3.03 -2.39 -29.79
C VAL A 318 -4.24 -2.36 -28.83
N TYR A 319 -4.04 -1.81 -27.63
CA TYR A 319 -5.13 -1.52 -26.70
C TYR A 319 -5.07 -0.03 -26.30
N ASN A 320 -6.13 0.68 -26.71
CA ASN A 320 -6.19 2.13 -26.65
C ASN A 320 -7.49 2.58 -25.99
N PRO A 321 -7.62 2.28 -24.68
CA PRO A 321 -8.65 2.89 -23.86
C PRO A 321 -8.38 4.38 -23.75
N ALA A 322 -9.34 5.21 -24.08
CA ALA A 322 -9.07 6.63 -24.09
C ALA A 322 -9.18 7.22 -22.70
N PHE A 323 -9.84 6.46 -21.79
CA PHE A 323 -10.12 6.90 -20.43
C PHE A 323 -9.88 5.73 -19.49
N ASP A 324 -9.49 6.02 -18.25
CA ASP A 324 -9.52 5.02 -17.17
C ASP A 324 -10.50 5.48 -16.09
N VAL A 325 -10.73 4.58 -15.13
CA VAL A 325 -11.60 4.85 -14.01
C VAL A 325 -10.75 4.72 -12.75
N THR A 326 -10.77 5.82 -11.99
CA THR A 326 -10.11 5.95 -10.72
C THR A 326 -11.14 5.84 -9.60
N PRO A 327 -11.06 4.77 -8.79
CA PRO A 327 -11.83 4.58 -7.56
C PRO A 327 -11.74 5.74 -6.55
N HIS A 328 -12.89 6.17 -6.04
CA HIS A 328 -12.97 7.22 -4.99
C HIS A 328 -11.93 7.16 -3.87
N LYS A 329 -11.51 5.98 -3.43
CA LYS A 329 -10.61 5.94 -2.30
C LYS A 329 -9.27 6.65 -2.49
N TYR A 330 -8.88 6.93 -3.73
CA TYR A 330 -7.62 7.62 -4.03
C TYR A 330 -7.78 9.12 -4.04
N LEU A 331 -9.01 9.58 -3.89
CA LEU A 331 -9.28 10.99 -3.88
C LEU A 331 -9.15 11.63 -2.49
N THR A 332 -8.18 12.52 -2.35
CA THR A 332 -8.06 13.37 -1.20
C THR A 332 -9.28 14.24 -1.10
N GLY A 333 -9.79 14.67 -2.25
CA GLY A 333 -10.98 15.49 -2.33
C GLY A 333 -11.30 15.89 -3.77
N ILE A 334 -12.48 16.49 -3.95
CA ILE A 334 -13.05 16.82 -5.23
C ILE A 334 -13.44 18.31 -5.21
N ILE A 335 -12.80 19.09 -6.07
CA ILE A 335 -13.01 20.51 -6.13
C ILE A 335 -14.11 20.68 -7.13
N THR A 336 -15.07 21.55 -6.81
CA THR A 336 -16.16 21.87 -7.71
C THR A 336 -16.43 23.36 -7.63
N ASP A 337 -17.43 23.82 -8.37
CA ASP A 337 -17.72 25.24 -8.52
C ASP A 337 -18.68 25.69 -7.43
N ARG A 338 -19.11 24.73 -6.62
CA ARG A 338 -19.86 24.99 -5.38
C ARG A 338 -19.10 24.49 -4.14
N GLY A 339 -17.77 24.44 -4.25
CA GLY A 339 -16.89 24.19 -3.12
C GLY A 339 -16.25 22.83 -3.18
N VAL A 340 -15.40 22.57 -2.19
CA VAL A 340 -14.65 21.35 -2.11
C VAL A 340 -15.51 20.32 -1.35
N VAL A 341 -15.45 19.06 -1.76
CA VAL A 341 -16.24 17.95 -1.26
C VAL A 341 -15.27 16.94 -0.67
N TRP A 342 -15.47 16.51 0.58
CA TRP A 342 -14.57 15.50 1.19
C TRP A 342 -15.21 14.13 1.42
N PRO A 343 -14.38 13.15 1.79
CA PRO A 343 -14.95 11.89 2.18
C PRO A 343 -15.94 12.03 3.37
N PRO A 344 -17.04 11.30 3.33
CA PRO A 344 -17.37 10.35 2.25
C PRO A 344 -18.15 11.04 1.13
N PHE A 345 -17.76 10.78 -0.12
CA PHE A 345 -18.28 11.55 -1.25
C PHE A 345 -19.69 11.12 -1.55
N LYS A 346 -19.96 9.83 -1.31
CA LYS A 346 -21.30 9.25 -1.52
C LYS A 346 -22.35 10.17 -0.92
N ARG A 347 -22.18 10.41 0.38
CA ARG A 347 -23.10 11.20 1.18
C ARG A 347 -23.01 12.70 0.90
N ASN A 348 -21.79 13.22 0.95
CA ASN A 348 -21.53 14.64 0.71
C ASN A 348 -21.77 15.12 -0.73
N LEU A 349 -21.85 14.19 -1.69
CA LEU A 349 -22.25 14.56 -3.06
C LEU A 349 -23.76 14.71 -3.20
N LYS A 350 -24.53 13.76 -2.65
CA LYS A 350 -26.01 13.88 -2.66
C LYS A 350 -26.44 15.12 -1.86
N LYS A 351 -25.78 15.32 -0.73
CA LYS A 351 -25.90 16.56 0.03
C LYS A 351 -25.68 17.76 -0.85
N LEU A 352 -24.56 17.77 -1.57
CA LEU A 352 -24.22 18.90 -2.44
C LEU A 352 -25.27 19.21 -3.52
N PHE A 353 -25.92 18.17 -4.04
CA PHE A 353 -27.01 18.35 -5.00
C PHE A 353 -28.31 18.77 -4.32
N GLU A 354 -28.55 18.24 -3.11
CA GLU A 354 -29.67 18.68 -2.27
C GLU A 354 -29.57 20.20 -2.05
N VAL A 355 -28.44 20.67 -1.55
CA VAL A 355 -28.31 22.09 -1.22
C VAL A 355 -28.31 23.04 -2.43
N ASN A 356 -28.14 22.52 -3.65
CA ASN A 356 -28.12 23.39 -4.85
C ASN A 356 -29.46 23.40 -5.57
N MET B 1 19.10 -27.45 -13.29
CA MET B 1 18.47 -26.66 -14.39
C MET B 1 18.78 -27.21 -15.78
N GLU B 2 17.73 -27.71 -16.45
CA GLU B 2 17.86 -28.22 -17.80
C GLU B 2 17.42 -27.19 -18.85
N ILE B 3 18.19 -27.15 -19.92
CA ILE B 3 17.93 -26.30 -21.08
C ILE B 3 17.24 -27.18 -22.10
N ARG B 4 15.94 -26.97 -22.27
CA ARG B 4 15.12 -27.84 -23.11
C ARG B 4 15.05 -27.40 -24.58
N TYR B 5 15.78 -26.32 -24.91
CA TYR B 5 15.78 -25.74 -26.26
C TYR B 5 17.11 -25.14 -26.69
N THR B 6 17.22 -24.97 -28.00
CA THR B 6 18.31 -24.25 -28.66
C THR B 6 17.80 -22.93 -29.18
N PRO B 7 18.72 -22.00 -29.44
CA PRO B 7 18.30 -20.73 -30.01
C PRO B 7 17.46 -20.89 -31.27
N LYS B 8 17.83 -21.78 -32.19
CA LYS B 8 17.01 -21.98 -33.39
C LYS B 8 15.57 -22.30 -33.09
N GLU B 9 15.33 -23.09 -32.05
CA GLU B 9 13.96 -23.46 -31.65
C GLU B 9 13.20 -22.34 -30.93
N LEU B 10 13.89 -21.31 -30.49
CA LEU B 10 13.25 -20.18 -29.78
C LEU B 10 13.09 -18.88 -30.59
N THR B 11 13.89 -18.66 -31.64
CA THR B 11 13.76 -17.48 -32.48
C THR B 11 14.11 -17.78 -33.91
N LYS B 12 13.52 -17.02 -34.81
CA LYS B 12 13.82 -17.12 -36.23
C LYS B 12 14.67 -15.92 -36.67
N LEU B 13 15.12 -15.11 -35.71
CA LEU B 13 15.99 -13.99 -36.03
C LEU B 13 17.46 -14.40 -36.01
N PRO B 14 18.28 -13.74 -36.84
CA PRO B 14 19.72 -13.82 -36.64
C PRO B 14 20.20 -13.27 -35.32
N ARG B 15 21.43 -13.64 -34.97
CA ARG B 15 22.16 -13.01 -33.89
C ARG B 15 22.28 -11.53 -34.16
N THR B 16 22.08 -10.73 -33.13
CA THR B 16 22.11 -9.28 -33.29
C THR B 16 23.41 -8.88 -33.94
N VAL B 17 24.49 -9.45 -33.43
CA VAL B 17 25.81 -9.25 -33.96
C VAL B 17 26.35 -10.63 -34.28
N GLU B 18 27.10 -10.72 -35.36
CA GLU B 18 27.61 -11.98 -35.83
C GLU B 18 28.87 -11.66 -36.59
N TYR B 19 29.72 -12.66 -36.73
CA TYR B 19 31.01 -12.53 -37.40
C TYR B 19 31.29 -13.78 -38.26
N LYS B 20 31.50 -13.59 -39.57
CA LYS B 20 31.43 -14.69 -40.55
C LYS B 20 32.14 -14.31 -41.86
N ASN B 21 33.05 -15.19 -42.33
CA ASN B 21 33.93 -14.93 -43.49
C ASN B 21 34.62 -13.57 -43.41
N LYS B 22 35.23 -13.27 -42.28
CA LYS B 22 36.05 -12.06 -42.07
C LYS B 22 35.26 -10.74 -42.09
N SER B 23 34.08 -10.74 -41.49
CA SER B 23 33.16 -9.62 -41.59
C SER B 23 32.16 -9.62 -40.44
N VAL B 24 31.80 -8.42 -39.98
CA VAL B 24 30.77 -8.30 -38.95
C VAL B 24 29.40 -8.13 -39.64
N TYR B 25 28.45 -8.98 -39.31
CA TYR B 25 27.03 -8.73 -39.66
C TYR B 25 26.23 -8.24 -38.43
N MET B 26 25.53 -7.14 -38.59
CA MET B 26 24.63 -6.65 -37.54
C MET B 26 23.28 -6.28 -38.14
N ILE B 27 22.23 -6.49 -37.37
CA ILE B 27 20.91 -6.02 -37.75
C ILE B 27 20.88 -4.50 -37.54
N ASN B 28 20.48 -3.77 -38.57
CA ASN B 28 20.41 -2.31 -38.49
C ASN B 28 19.21 -1.85 -37.68
N GLN B 29 19.47 -1.55 -36.40
CA GLN B 29 18.41 -1.29 -35.44
C GLN B 29 17.78 0.10 -35.63
N ARG B 30 18.61 1.06 -36.04
CA ARG B 30 18.12 2.32 -36.63
C ARG B 30 17.04 2.29 -37.76
N LEU B 31 16.85 1.18 -38.48
CA LEU B 31 15.84 1.12 -39.58
C LEU B 31 14.57 0.41 -39.19
N LEU B 32 14.42 0.08 -37.92
CA LEU B 32 13.27 -0.66 -37.45
C LEU B 32 12.26 0.33 -36.87
N PRO B 33 10.95 0.04 -36.93
CA PRO B 33 10.36 -1.19 -37.46
C PRO B 33 10.07 -1.20 -38.95
N LYS B 34 10.28 -0.08 -39.63
CA LYS B 34 10.00 0.07 -41.07
C LYS B 34 10.64 -1.05 -41.94
N GLU B 35 11.96 -1.17 -41.86
CA GLU B 35 12.77 -2.11 -42.66
C GLU B 35 13.62 -3.03 -41.78
N PHE B 36 13.78 -4.29 -42.21
CA PHE B 36 14.64 -5.27 -41.53
C PHE B 36 15.83 -5.57 -42.41
N LYS B 37 17.01 -5.36 -41.88
CA LYS B 37 18.18 -5.42 -42.71
C LYS B 37 19.43 -5.60 -41.88
N VAL B 38 20.15 -6.69 -42.22
CA VAL B 38 21.46 -7.05 -41.66
C VAL B 38 22.53 -6.35 -42.49
N GLU B 39 23.33 -5.51 -41.86
CA GLU B 39 24.42 -4.85 -42.58
C GLU B 39 25.73 -5.69 -42.49
N LYS B 40 26.61 -5.53 -43.48
CA LYS B 40 27.89 -6.28 -43.64
C LYS B 40 29.13 -5.38 -43.58
N PHE B 41 29.76 -5.33 -42.42
CA PHE B 41 30.98 -4.51 -42.22
C PHE B 41 32.29 -5.28 -42.38
N SER B 42 33.22 -4.66 -43.10
CA SER B 42 34.49 -5.28 -43.47
C SER B 42 35.75 -4.61 -42.89
N LYS B 43 35.59 -3.42 -42.31
CA LYS B 43 36.74 -2.62 -41.84
C LYS B 43 36.47 -2.18 -40.43
N VAL B 44 37.49 -2.21 -39.57
CA VAL B 44 37.28 -1.86 -38.13
C VAL B 44 36.61 -0.48 -37.96
N GLU B 45 36.96 0.48 -38.82
CA GLU B 45 36.40 1.85 -38.72
C GLU B 45 34.90 1.89 -39.06
N GLU B 46 34.37 0.86 -39.73
CA GLU B 46 32.93 0.72 -39.97
C GLU B 46 32.24 0.12 -38.76
N VAL B 47 32.90 -0.84 -38.10
CA VAL B 47 32.30 -1.51 -36.95
C VAL B 47 32.19 -0.51 -35.81
N ALA B 48 33.26 0.26 -35.61
CA ALA B 48 33.27 1.41 -34.68
C ALA B 48 32.23 2.49 -35.01
N GLU B 49 32.01 2.72 -36.30
CA GLU B 49 31.00 3.65 -36.73
C GLU B 49 29.59 3.17 -36.39
N ALA B 50 29.35 1.87 -36.43
CA ALA B 50 28.03 1.32 -36.14
C ALA B 50 27.76 1.18 -34.64
N ILE B 51 28.80 1.27 -33.83
CA ILE B 51 28.58 1.35 -32.41
C ILE B 51 28.14 2.79 -32.17
N LYS B 52 28.87 3.78 -32.70
CA LYS B 52 28.48 5.21 -32.56
C LYS B 52 27.07 5.51 -33.08
N ASN B 53 26.82 5.39 -34.40
CA ASN B 53 25.46 5.51 -35.01
C ASN B 53 24.37 4.97 -34.16
N MET B 54 24.70 3.93 -33.40
CA MET B 54 23.73 3.09 -32.72
C MET B 54 22.99 2.19 -33.72
N THR B 55 23.66 1.83 -34.79
CA THR B 55 23.20 0.74 -35.64
C THR B 55 23.04 -0.47 -34.73
N VAL B 56 24.03 -0.67 -33.87
CA VAL B 56 24.01 -1.77 -32.89
C VAL B 56 23.77 -1.21 -31.52
N ARG B 57 23.00 -1.95 -30.71
CA ARG B 57 22.78 -1.54 -29.32
C ARG B 57 22.40 -2.68 -28.41
N GLY B 58 22.56 -2.40 -27.11
CA GLY B 58 22.51 -3.39 -26.04
C GLY B 58 23.93 -3.70 -25.57
N ALA B 59 24.17 -3.69 -24.25
CA ALA B 59 25.54 -3.83 -23.71
C ALA B 59 26.32 -5.08 -24.21
N PRO B 60 25.69 -6.27 -24.21
CA PRO B 60 26.44 -7.43 -24.65
C PRO B 60 26.60 -7.49 -26.15
N ALA B 61 25.63 -6.99 -26.90
CA ALA B 61 25.77 -6.88 -28.36
C ALA B 61 26.80 -5.82 -28.78
N ILE B 62 26.90 -4.74 -28.00
CA ILE B 62 27.93 -3.75 -28.19
C ILE B 62 29.29 -4.36 -27.84
N GLY B 63 29.36 -5.04 -26.68
CA GLY B 63 30.54 -5.82 -26.27
C GLY B 63 30.97 -6.89 -27.26
N ALA B 64 30.01 -7.59 -27.86
CA ALA B 64 30.33 -8.60 -28.87
C ALA B 64 30.86 -8.00 -30.17
N ALA B 65 30.35 -6.83 -30.55
CA ALA B 65 30.75 -6.19 -31.79
C ALA B 65 32.10 -5.52 -31.66
N ALA B 66 32.45 -5.08 -30.47
CA ALA B 66 33.73 -4.44 -30.29
C ALA B 66 34.82 -5.50 -30.26
N GLY B 67 34.49 -6.66 -29.72
CA GLY B 67 35.38 -7.82 -29.72
C GLY B 67 35.58 -8.34 -31.12
N PHE B 68 34.49 -8.51 -31.86
CA PHE B 68 34.56 -9.00 -33.23
C PHE B 68 35.27 -8.02 -34.16
N GLY B 69 35.35 -6.76 -33.77
CA GLY B 69 36.11 -5.79 -34.52
C GLY B 69 37.57 -6.15 -34.41
N LEU B 70 38.00 -6.51 -33.20
CA LEU B 70 39.37 -6.98 -32.99
C LEU B 70 39.57 -8.33 -33.66
N ALA B 71 38.58 -9.22 -33.68
CA ALA B 71 38.65 -10.39 -34.57
C ALA B 71 38.85 -9.96 -36.03
N LEU B 72 38.04 -9.01 -36.48
CA LEU B 72 38.20 -8.47 -37.82
C LEU B 72 39.64 -8.04 -38.03
N TYR B 73 40.23 -7.31 -37.10
CA TYR B 73 41.55 -6.77 -37.31
C TYR B 73 42.58 -7.89 -37.43
N ALA B 74 42.47 -8.87 -36.55
CA ALA B 74 43.47 -9.93 -36.51
C ALA B 74 43.51 -10.67 -37.84
N GLU B 75 42.34 -10.89 -38.44
CA GLU B 75 42.27 -11.62 -39.71
C GLU B 75 42.39 -10.75 -40.97
N THR B 76 42.75 -9.48 -40.83
CA THR B 76 42.65 -8.52 -41.94
C THR B 76 43.89 -7.59 -42.06
N SER B 77 44.51 -7.29 -40.91
CA SER B 77 45.89 -6.76 -40.85
C SER B 77 46.75 -7.30 -42.00
N LYS B 78 47.31 -6.38 -42.79
CA LYS B 78 48.33 -6.72 -43.80
C LYS B 78 49.73 -6.87 -43.17
N ALA B 79 49.78 -7.15 -41.87
CA ALA B 79 51.02 -7.02 -41.11
C ALA B 79 52.03 -8.09 -41.52
N LYS B 80 53.30 -7.69 -41.45
CA LYS B 80 54.42 -8.55 -41.77
C LYS B 80 55.21 -8.90 -40.49
N THR B 81 55.51 -7.89 -39.64
CA THR B 81 56.19 -8.13 -38.36
C THR B 81 55.19 -8.08 -37.20
N LYS B 82 55.40 -8.91 -36.19
CA LYS B 82 54.58 -8.90 -34.98
C LYS B 82 54.62 -7.53 -34.34
N GLU B 83 55.76 -6.89 -34.44
CA GLU B 83 55.89 -5.54 -33.93
C GLU B 83 54.85 -4.58 -34.54
N GLU B 84 54.73 -4.66 -35.86
CA GLU B 84 53.69 -3.98 -36.62
C GLU B 84 52.27 -4.39 -36.22
N PHE B 85 52.03 -5.69 -36.07
CA PHE B 85 50.69 -6.23 -35.79
C PHE B 85 50.14 -5.82 -34.42
N LEU B 86 51.00 -5.70 -33.42
CA LEU B 86 50.60 -5.23 -32.09
C LEU B 86 50.53 -3.68 -31.98
N ASP B 87 51.12 -2.97 -32.93
CA ASP B 87 50.96 -1.50 -33.03
C ASP B 87 49.56 -1.24 -33.54
N GLY B 88 49.21 -1.92 -34.62
CA GLY B 88 47.94 -1.71 -35.34
C GLY B 88 46.74 -2.30 -34.64
N PHE B 89 46.99 -3.30 -33.79
CA PHE B 89 45.98 -3.84 -32.88
C PHE B 89 45.70 -2.84 -31.75
N GLU B 90 46.75 -2.21 -31.22
CA GLU B 90 46.53 -1.17 -30.25
C GLU B 90 45.73 -0.04 -30.90
N LYS B 91 46.03 0.27 -32.17
CA LYS B 91 45.39 1.37 -32.92
C LYS B 91 43.88 1.19 -33.05
N ALA B 92 43.49 -0.05 -33.36
CA ALA B 92 42.08 -0.44 -33.51
C ALA B 92 41.34 -0.47 -32.16
N TYR B 93 41.95 -1.15 -31.18
CA TYR B 93 41.44 -1.13 -29.81
C TYR B 93 41.02 0.28 -29.42
N GLU B 94 41.77 1.30 -29.83
CA GLU B 94 41.47 2.72 -29.53
C GLU B 94 40.30 3.31 -30.34
N ILE B 95 40.31 3.03 -31.63
CA ILE B 95 39.20 3.34 -32.53
C ILE B 95 37.87 2.77 -32.01
N LEU B 96 37.92 1.56 -31.46
CA LEU B 96 36.74 0.93 -30.92
C LEU B 96 36.35 1.55 -29.57
N LYS B 97 37.36 1.75 -28.74
CA LYS B 97 37.17 2.33 -27.41
C LYS B 97 36.62 3.76 -27.43
N ASN B 98 36.82 4.49 -28.54
CA ASN B 98 36.37 5.89 -28.69
C ASN B 98 35.02 6.05 -29.37
N THR B 99 34.13 5.06 -29.20
CA THR B 99 32.82 5.05 -29.86
C THR B 99 31.72 5.62 -28.97
N ARG B 100 31.35 4.85 -27.94
CA ARG B 100 30.48 5.32 -26.86
C ARG B 100 31.22 5.02 -25.58
N PRO B 101 32.17 5.90 -25.20
CA PRO B 101 33.06 5.62 -24.07
C PRO B 101 32.35 5.61 -22.69
N THR B 102 31.10 5.13 -22.66
CA THR B 102 30.36 4.85 -21.45
C THR B 102 29.95 3.38 -21.42
N ALA B 103 29.13 2.98 -22.40
CA ALA B 103 28.57 1.60 -22.49
C ALA B 103 29.55 0.58 -21.93
N VAL B 104 29.22 0.01 -20.79
CA VAL B 104 30.22 -0.64 -19.98
C VAL B 104 30.81 -1.89 -20.63
N ASN B 105 29.97 -2.76 -21.19
CA ASN B 105 30.43 -4.05 -21.77
C ASN B 105 31.50 -3.96 -22.85
N LEU B 106 31.50 -2.86 -23.61
CA LEU B 106 32.51 -2.55 -24.62
C LEU B 106 33.90 -2.47 -24.00
N PHE B 107 34.04 -1.66 -22.94
CA PHE B 107 35.26 -1.66 -22.13
C PHE B 107 35.65 -3.11 -21.82
N TRP B 108 34.73 -3.87 -21.19
CA TRP B 108 34.99 -5.27 -20.77
C TRP B 108 35.55 -6.12 -21.90
N ALA B 109 34.85 -6.09 -23.02
CA ALA B 109 35.14 -6.93 -24.15
C ALA B 109 36.49 -6.62 -24.70
N LEU B 110 36.69 -5.35 -25.00
CA LEU B 110 38.00 -4.86 -25.50
C LEU B 110 39.16 -5.20 -24.58
N ASN B 111 38.94 -5.14 -23.27
CA ASN B 111 40.01 -5.33 -22.31
C ASN B 111 40.36 -6.79 -22.15
N ARG B 112 39.35 -7.63 -22.23
CA ARG B 112 39.55 -9.06 -22.11
C ARG B 112 40.46 -9.61 -23.23
N ILE B 113 40.36 -9.02 -24.42
CA ILE B 113 41.16 -9.42 -25.55
C ILE B 113 42.52 -8.72 -25.41
N LYS B 114 42.51 -7.42 -25.17
CA LYS B 114 43.74 -6.67 -24.88
C LYS B 114 44.64 -7.42 -23.89
N LYS B 115 44.06 -7.92 -22.79
CA LYS B 115 44.83 -8.65 -21.76
C LYS B 115 45.33 -9.97 -22.33
N LEU B 116 44.43 -10.77 -22.89
CA LEU B 116 44.82 -12.02 -23.56
C LEU B 116 46.01 -11.86 -24.53
N VAL B 117 46.06 -10.80 -25.32
CA VAL B 117 47.10 -10.63 -26.35
C VAL B 117 48.43 -10.21 -25.73
N GLU B 118 48.38 -9.39 -24.68
CA GLU B 118 49.58 -9.03 -23.92
C GLU B 118 50.18 -10.29 -23.27
N GLU B 119 49.33 -10.96 -22.51
CA GLU B 119 49.64 -12.24 -21.89
C GLU B 119 50.37 -13.21 -22.83
N HIS B 120 49.87 -13.40 -24.05
CA HIS B 120 50.45 -14.31 -25.06
C HIS B 120 51.31 -13.60 -26.13
N SER B 121 51.92 -12.46 -25.77
CA SER B 121 52.72 -11.68 -26.75
C SER B 121 53.96 -12.41 -27.27
N GLU B 122 54.52 -13.31 -26.46
CA GLU B 122 55.67 -14.14 -26.85
C GLU B 122 55.32 -15.17 -27.94
N ASP B 123 54.02 -15.48 -28.07
CA ASP B 123 53.56 -16.55 -28.96
C ASP B 123 53.84 -16.20 -30.43
N PRO B 124 53.67 -17.15 -31.35
CA PRO B 124 53.78 -16.81 -32.78
C PRO B 124 52.62 -15.96 -33.30
N LEU B 125 52.83 -15.21 -34.39
CA LEU B 125 51.81 -14.32 -34.97
C LEU B 125 50.43 -14.96 -35.19
N ASP B 126 50.37 -16.03 -36.01
CA ASP B 126 49.06 -16.63 -36.29
C ASP B 126 48.57 -17.46 -35.12
N GLU B 127 49.44 -17.76 -34.17
CA GLU B 127 48.97 -18.34 -32.91
C GLU B 127 48.10 -17.31 -32.21
N ILE B 128 48.62 -16.08 -32.09
CA ILE B 128 47.97 -14.97 -31.40
C ILE B 128 46.64 -14.58 -32.08
N LYS B 129 46.66 -14.50 -33.41
CA LYS B 129 45.45 -14.26 -34.19
C LYS B 129 44.30 -15.20 -33.79
N ARG B 130 44.52 -16.50 -33.98
CA ARG B 130 43.57 -17.53 -33.58
C ARG B 130 42.98 -17.29 -32.17
N LEU B 131 43.79 -16.78 -31.25
CA LEU B 131 43.37 -16.58 -29.86
C LEU B 131 42.39 -15.42 -29.71
N ILE B 132 42.57 -14.41 -30.54
CA ILE B 132 41.72 -13.25 -30.59
C ILE B 132 40.34 -13.68 -31.11
N VAL B 133 40.36 -14.40 -32.23
CA VAL B 133 39.14 -14.84 -32.90
C VAL B 133 38.33 -15.76 -31.95
N GLN B 134 38.99 -16.81 -31.49
CA GLN B 134 38.48 -17.72 -30.47
C GLN B 134 37.76 -16.98 -29.32
N GLU B 135 38.40 -15.92 -28.85
CA GLU B 135 37.98 -15.12 -27.71
C GLU B 135 36.80 -14.18 -28.02
N ALA B 136 36.75 -13.64 -29.22
CA ALA B 136 35.64 -12.82 -29.61
C ALA B 136 34.36 -13.66 -29.70
N TYR B 137 34.50 -14.90 -30.16
CA TYR B 137 33.42 -15.89 -30.19
C TYR B 137 32.99 -16.27 -28.78
N LYS B 138 33.94 -16.42 -27.87
CA LYS B 138 33.54 -16.78 -26.51
C LYS B 138 32.62 -15.71 -25.99
N ILE B 139 33.05 -14.47 -26.09
CA ILE B 139 32.30 -13.34 -25.54
C ILE B 139 30.86 -13.34 -26.10
N ALA B 140 30.71 -13.69 -27.37
CA ALA B 140 29.40 -13.69 -27.95
C ALA B 140 28.62 -14.93 -27.53
N ASP B 141 29.28 -16.08 -27.53
CA ASP B 141 28.65 -17.32 -27.09
C ASP B 141 28.19 -17.19 -25.62
N GLU B 142 29.07 -16.79 -24.73
CA GLU B 142 28.71 -16.63 -23.31
C GLU B 142 27.39 -15.89 -23.08
N ASP B 143 27.24 -14.72 -23.69
CA ASP B 143 26.01 -13.91 -23.53
C ASP B 143 24.80 -14.76 -23.92
N VAL B 144 24.90 -15.47 -25.06
CA VAL B 144 23.82 -16.31 -25.53
C VAL B 144 23.52 -17.43 -24.56
N GLU B 145 24.53 -18.14 -24.07
CA GLU B 145 24.24 -19.25 -23.15
C GLU B 145 23.74 -18.77 -21.77
N ALA B 146 24.19 -17.62 -21.29
CA ALA B 146 23.53 -16.93 -20.14
C ALA B 146 22.06 -16.61 -20.43
N ASN B 147 21.85 -15.93 -21.56
CA ASN B 147 20.52 -15.68 -22.10
C ASN B 147 19.65 -16.95 -22.05
N LEU B 148 20.11 -18.03 -22.70
CA LEU B 148 19.41 -19.31 -22.69
C LEU B 148 19.11 -19.82 -21.30
N ARG B 149 20.07 -19.68 -20.39
CA ARG B 149 19.86 -20.13 -18.99
C ARG B 149 18.73 -19.31 -18.33
N MET B 150 18.96 -18.01 -18.16
CA MET B 150 17.90 -17.08 -17.73
C MET B 150 16.54 -17.44 -18.30
N GLY B 151 16.43 -17.43 -19.62
CA GLY B 151 15.20 -17.84 -20.28
C GLY B 151 14.52 -19.01 -19.61
N HIS B 152 15.28 -20.09 -19.38
CA HIS B 152 14.75 -21.35 -18.84
C HIS B 152 14.47 -21.31 -17.36
N TYR B 153 15.28 -20.57 -16.60
CA TYR B 153 15.00 -20.25 -15.20
C TYR B 153 13.73 -19.41 -15.03
N GLY B 154 13.60 -18.37 -15.84
CA GLY B 154 12.49 -17.41 -15.72
C GLY B 154 11.15 -18.06 -16.07
N ALA B 155 11.19 -18.99 -17.04
CA ALA B 155 9.97 -19.67 -17.46
C ALA B 155 9.46 -20.61 -16.37
N GLU B 156 10.35 -21.10 -15.52
CA GLU B 156 9.94 -21.74 -14.26
C GLU B 156 9.13 -20.75 -13.40
N VAL B 157 9.81 -19.86 -12.67
CA VAL B 157 9.16 -19.08 -11.60
C VAL B 157 7.98 -18.17 -12.00
N LEU B 158 7.81 -17.91 -13.30
CA LEU B 158 6.74 -17.02 -13.78
C LEU B 158 5.42 -17.78 -13.99
N PRO B 159 4.29 -17.11 -13.81
CA PRO B 159 3.06 -17.84 -14.08
C PRO B 159 2.80 -17.98 -15.56
N GLU B 160 2.01 -18.98 -15.91
CA GLU B 160 1.36 -19.04 -17.21
C GLU B 160 0.40 -17.86 -17.26
N GLY B 161 0.22 -17.27 -18.45
CA GLY B 161 -0.83 -16.26 -18.62
C GLY B 161 -0.47 -15.01 -19.38
N ASN B 162 -1.14 -13.92 -19.04
CA ASN B 162 -0.85 -12.67 -19.68
C ASN B 162 0.36 -12.08 -18.92
N ILE B 163 1.41 -11.68 -19.64
CA ILE B 163 2.59 -11.05 -19.06
C ILE B 163 2.77 -9.65 -19.59
N LEU B 164 3.21 -8.72 -18.76
CA LEU B 164 3.45 -7.34 -19.21
C LEU B 164 4.93 -6.98 -19.03
N THR B 165 5.51 -6.26 -20.02
CA THR B 165 6.94 -5.84 -20.01
C THR B 165 7.18 -4.45 -20.51
N HIS B 166 8.44 -4.05 -20.45
CA HIS B 166 8.84 -2.65 -20.59
C HIS B 166 10.09 -2.50 -21.47
N CYS B 167 10.12 -1.44 -22.30
CA CYS B 167 11.29 -1.11 -23.13
C CYS B 167 11.66 -2.34 -24.00
N ASN B 168 12.96 -2.54 -24.27
CA ASN B 168 13.41 -3.68 -25.08
C ASN B 168 14.56 -4.38 -24.36
N ALA B 169 14.25 -5.56 -23.86
CA ALA B 169 15.23 -6.44 -23.31
C ALA B 169 15.05 -7.78 -24.05
N GLY B 170 14.95 -7.67 -25.38
CA GLY B 170 14.80 -8.85 -26.23
C GLY B 170 16.08 -9.17 -26.99
N SER B 171 15.95 -10.06 -27.98
CA SER B 171 17.08 -10.51 -28.79
C SER B 171 17.94 -9.33 -29.24
N LEU B 172 17.27 -8.22 -29.57
CA LEU B 172 17.96 -7.08 -30.14
C LEU B 172 18.81 -6.34 -29.14
N ALA B 173 18.68 -6.67 -27.86
CA ALA B 173 19.42 -6.05 -26.78
C ALA B 173 20.65 -6.88 -26.39
N THR B 174 20.74 -8.07 -26.96
CA THR B 174 21.77 -9.01 -26.63
C THR B 174 22.37 -9.50 -27.90
N VAL B 175 23.26 -10.47 -27.79
CA VAL B 175 23.76 -11.18 -28.94
C VAL B 175 22.68 -12.03 -29.58
N HIS B 176 21.93 -12.74 -28.76
CA HIS B 176 20.78 -13.48 -29.26
C HIS B 176 19.80 -13.71 -28.10
N LEU B 177 18.52 -13.61 -28.44
CA LEU B 177 17.37 -14.13 -27.67
C LEU B 177 16.88 -13.15 -26.64
N GLY B 178 17.77 -12.30 -26.13
CA GLY B 178 17.40 -11.32 -25.08
C GLY B 178 17.39 -11.94 -23.68
N THR B 179 17.19 -11.11 -22.65
CA THR B 179 17.11 -11.60 -21.28
C THR B 179 15.65 -11.94 -21.03
N VAL B 180 14.84 -10.88 -20.92
CA VAL B 180 13.38 -10.98 -20.97
C VAL B 180 12.99 -11.78 -22.21
N GLY B 181 13.62 -11.42 -23.32
CA GLY B 181 13.36 -12.09 -24.58
C GLY B 181 13.43 -13.59 -24.45
N SER B 182 14.48 -14.08 -23.80
CA SER B 182 14.64 -15.52 -23.67
C SER B 182 13.43 -16.13 -22.93
N VAL B 183 13.04 -15.48 -21.83
CA VAL B 183 11.95 -15.92 -20.98
C VAL B 183 10.63 -16.09 -21.74
N VAL B 184 10.16 -15.04 -22.38
CA VAL B 184 8.91 -15.14 -23.15
C VAL B 184 9.06 -16.15 -24.30
N ARG B 185 10.22 -16.18 -24.93
CA ARG B 185 10.40 -17.12 -26.05
C ARG B 185 10.30 -18.57 -25.57
N VAL B 186 10.70 -18.82 -24.33
CA VAL B 186 10.61 -20.16 -23.76
C VAL B 186 9.15 -20.47 -23.45
N MET B 187 8.53 -19.58 -22.69
CA MET B 187 7.12 -19.70 -22.36
C MET B 187 6.24 -19.85 -23.62
N HIS B 188 6.58 -19.12 -24.68
CA HIS B 188 5.79 -19.16 -25.92
C HIS B 188 5.80 -20.55 -26.49
N LYS B 189 7.02 -21.09 -26.65
CA LYS B 189 7.24 -22.47 -27.16
C LYS B 189 6.51 -23.54 -26.34
N ASP B 190 6.57 -23.42 -25.02
CA ASP B 190 5.77 -24.24 -24.12
C ASP B 190 4.25 -23.91 -24.17
N GLY B 191 3.89 -22.74 -24.66
CA GLY B 191 2.49 -22.41 -24.85
C GLY B 191 1.92 -21.82 -23.57
N SER B 192 2.80 -21.56 -22.61
CA SER B 192 2.43 -20.96 -21.32
C SER B 192 2.27 -19.43 -21.40
N LEU B 193 2.38 -18.86 -22.59
CA LEU B 193 2.26 -17.43 -22.75
C LEU B 193 1.09 -17.03 -23.66
N LYS B 194 -0.07 -16.73 -23.07
CA LYS B 194 -1.26 -16.34 -23.88
C LYS B 194 -1.21 -14.90 -24.41
N LEU B 195 -0.65 -13.96 -23.66
CA LEU B 195 -0.54 -12.53 -24.09
C LEU B 195 0.66 -11.77 -23.47
N LEU B 196 1.37 -11.02 -24.28
CA LEU B 196 2.51 -10.27 -23.82
C LEU B 196 2.21 -8.82 -24.08
N TRP B 197 2.10 -8.06 -23.02
CA TRP B 197 1.76 -6.66 -23.16
C TRP B 197 3.05 -5.92 -23.37
N LEU B 198 2.98 -4.89 -24.22
CA LEU B 198 4.12 -4.04 -24.48
C LEU B 198 3.88 -2.51 -24.21
N ASP B 199 4.39 -2.01 -23.10
CA ASP B 199 4.52 -0.56 -22.89
C ASP B 199 5.31 0.09 -24.01
N GLU B 200 4.70 0.98 -24.77
CA GLU B 200 5.44 1.58 -25.86
C GLU B 200 6.79 2.13 -25.35
N THR B 201 6.81 2.70 -24.16
CA THR B 201 8.05 3.18 -23.45
C THR B 201 8.61 4.48 -23.98
N ARG B 202 7.85 5.57 -23.86
CA ARG B 202 8.42 6.91 -24.07
C ARG B 202 9.61 7.13 -23.09
N PRO B 203 10.54 8.05 -23.39
CA PRO B 203 10.50 8.91 -24.58
C PRO B 203 11.00 8.27 -25.86
N VAL B 204 11.87 7.26 -25.74
CA VAL B 204 12.61 6.69 -26.88
C VAL B 204 11.82 5.62 -27.68
N LEU B 205 10.73 5.09 -27.11
CA LEU B 205 9.79 4.17 -27.80
C LEU B 205 10.42 2.87 -28.30
N GLN B 206 11.24 2.27 -27.45
CA GLN B 206 11.90 1.01 -27.79
C GLN B 206 10.92 -0.16 -27.69
N GLY B 207 9.87 0.04 -26.92
CA GLY B 207 8.77 -0.93 -26.82
C GLY B 207 8.03 -1.06 -28.13
N ALA B 208 7.65 0.09 -28.66
CA ALA B 208 6.88 0.11 -29.89
C ALA B 208 7.77 -0.31 -31.02
N ARG B 209 8.88 0.40 -31.13
CA ARG B 209 9.72 0.37 -32.31
C ARG B 209 10.60 -0.89 -32.39
N LEU B 210 10.90 -1.52 -31.25
CA LEU B 210 11.81 -2.67 -31.22
C LEU B 210 11.18 -3.95 -30.63
N SER B 211 10.67 -3.87 -29.40
CA SER B 211 10.08 -5.05 -28.81
C SER B 211 8.86 -5.57 -29.62
N ALA B 212 8.02 -4.67 -30.13
CA ALA B 212 6.82 -5.13 -30.81
C ALA B 212 7.20 -5.85 -32.10
N TRP B 213 8.15 -5.27 -32.81
CA TRP B 213 8.57 -5.89 -34.06
C TRP B 213 9.25 -7.24 -33.82
N GLU B 214 10.08 -7.35 -32.79
CA GLU B 214 10.89 -8.57 -32.67
C GLU B 214 10.08 -9.71 -32.10
N TYR B 215 9.28 -9.46 -31.08
CA TYR B 215 8.43 -10.51 -30.57
C TYR B 215 7.33 -10.79 -31.64
N SER B 216 6.99 -9.80 -32.47
CA SER B 216 6.05 -10.06 -33.56
C SER B 216 6.62 -11.01 -34.61
N TYR B 217 7.82 -10.72 -35.10
CA TYR B 217 8.57 -11.64 -36.02
C TYR B 217 8.54 -13.12 -35.61
N ASP B 218 8.70 -13.40 -34.31
CA ASP B 218 8.60 -14.77 -33.76
C ASP B 218 7.17 -15.30 -33.49
N GLY B 219 6.13 -14.54 -33.86
CA GLY B 219 4.75 -15.03 -33.85
C GLY B 219 4.15 -15.16 -32.48
N LEU B 220 4.67 -14.35 -31.55
CA LEU B 220 4.18 -14.29 -30.16
C LEU B 220 2.89 -13.49 -30.20
N ASN B 221 2.06 -13.59 -29.16
CA ASN B 221 0.79 -12.84 -29.14
C ASN B 221 0.93 -11.58 -28.31
N VAL B 222 0.87 -10.46 -28.98
CA VAL B 222 1.35 -9.25 -28.37
C VAL B 222 0.30 -8.15 -28.45
N LYS B 223 0.46 -7.15 -27.61
CA LYS B 223 -0.38 -5.98 -27.69
C LYS B 223 0.41 -4.81 -27.23
N LEU B 224 0.56 -3.85 -28.12
CA LEU B 224 1.21 -2.62 -27.76
C LEU B 224 0.23 -1.74 -27.01
N ILE B 225 0.72 -0.96 -26.06
CA ILE B 225 -0.09 0.03 -25.35
C ILE B 225 0.73 1.23 -24.94
N ALA B 226 0.03 2.34 -24.67
CA ALA B 226 0.55 3.54 -24.04
C ALA B 226 0.97 3.27 -22.59
N ASP B 227 2.07 3.87 -22.14
CA ASP B 227 2.59 3.59 -20.79
C ASP B 227 1.55 3.92 -19.69
N ASN B 228 0.78 4.98 -19.97
CA ASN B 228 -0.31 5.45 -19.14
C ASN B 228 -1.36 4.38 -18.87
N ALA B 229 -1.53 3.43 -19.81
CA ALA B 229 -2.52 2.35 -19.72
C ALA B 229 -2.07 1.13 -18.92
N ALA B 230 -0.81 1.06 -18.47
CA ALA B 230 -0.36 -0.14 -17.78
C ALA B 230 -1.24 -0.36 -16.56
N ALA B 231 -1.35 0.68 -15.78
CA ALA B 231 -2.13 0.60 -14.57
C ALA B 231 -3.60 0.13 -14.79
N PHE B 232 -4.20 0.52 -15.92
CA PHE B 232 -5.57 0.21 -16.17
C PHE B 232 -5.71 -1.27 -16.58
N VAL B 233 -4.75 -1.82 -17.30
CA VAL B 233 -4.92 -3.23 -17.69
C VAL B 233 -4.56 -4.09 -16.51
N MET B 234 -3.83 -3.52 -15.56
CA MET B 234 -3.56 -4.24 -14.34
C MET B 234 -4.85 -4.36 -13.57
N GLN B 235 -5.49 -3.21 -13.40
CA GLN B 235 -6.77 -3.02 -12.67
C GLN B 235 -7.90 -3.92 -13.17
N GLN B 236 -7.97 -4.14 -14.49
CA GLN B 236 -9.01 -5.01 -15.04
C GLN B 236 -8.61 -6.46 -14.85
N GLY B 237 -7.46 -6.69 -14.22
CA GLY B 237 -6.96 -8.04 -13.99
C GLY B 237 -6.43 -8.74 -15.23
N PHE B 238 -6.14 -7.99 -16.31
CA PHE B 238 -5.55 -8.57 -17.52
C PHE B 238 -4.03 -8.83 -17.41
N VAL B 239 -3.47 -8.89 -16.22
CA VAL B 239 -2.05 -9.09 -16.10
C VAL B 239 -1.73 -9.99 -14.95
N ASP B 240 -1.06 -11.09 -15.29
CA ASP B 240 -0.70 -12.14 -14.35
C ASP B 240 0.70 -11.93 -13.75
N ALA B 241 1.61 -11.31 -14.51
CA ALA B 241 2.98 -11.10 -14.04
C ALA B 241 3.74 -10.14 -14.92
N ILE B 242 4.68 -9.44 -14.29
CA ILE B 242 5.44 -8.37 -14.91
C ILE B 242 6.92 -8.73 -14.89
N ILE B 243 7.54 -8.71 -16.05
CA ILE B 243 8.97 -8.95 -16.15
C ILE B 243 9.69 -7.82 -16.89
N VAL B 244 10.84 -7.43 -16.34
CA VAL B 244 11.63 -6.33 -16.88
C VAL B 244 13.09 -6.64 -16.79
N GLY B 245 13.86 -6.12 -17.74
CA GLY B 245 15.32 -6.14 -17.65
C GLY B 245 15.82 -5.26 -16.52
N ALA B 246 17.14 -5.14 -16.43
CA ALA B 246 17.76 -4.19 -15.50
C ALA B 246 19.13 -3.84 -16.00
N ASP B 247 19.43 -2.56 -15.97
CA ASP B 247 20.71 -2.11 -16.45
C ASP B 247 21.73 -2.09 -15.35
N ARG B 248 21.30 -2.09 -14.09
CA ARG B 248 22.24 -2.27 -13.02
C ARG B 248 21.57 -2.57 -11.71
N ILE B 249 21.91 -3.71 -11.15
CA ILE B 249 21.42 -4.11 -9.85
C ILE B 249 22.56 -3.86 -8.87
N VAL B 250 22.24 -3.31 -7.71
CA VAL B 250 23.25 -3.06 -6.70
C VAL B 250 23.04 -4.10 -5.58
N ALA B 251 23.56 -3.86 -4.37
CA ALA B 251 23.78 -4.95 -3.42
C ALA B 251 22.50 -5.46 -2.82
N ASN B 252 21.66 -4.51 -2.41
CA ASN B 252 20.40 -4.83 -1.75
C ASN B 252 19.30 -5.24 -2.70
N GLY B 253 19.58 -5.28 -4.00
CA GLY B 253 18.59 -5.69 -4.97
C GLY B 253 17.82 -4.53 -5.57
N ASP B 254 17.87 -3.35 -4.92
CA ASP B 254 17.55 -2.08 -5.59
C ASP B 254 18.13 -2.11 -6.99
N PHE B 255 17.49 -1.47 -7.96
CA PHE B 255 18.03 -1.52 -9.35
C PHE B 255 17.56 -0.43 -10.26
N ALA B 256 18.24 -0.32 -11.38
CA ALA B 256 18.05 0.76 -12.35
C ALA B 256 17.69 0.19 -13.72
N ASN B 257 16.71 0.80 -14.37
CA ASN B 257 16.24 0.34 -15.67
C ASN B 257 15.60 1.53 -16.41
N LYS B 258 15.31 1.37 -17.70
CA LYS B 258 14.55 2.38 -18.45
C LYS B 258 13.39 3.02 -17.67
N ILE B 259 13.34 4.34 -17.71
CA ILE B 259 12.25 5.15 -17.10
C ILE B 259 10.81 4.58 -17.31
N GLY B 260 10.09 4.39 -16.21
CA GLY B 260 8.77 3.83 -16.27
C GLY B 260 8.67 2.55 -15.46
N THR B 261 9.81 1.86 -15.36
CA THR B 261 9.97 0.64 -14.57
C THR B 261 9.52 0.77 -13.12
N TYR B 262 10.02 1.78 -12.41
CA TYR B 262 9.57 2.03 -11.02
C TYR B 262 8.06 2.23 -10.91
N MET B 263 7.48 2.85 -11.94
CA MET B 263 6.02 3.06 -12.05
C MET B 263 5.34 1.70 -12.09
N LEU B 264 5.81 0.84 -12.98
CA LEU B 264 5.28 -0.52 -13.05
C LEU B 264 5.42 -1.26 -11.70
N ALA B 265 6.64 -1.30 -11.15
CA ALA B 265 6.88 -1.82 -9.79
C ALA B 265 5.74 -1.47 -8.77
N VAL B 266 5.56 -0.18 -8.48
CA VAL B 266 4.50 0.30 -7.58
C VAL B 266 3.04 -0.09 -7.97
N LEU B 267 2.82 -0.33 -9.24
CA LEU B 267 1.49 -0.73 -9.68
C LEU B 267 1.24 -2.22 -9.59
N ALA B 268 2.30 -3.01 -9.79
CA ALA B 268 2.24 -4.44 -9.58
C ALA B 268 1.98 -4.65 -8.09
N ARG B 269 2.70 -3.87 -7.28
CA ARG B 269 2.47 -3.76 -5.87
C ARG B 269 0.99 -3.65 -5.48
N GLU B 270 0.28 -2.68 -6.06
CA GLU B 270 -1.04 -2.31 -5.58
C GLU B 270 -2.06 -3.30 -6.06
N HIS B 271 -1.74 -4.08 -7.08
CA HIS B 271 -2.65 -5.13 -7.56
C HIS B 271 -2.07 -6.52 -7.23
N GLY B 272 -1.09 -6.56 -6.35
CA GLY B 272 -0.46 -7.81 -5.90
C GLY B 272 -0.01 -8.67 -7.05
N ILE B 273 0.37 -8.06 -8.16
CA ILE B 273 0.92 -8.79 -9.31
C ILE B 273 2.41 -8.97 -9.05
N PRO B 274 2.93 -10.20 -9.30
CA PRO B 274 4.34 -10.48 -9.14
C PRO B 274 5.19 -9.75 -10.17
N PHE B 275 6.22 -9.09 -9.66
CA PHE B 275 7.16 -8.24 -10.40
C PHE B 275 8.59 -8.86 -10.35
N PHE B 276 9.17 -9.15 -11.52
CA PHE B 276 10.50 -9.80 -11.59
C PHE B 276 11.44 -9.01 -12.48
N ALA B 277 12.72 -8.99 -12.14
CA ALA B 277 13.75 -8.43 -12.98
C ALA B 277 14.69 -9.57 -13.40
N VAL B 278 15.23 -9.46 -14.61
CA VAL B 278 16.06 -10.50 -15.22
C VAL B 278 17.36 -9.87 -15.82
N ALA B 279 18.52 -10.46 -15.49
CA ALA B 279 19.83 -9.96 -15.92
C ALA B 279 20.93 -11.02 -15.80
N PRO B 280 22.00 -10.87 -16.57
CA PRO B 280 23.16 -11.68 -16.23
C PRO B 280 23.77 -11.29 -14.86
N LEU B 281 24.68 -12.13 -14.35
CA LEU B 281 25.37 -11.88 -13.07
C LEU B 281 26.27 -10.65 -13.12
N SER B 282 26.79 -10.34 -14.30
CA SER B 282 27.63 -9.17 -14.50
C SER B 282 26.87 -7.84 -14.44
N SER B 283 25.54 -7.88 -14.45
CA SER B 283 24.75 -6.68 -14.33
C SER B 283 24.42 -6.38 -12.88
N ILE B 284 25.07 -7.07 -11.94
CA ILE B 284 24.93 -6.78 -10.53
C ILE B 284 26.26 -6.19 -10.04
N ASP B 285 26.20 -5.03 -9.41
CA ASP B 285 27.41 -4.36 -8.94
C ASP B 285 27.47 -4.43 -7.42
N MET B 286 28.42 -5.20 -6.92
CA MET B 286 28.50 -5.47 -5.50
C MET B 286 29.10 -4.29 -4.76
N GLU B 287 29.96 -3.54 -5.46
CA GLU B 287 30.54 -2.31 -4.92
C GLU B 287 29.48 -1.38 -4.34
N LEU B 288 28.35 -1.24 -5.05
CA LEU B 288 27.32 -0.29 -4.65
C LEU B 288 26.36 -0.93 -3.68
N LYS B 289 26.08 -0.23 -2.59
CA LYS B 289 25.33 -0.79 -1.50
C LYS B 289 23.84 -0.69 -1.76
N SER B 290 23.38 0.52 -2.05
CA SER B 290 21.96 0.75 -2.15
C SER B 290 21.64 1.57 -3.38
N GLY B 291 20.34 1.72 -3.66
CA GLY B 291 19.88 2.34 -4.90
C GLY B 291 20.40 3.74 -5.06
N LYS B 292 20.33 4.49 -3.98
CA LYS B 292 20.79 5.88 -3.96
C LYS B 292 22.28 6.08 -4.29
N ASP B 293 23.03 4.99 -4.47
CA ASP B 293 24.42 5.07 -4.93
C ASP B 293 24.52 4.92 -6.47
N ILE B 294 23.40 5.01 -7.20
CA ILE B 294 23.39 4.84 -8.68
C ILE B 294 23.24 6.18 -9.41
N PRO B 295 24.22 6.55 -10.25
CA PRO B 295 24.07 7.83 -10.97
C PRO B 295 22.89 7.87 -11.97
N ILE B 296 22.09 8.93 -11.88
CA ILE B 296 20.89 9.12 -12.73
C ILE B 296 21.19 9.97 -13.96
N GLU B 297 21.18 9.36 -15.14
CA GLU B 297 21.45 10.08 -16.36
C GLU B 297 20.24 10.89 -16.88
N GLU B 298 20.48 12.09 -17.33
CA GLU B 298 19.50 12.78 -18.14
C GLU B 298 20.01 12.83 -19.56
N ARG B 299 19.07 12.85 -20.50
CA ARG B 299 19.37 12.93 -21.92
C ARG B 299 18.64 14.14 -22.51
N SER B 300 18.82 14.36 -23.81
CA SER B 300 18.38 15.60 -24.47
C SER B 300 16.87 15.87 -24.40
N PRO B 301 16.51 17.14 -24.18
CA PRO B 301 15.10 17.51 -24.12
C PRO B 301 14.35 17.15 -25.38
N GLU B 302 15.11 16.93 -26.46
CA GLU B 302 14.53 16.58 -27.75
C GLU B 302 13.86 15.24 -27.75
N GLU B 303 14.17 14.38 -26.79
CA GLU B 303 13.59 13.04 -26.78
C GLU B 303 12.13 13.10 -26.36
N VAL B 304 11.80 14.17 -25.64
CA VAL B 304 10.44 14.41 -25.13
C VAL B 304 9.71 15.38 -26.03
N LEU B 305 10.38 16.48 -26.34
CA LEU B 305 9.88 17.45 -27.31
C LEU B 305 9.43 16.89 -28.64
N THR B 306 10.01 15.77 -29.04
CA THR B 306 9.69 15.14 -30.32
C THR B 306 9.30 13.65 -30.13
N CYS B 307 8.85 13.01 -31.21
CA CYS B 307 8.32 11.65 -31.12
C CYS B 307 8.36 11.03 -32.51
N GLY B 308 9.06 9.90 -32.64
CA GLY B 308 9.48 9.40 -33.96
C GLY B 308 10.26 10.53 -34.58
N GLY B 309 9.86 10.98 -35.75
CA GLY B 309 10.39 12.23 -36.30
C GLY B 309 9.81 13.54 -35.74
N CYS B 310 8.48 13.60 -35.59
CA CYS B 310 7.78 14.87 -35.41
C CYS B 310 8.08 15.56 -34.12
N ARG B 311 8.00 16.87 -34.14
CA ARG B 311 7.90 17.67 -32.95
C ARG B 311 6.42 17.65 -32.49
N ILE B 312 6.23 17.64 -31.18
CA ILE B 312 4.89 17.60 -30.61
C ILE B 312 4.75 18.58 -29.47
N ALA B 313 5.68 19.50 -29.30
CA ALA B 313 5.62 20.42 -28.19
C ALA B 313 6.23 21.78 -28.51
N PRO B 314 5.81 22.83 -27.75
CA PRO B 314 6.44 24.14 -27.82
C PRO B 314 7.73 24.11 -27.02
N ASP B 315 8.63 25.07 -27.22
CA ASP B 315 9.87 25.00 -26.48
C ASP B 315 9.68 25.51 -25.04
N VAL B 316 9.56 24.50 -24.15
CA VAL B 316 9.35 24.65 -22.70
C VAL B 316 10.39 23.76 -22.03
N PRO B 317 10.80 24.10 -20.78
CA PRO B 317 11.71 23.22 -20.01
C PRO B 317 11.22 21.80 -19.98
N VAL B 318 12.15 20.84 -19.88
CA VAL B 318 11.84 19.41 -19.80
C VAL B 318 12.63 18.68 -18.70
N TYR B 319 12.12 17.56 -18.24
CA TYR B 319 12.90 16.63 -17.46
C TYR B 319 12.80 15.24 -18.12
N ASN B 320 13.98 14.78 -18.53
CA ASN B 320 14.11 13.57 -19.32
C ASN B 320 15.10 12.68 -18.57
N PRO B 321 14.66 12.12 -17.44
CA PRO B 321 15.50 11.14 -16.79
C PRO B 321 15.36 9.88 -17.56
N ALA B 322 16.48 9.31 -17.97
CA ALA B 322 16.46 8.22 -18.92
C ALA B 322 16.21 6.88 -18.25
N PHE B 323 16.48 6.80 -16.96
CA PHE B 323 16.35 5.57 -16.16
C PHE B 323 15.76 5.99 -14.81
N ASP B 324 14.95 5.12 -14.20
CA ASP B 324 14.64 5.25 -12.78
C ASP B 324 15.30 4.12 -11.99
N VAL B 325 15.25 4.27 -10.66
CA VAL B 325 15.69 3.26 -9.70
C VAL B 325 14.50 2.69 -8.94
N THR B 326 14.48 1.37 -8.86
CA THR B 326 13.41 0.61 -8.28
C THR B 326 13.97 0.00 -6.99
N PRO B 327 13.45 0.44 -5.83
CA PRO B 327 13.85 -0.16 -4.55
C PRO B 327 13.45 -1.64 -4.40
N HIS B 328 14.27 -2.37 -3.66
CA HIS B 328 14.25 -3.83 -3.70
C HIS B 328 12.92 -4.41 -3.28
N LYS B 329 12.19 -3.70 -2.43
CA LYS B 329 11.00 -4.31 -1.88
C LYS B 329 9.98 -4.65 -2.91
N TYR B 330 9.96 -3.92 -4.03
CA TYR B 330 9.06 -4.20 -5.15
C TYR B 330 9.34 -5.52 -5.94
N LEU B 331 10.56 -6.06 -5.80
CA LEU B 331 10.95 -7.28 -6.49
C LEU B 331 10.43 -8.60 -5.92
N THR B 332 9.52 -9.28 -6.63
CA THR B 332 9.09 -10.63 -6.26
C THR B 332 10.30 -11.57 -6.29
N GLY B 333 11.10 -11.45 -7.33
CA GLY B 333 12.37 -12.16 -7.41
C GLY B 333 13.26 -11.54 -8.45
N ILE B 334 14.54 -11.91 -8.45
CA ILE B 334 15.50 -11.54 -9.50
C ILE B 334 15.92 -12.83 -10.21
N ILE B 335 15.73 -12.90 -11.52
CA ILE B 335 16.03 -14.05 -12.31
C ILE B 335 17.40 -13.76 -12.82
N THR B 336 18.30 -14.75 -12.83
CA THR B 336 19.66 -14.59 -13.38
C THR B 336 20.01 -15.84 -14.19
N ASP B 337 21.23 -15.87 -14.72
CA ASP B 337 21.72 -17.03 -15.49
C ASP B 337 22.35 -18.10 -14.60
N ARG B 338 22.37 -17.84 -13.29
CA ARG B 338 22.87 -18.80 -12.30
C ARG B 338 21.77 -19.07 -11.26
N GLY B 339 20.53 -18.91 -11.71
CA GLY B 339 19.34 -19.15 -10.88
C GLY B 339 18.54 -17.91 -10.47
N VAL B 340 17.57 -18.15 -9.60
CA VAL B 340 16.68 -17.14 -9.13
C VAL B 340 16.99 -16.83 -7.67
N VAL B 341 16.71 -15.60 -7.25
CA VAL B 341 17.13 -15.06 -5.97
C VAL B 341 15.92 -14.47 -5.23
N TRP B 342 15.80 -14.75 -3.93
CA TRP B 342 14.59 -14.35 -3.19
C TRP B 342 14.89 -13.42 -2.02
N PRO B 343 13.88 -12.64 -1.59
CA PRO B 343 14.14 -11.80 -0.42
C PRO B 343 14.59 -12.61 0.83
N PRO B 344 15.57 -12.13 1.58
CA PRO B 344 16.19 -10.83 1.41
C PRO B 344 17.28 -10.83 0.32
N PHE B 345 17.18 -9.89 -0.62
CA PHE B 345 18.10 -9.87 -1.77
C PHE B 345 19.54 -9.65 -1.34
N LYS B 346 19.76 -8.75 -0.40
CA LYS B 346 21.11 -8.48 0.09
C LYS B 346 21.95 -9.77 0.28
N ARG B 347 21.46 -10.66 1.13
CA ARG B 347 22.21 -11.86 1.54
C ARG B 347 22.32 -12.92 0.45
N ASN B 348 21.20 -13.25 -0.20
CA ASN B 348 21.17 -14.30 -1.24
C ASN B 348 21.96 -13.90 -2.47
N LEU B 349 22.22 -12.60 -2.62
CA LEU B 349 22.98 -12.09 -3.73
C LEU B 349 24.46 -12.22 -3.52
N LYS B 350 24.96 -11.95 -2.31
CA LYS B 350 26.41 -12.15 -2.06
C LYS B 350 26.78 -13.63 -1.98
N LYS B 351 25.92 -14.42 -1.37
CA LYS B 351 25.99 -15.87 -1.44
C LYS B 351 26.27 -16.32 -2.87
N LEU B 352 25.37 -15.94 -3.78
CA LEU B 352 25.42 -16.37 -5.18
C LEU B 352 26.75 -16.06 -5.91
N PHE B 353 27.52 -15.08 -5.43
CA PHE B 353 28.84 -14.77 -5.99
C PHE B 353 29.99 -15.57 -5.40
N GLU B 354 29.84 -16.01 -4.15
CA GLU B 354 30.81 -16.94 -3.54
C GLU B 354 30.73 -18.29 -4.25
N VAL B 355 29.57 -18.94 -4.16
CA VAL B 355 29.34 -20.22 -4.84
C VAL B 355 29.57 -20.16 -6.35
N ASN B 356 29.73 -18.96 -6.92
CA ASN B 356 30.25 -18.78 -8.28
C ASN B 356 31.67 -18.20 -8.15
N MET C 1 -21.47 25.79 12.09
CA MET C 1 -21.59 24.56 12.96
C MET C 1 -22.56 24.76 14.12
N GLU C 2 -23.67 24.01 14.12
CA GLU C 2 -24.68 24.13 15.18
C GLU C 2 -24.64 22.97 16.18
N ILE C 3 -24.59 23.34 17.45
CA ILE C 3 -24.63 22.39 18.55
C ILE C 3 -26.10 22.06 18.75
N ARG C 4 -26.56 20.96 18.14
CA ARG C 4 -27.98 20.55 18.21
C ARG C 4 -28.36 19.76 19.48
N TYR C 5 -27.43 19.53 20.40
CA TYR C 5 -27.67 18.72 21.60
C TYR C 5 -27.02 19.27 22.85
N THR C 6 -27.65 19.08 24.00
CA THR C 6 -27.05 19.43 25.29
C THR C 6 -26.41 18.21 25.94
N PRO C 7 -25.49 18.41 26.91
CA PRO C 7 -24.87 17.25 27.54
C PRO C 7 -25.88 16.28 28.19
N LYS C 8 -27.01 16.79 28.65
CA LYS C 8 -28.02 15.92 29.25
C LYS C 8 -28.93 15.26 28.23
N GLU C 9 -28.60 15.36 26.94
CA GLU C 9 -29.26 14.60 25.90
C GLU C 9 -28.35 13.57 25.20
N LEU C 10 -27.07 13.56 25.55
CA LEU C 10 -26.08 12.66 24.96
C LEU C 10 -25.57 11.57 25.88
N THR C 11 -25.53 11.84 27.19
CA THR C 11 -25.08 10.85 28.17
C THR C 11 -25.96 10.84 29.39
N LYS C 12 -25.92 9.71 30.08
CA LYS C 12 -26.62 9.56 31.34
C LYS C 12 -25.60 9.64 32.45
N LEU C 13 -24.33 9.70 32.08
CA LEU C 13 -23.30 9.79 33.10
C LEU C 13 -23.25 11.17 33.76
N PRO C 14 -22.87 11.21 35.06
CA PRO C 14 -22.44 12.47 35.68
C PRO C 14 -21.17 12.97 35.03
N ARG C 15 -20.69 14.12 35.46
CA ARG C 15 -19.42 14.63 35.01
C ARG C 15 -18.31 13.86 35.71
N THR C 16 -17.18 13.70 35.04
CA THR C 16 -16.11 12.85 35.56
C THR C 16 -15.56 13.41 36.86
N VAL C 17 -15.41 14.74 36.89
CA VAL C 17 -15.06 15.50 38.07
C VAL C 17 -16.10 16.61 38.16
N GLU C 18 -16.43 17.01 39.37
CA GLU C 18 -17.39 18.06 39.57
C GLU C 18 -17.23 18.55 40.99
N TYR C 19 -17.59 19.81 41.21
CA TYR C 19 -17.52 20.47 42.54
C TYR C 19 -18.91 20.87 43.01
N LYS C 20 -19.12 20.87 44.32
CA LYS C 20 -20.46 20.76 44.87
C LYS C 20 -20.35 20.88 46.39
N ASN C 21 -21.12 21.81 46.96
CA ASN C 21 -21.19 22.00 48.41
C ASN C 21 -19.81 21.80 49.05
N LYS C 22 -18.84 22.64 48.69
CA LYS C 22 -17.47 22.53 49.27
C LYS C 22 -16.69 21.17 49.12
N SER C 23 -17.24 20.15 48.47
CA SER C 23 -16.51 18.89 48.26
C SER C 23 -16.28 18.56 46.79
N VAL C 24 -15.16 17.89 46.47
CA VAL C 24 -14.90 17.48 45.09
C VAL C 24 -15.49 16.10 44.87
N TYR C 25 -16.21 15.92 43.77
CA TYR C 25 -16.77 14.61 43.49
C TYR C 25 -16.19 14.06 42.18
N MET C 26 -15.71 12.80 42.19
CA MET C 26 -15.16 12.17 40.98
C MET C 26 -15.73 10.78 40.81
N ILE C 27 -15.79 10.33 39.56
CA ILE C 27 -16.04 8.92 39.28
C ILE C 27 -14.76 8.10 39.58
N ASN C 28 -14.90 7.11 40.48
CA ASN C 28 -13.82 6.20 40.80
C ASN C 28 -13.64 5.13 39.72
N GLN C 29 -12.64 5.41 38.89
CA GLN C 29 -12.34 4.68 37.65
C GLN C 29 -11.49 3.49 37.91
N ARG C 30 -10.81 3.48 39.07
CA ARG C 30 -10.18 2.28 39.60
C ARG C 30 -11.18 1.14 39.82
N LEU C 31 -12.40 1.46 40.22
CA LEU C 31 -13.39 0.42 40.55
C LEU C 31 -14.19 -0.09 39.35
N LEU C 32 -13.93 0.45 38.16
CA LEU C 32 -14.64 0.04 36.94
C LEU C 32 -13.92 -1.11 36.20
N PRO C 33 -14.65 -1.98 35.48
CA PRO C 33 -16.10 -1.93 35.25
C PRO C 33 -16.99 -2.59 36.30
N LYS C 34 -16.38 -3.26 37.28
CA LYS C 34 -17.09 -4.09 38.26
C LYS C 34 -18.05 -3.32 39.18
N GLU C 35 -17.75 -2.06 39.45
CA GLU C 35 -18.60 -1.18 40.30
C GLU C 35 -18.52 0.25 39.77
N PHE C 36 -19.64 0.96 39.88
CA PHE C 36 -19.72 2.36 39.55
C PHE C 36 -20.05 3.14 40.81
N LYS C 37 -19.14 4.04 41.18
CA LYS C 37 -19.26 4.87 42.41
C LYS C 37 -18.70 6.24 42.14
N VAL C 38 -19.39 7.26 42.63
CA VAL C 38 -18.90 8.62 42.62
C VAL C 38 -18.32 8.91 44.02
N GLU C 39 -16.99 9.06 44.16
CA GLU C 39 -16.39 9.36 45.47
C GLU C 39 -16.46 10.86 45.90
N LYS C 40 -16.49 11.07 47.22
CA LYS C 40 -16.41 12.40 47.84
C LYS C 40 -14.98 12.68 48.28
N PHE C 41 -14.53 13.92 48.07
CA PHE C 41 -13.23 14.38 48.57
C PHE C 41 -13.40 15.75 49.22
N SER C 42 -13.07 15.82 50.51
CA SER C 42 -13.32 17.01 51.31
C SER C 42 -12.08 17.85 51.55
N LYS C 43 -10.89 17.29 51.31
CA LYS C 43 -9.61 17.88 51.77
C LYS C 43 -8.65 17.90 50.59
N VAL C 44 -7.95 19.01 50.37
CA VAL C 44 -7.13 19.08 49.16
C VAL C 44 -6.12 17.93 49.12
N GLU C 45 -5.61 17.49 50.27
CA GLU C 45 -4.65 16.39 50.26
C GLU C 45 -5.27 15.13 49.70
N GLU C 46 -6.59 15.00 49.88
CA GLU C 46 -7.34 13.85 49.39
C GLU C 46 -7.49 13.94 47.86
N VAL C 47 -7.80 15.14 47.38
CA VAL C 47 -7.93 15.38 45.95
C VAL C 47 -6.64 15.10 45.26
N ALA C 48 -5.53 15.37 45.95
CA ALA C 48 -4.18 15.06 45.45
C ALA C 48 -3.84 13.57 45.50
N GLU C 49 -4.38 12.85 46.47
CA GLU C 49 -4.23 11.41 46.51
C GLU C 49 -4.92 10.72 45.32
N ALA C 50 -6.10 11.23 44.95
CA ALA C 50 -6.91 10.60 43.90
C ALA C 50 -6.29 10.75 42.53
N ILE C 51 -5.60 11.87 42.30
CA ILE C 51 -4.92 12.12 41.05
C ILE C 51 -3.75 11.16 40.99
N LYS C 52 -3.02 11.01 42.10
CA LYS C 52 -1.94 10.01 42.21
C LYS C 52 -2.47 8.57 42.01
N ASN C 53 -3.37 8.11 42.88
CA ASN C 53 -4.11 6.85 42.70
C ASN C 53 -4.40 6.57 41.23
N MET C 54 -4.78 7.62 40.50
CA MET C 54 -5.50 7.48 39.24
C MET C 54 -6.96 7.12 39.53
N THR C 55 -7.47 7.54 40.67
CA THR C 55 -8.91 7.52 40.83
C THR C 55 -9.51 8.33 39.68
N VAL C 56 -8.85 9.42 39.31
CA VAL C 56 -9.22 10.21 38.14
C VAL C 56 -8.09 10.15 37.12
N ARG C 57 -8.49 10.11 35.84
CA ARG C 57 -7.56 10.12 34.71
C ARG C 57 -8.21 10.83 33.54
N GLY C 58 -7.41 11.15 32.54
CA GLY C 58 -7.85 11.98 31.44
C GLY C 58 -7.47 13.43 31.70
N ALA C 59 -6.46 13.94 30.99
CA ALA C 59 -5.80 15.22 31.35
C ALA C 59 -6.80 16.35 31.59
N PRO C 60 -7.80 16.52 30.70
CA PRO C 60 -8.83 17.53 30.96
C PRO C 60 -9.46 17.37 32.34
N ALA C 61 -9.85 16.14 32.67
CA ALA C 61 -10.47 15.87 33.96
C ALA C 61 -9.50 15.99 35.13
N ILE C 62 -8.25 15.56 34.92
CA ILE C 62 -7.22 15.74 35.92
C ILE C 62 -7.01 17.22 36.17
N GLY C 63 -6.97 18.00 35.10
CA GLY C 63 -6.86 19.45 35.19
C GLY C 63 -8.00 20.03 35.98
N ALA C 64 -9.20 19.52 35.74
CA ALA C 64 -10.38 19.99 36.46
C ALA C 64 -10.33 19.73 37.97
N ALA C 65 -9.84 18.57 38.35
CA ALA C 65 -9.79 18.19 39.75
C ALA C 65 -8.73 18.99 40.44
N ALA C 66 -7.62 19.20 39.77
CA ALA C 66 -6.53 19.99 40.33
C ALA C 66 -7.02 21.38 40.62
N GLY C 67 -7.91 21.87 39.76
CA GLY C 67 -8.50 23.19 39.90
C GLY C 67 -9.48 23.25 41.02
N PHE C 68 -10.43 22.33 41.04
CA PHE C 68 -11.39 22.29 42.13
C PHE C 68 -10.69 21.99 43.46
N GLY C 69 -9.48 21.45 43.43
CA GLY C 69 -8.70 21.33 44.66
C GLY C 69 -8.47 22.71 45.27
N LEU C 70 -8.10 23.66 44.42
CA LEU C 70 -7.89 25.04 44.85
C LEU C 70 -9.21 25.73 45.26
N ALA C 71 -10.25 25.63 44.42
CA ALA C 71 -11.58 26.04 44.81
C ALA C 71 -11.91 25.51 46.21
N LEU C 72 -11.61 24.24 46.42
CA LEU C 72 -11.81 23.62 47.73
C LEU C 72 -11.02 24.39 48.78
N TYR C 73 -9.71 24.54 48.57
CA TYR C 73 -8.85 25.27 49.52
C TYR C 73 -9.35 26.68 49.82
N ALA C 74 -9.77 27.37 48.78
CA ALA C 74 -10.51 28.59 48.95
C ALA C 74 -11.58 28.43 50.03
N GLU C 75 -12.64 27.67 49.75
CA GLU C 75 -13.86 27.71 50.62
C GLU C 75 -13.74 26.97 51.95
N THR C 76 -12.52 26.69 52.37
CA THR C 76 -12.25 25.75 53.45
C THR C 76 -11.18 26.25 54.41
N SER C 77 -10.19 26.96 53.86
CA SER C 77 -9.19 27.72 54.61
C SER C 77 -9.75 28.37 55.85
N LYS C 78 -9.19 27.99 57.00
CA LYS C 78 -9.51 28.59 58.29
C LYS C 78 -8.77 29.93 58.48
N ALA C 79 -7.81 30.21 57.60
CA ALA C 79 -7.01 31.45 57.66
C ALA C 79 -7.87 32.70 57.86
N LYS C 80 -7.26 33.71 58.48
CA LYS C 80 -7.94 34.94 58.87
C LYS C 80 -7.31 36.20 58.24
N THR C 81 -6.01 36.20 58.00
CA THR C 81 -5.38 37.30 57.25
C THR C 81 -5.23 36.88 55.79
N LYS C 82 -5.25 37.86 54.89
CA LYS C 82 -5.03 37.63 53.46
C LYS C 82 -3.59 37.23 53.18
N GLU C 83 -2.71 37.47 54.13
CA GLU C 83 -1.34 36.95 54.09
C GLU C 83 -1.31 35.42 54.30
N GLU C 84 -2.06 34.95 55.30
CA GLU C 84 -2.16 33.52 55.62
C GLU C 84 -2.83 32.73 54.50
N PHE C 85 -3.80 33.34 53.84
CA PHE C 85 -4.53 32.69 52.77
C PHE C 85 -3.68 32.40 51.52
N LEU C 86 -2.78 33.33 51.16
CA LEU C 86 -1.85 33.08 50.05
C LEU C 86 -0.69 32.14 50.46
N ASP C 87 -0.33 32.14 51.74
CA ASP C 87 0.61 31.15 52.29
C ASP C 87 0.13 29.74 52.01
N GLY C 88 -1.11 29.47 52.45
CA GLY C 88 -1.76 28.17 52.29
C GLY C 88 -2.06 27.83 50.85
N PHE C 89 -2.46 28.83 50.07
CA PHE C 89 -2.65 28.68 48.62
C PHE C 89 -1.36 28.31 47.88
N GLU C 90 -0.19 28.81 48.28
CA GLU C 90 1.03 28.26 47.70
C GLU C 90 1.20 26.80 48.18
N LYS C 91 1.11 26.57 49.48
CA LYS C 91 1.22 25.20 50.03
C LYS C 91 0.34 24.25 49.20
N ALA C 92 -0.94 24.61 49.07
CA ALA C 92 -1.94 23.82 48.35
C ALA C 92 -1.59 23.61 46.88
N TYR C 93 -1.19 24.70 46.24
CA TYR C 93 -0.71 24.66 44.86
C TYR C 93 0.48 23.70 44.72
N GLU C 94 1.35 23.61 45.74
CA GLU C 94 2.49 22.70 45.67
C GLU C 94 2.09 21.24 45.84
N ILE C 95 1.18 21.01 46.78
CA ILE C 95 0.60 19.70 47.04
C ILE C 95 0.04 19.08 45.74
N LEU C 96 -0.80 19.84 45.06
CA LEU C 96 -1.49 19.40 43.85
C LEU C 96 -0.53 19.25 42.68
N LYS C 97 0.49 20.10 42.68
CA LYS C 97 1.50 20.10 41.64
C LYS C 97 2.44 18.88 41.70
N ASN C 98 2.65 18.31 42.88
CA ASN C 98 3.58 17.16 43.04
C ASN C 98 2.84 15.81 43.07
N THR C 99 1.87 15.65 42.17
CA THR C 99 1.10 14.42 42.04
C THR C 99 1.58 13.66 40.80
N ARG C 100 1.24 14.17 39.61
CA ARG C 100 1.87 13.75 38.35
C ARG C 100 2.66 14.92 37.81
N PRO C 101 3.95 15.04 38.21
CA PRO C 101 4.76 16.12 37.65
C PRO C 101 4.98 16.06 36.11
N THR C 102 4.34 15.11 35.42
CA THR C 102 4.35 15.08 33.94
C THR C 102 3.01 15.60 33.41
N ALA C 103 1.90 14.90 33.71
CA ALA C 103 0.55 15.22 33.17
C ALA C 103 0.33 16.73 32.98
N VAL C 104 0.06 17.11 31.74
CA VAL C 104 0.36 18.48 31.25
C VAL C 104 -0.76 19.52 31.51
N ASN C 105 -1.98 19.06 31.74
CA ASN C 105 -3.13 19.95 31.95
C ASN C 105 -3.29 20.36 33.40
N LEU C 106 -2.86 19.47 34.30
CA LEU C 106 -2.59 19.80 35.70
C LEU C 106 -1.83 21.11 35.85
N PHE C 107 -0.75 21.25 35.09
CA PHE C 107 0.11 22.41 35.17
C PHE C 107 -0.59 23.62 34.61
N TRP C 108 -1.33 23.43 33.51
CA TRP C 108 -2.14 24.53 32.90
C TRP C 108 -3.16 25.13 33.88
N ALA C 109 -3.96 24.26 34.49
CA ALA C 109 -5.02 24.63 35.41
C ALA C 109 -4.49 25.27 36.67
N LEU C 110 -3.46 24.66 37.23
CA LEU C 110 -2.86 25.20 38.44
C LEU C 110 -2.24 26.60 38.20
N ASN C 111 -1.61 26.80 37.04
CA ASN C 111 -0.96 28.05 36.75
C ASN C 111 -1.88 29.06 36.10
N ARG C 112 -3.04 28.63 35.67
CA ARG C 112 -4.03 29.59 35.22
C ARG C 112 -4.65 30.31 36.42
N ILE C 113 -4.73 29.60 37.53
CA ILE C 113 -5.38 30.12 38.73
C ILE C 113 -4.32 30.87 39.53
N LYS C 114 -3.18 30.22 39.78
CA LYS C 114 -2.01 30.89 40.35
C LYS C 114 -1.91 32.32 39.79
N LYS C 115 -1.95 32.46 38.46
CA LYS C 115 -1.84 33.75 37.75
C LYS C 115 -2.96 34.71 38.06
N LEU C 116 -4.19 34.21 38.07
CA LEU C 116 -5.35 35.08 38.28
C LEU C 116 -5.34 35.62 39.72
N VAL C 117 -5.02 34.75 40.68
CA VAL C 117 -4.90 35.15 42.09
C VAL C 117 -3.80 36.18 42.27
N GLU C 118 -2.67 35.95 41.58
CA GLU C 118 -1.56 36.91 41.63
C GLU C 118 -2.03 38.26 41.10
N GLU C 119 -2.51 38.25 39.86
CA GLU C 119 -3.12 39.40 39.22
C GLU C 119 -4.07 40.20 40.15
N HIS C 120 -4.96 39.53 40.88
CA HIS C 120 -5.94 40.21 41.72
C HIS C 120 -5.51 40.16 43.19
N SER C 121 -4.20 40.14 43.45
CA SER C 121 -3.72 39.94 44.82
C SER C 121 -4.17 41.03 45.79
N GLU C 122 -4.42 42.24 45.29
CA GLU C 122 -4.80 43.37 46.15
C GLU C 122 -6.32 43.54 46.37
N ASP C 123 -7.15 42.69 45.75
CA ASP C 123 -8.61 42.71 45.99
C ASP C 123 -8.88 42.28 47.45
N PRO C 124 -10.15 42.30 47.88
CA PRO C 124 -10.42 41.75 49.22
C PRO C 124 -10.18 40.23 49.37
N LEU C 125 -10.20 39.70 50.60
CA LEU C 125 -10.02 38.26 50.82
C LEU C 125 -11.08 37.38 50.11
N ASP C 126 -12.33 37.54 50.49
CA ASP C 126 -13.41 36.71 49.93
C ASP C 126 -13.84 37.11 48.51
N GLU C 127 -13.18 38.10 47.93
CA GLU C 127 -13.32 38.40 46.51
C GLU C 127 -12.45 37.41 45.72
N ILE C 128 -11.19 37.30 46.14
CA ILE C 128 -10.21 36.41 45.53
C ILE C 128 -10.77 34.97 45.52
N LYS C 129 -11.34 34.57 46.66
CA LYS C 129 -12.02 33.31 46.77
C LYS C 129 -13.00 33.20 45.60
N ARG C 130 -14.04 34.03 45.63
CA ARG C 130 -15.06 34.10 44.57
C ARG C 130 -14.47 33.98 43.14
N LEU C 131 -13.29 34.55 42.91
CA LEU C 131 -12.63 34.47 41.62
C LEU C 131 -12.08 33.07 41.34
N ILE C 132 -11.40 32.50 42.34
CA ILE C 132 -10.73 31.21 42.25
C ILE C 132 -11.70 30.10 41.88
N VAL C 133 -12.81 30.09 42.63
CA VAL C 133 -13.89 29.15 42.48
C VAL C 133 -14.45 29.20 41.04
N GLN C 134 -14.90 30.37 40.63
CA GLN C 134 -15.50 30.56 39.32
C GLN C 134 -14.59 30.09 38.18
N GLU C 135 -13.29 30.12 38.45
CA GLU C 135 -12.24 29.88 37.47
C GLU C 135 -11.94 28.38 37.34
N ALA C 136 -12.20 27.66 38.43
CA ALA C 136 -12.21 26.21 38.43
C ALA C 136 -13.39 25.71 37.60
N TYR C 137 -14.56 26.34 37.77
CA TYR C 137 -15.73 26.04 36.96
C TYR C 137 -15.52 26.40 35.48
N LYS C 138 -14.78 27.47 35.21
CA LYS C 138 -14.52 27.85 33.82
C LYS C 138 -13.72 26.73 33.19
N ILE C 139 -12.61 26.42 33.84
CA ILE C 139 -11.76 25.31 33.43
C ILE C 139 -12.60 24.09 33.03
N ALA C 140 -13.38 23.59 33.99
CA ALA C 140 -14.20 22.40 33.80
C ALA C 140 -15.21 22.60 32.67
N ASP C 141 -16.04 23.61 32.78
CA ASP C 141 -16.99 23.91 31.73
C ASP C 141 -16.29 23.93 30.32
N GLU C 142 -15.25 24.74 30.16
CA GLU C 142 -14.54 24.90 28.87
C GLU C 142 -14.30 23.62 28.08
N ASP C 143 -14.01 22.54 28.81
CA ASP C 143 -13.75 21.21 28.19
C ASP C 143 -15.07 20.62 27.73
N VAL C 144 -16.11 20.65 28.56
CA VAL C 144 -17.41 20.13 28.15
C VAL C 144 -17.80 20.75 26.83
N GLU C 145 -17.77 22.07 26.75
CA GLU C 145 -18.26 22.74 25.54
C GLU C 145 -17.26 22.71 24.40
N ALA C 146 -15.97 22.42 24.67
CA ALA C 146 -15.06 21.99 23.58
C ALA C 146 -15.44 20.58 23.07
N ASN C 147 -15.93 19.78 24.00
CA ASN C 147 -16.32 18.42 23.69
C ASN C 147 -17.58 18.42 22.88
N LEU C 148 -18.59 19.16 23.31
CA LEU C 148 -19.82 19.33 22.50
C LEU C 148 -19.55 19.73 21.04
N ARG C 149 -18.62 20.66 20.84
CA ARG C 149 -18.26 21.12 19.51
C ARG C 149 -17.59 20.00 18.72
N MET C 150 -16.58 19.36 19.31
CA MET C 150 -15.96 18.19 18.70
C MET C 150 -16.98 17.11 18.34
N GLY C 151 -17.87 16.81 19.27
CA GLY C 151 -18.90 15.83 18.99
C GLY C 151 -19.61 16.14 17.69
N HIS C 152 -20.11 17.39 17.58
CA HIS C 152 -20.98 17.82 16.48
C HIS C 152 -20.25 17.98 15.17
N TYR C 153 -18.96 18.33 15.25
CA TYR C 153 -18.12 18.48 14.07
C TYR C 153 -17.82 17.13 13.42
N GLY C 154 -17.52 16.12 14.25
CA GLY C 154 -17.13 14.78 13.80
C GLY C 154 -18.29 13.96 13.25
N ALA C 155 -19.43 13.99 13.96
CA ALA C 155 -20.70 13.52 13.41
C ALA C 155 -20.94 13.97 11.96
N GLU C 156 -20.63 15.22 11.62
CA GLU C 156 -20.71 15.74 10.22
C GLU C 156 -19.91 14.96 9.18
N VAL C 157 -18.72 14.49 9.54
CA VAL C 157 -17.80 13.99 8.54
C VAL C 157 -17.53 12.48 8.60
N LEU C 158 -17.79 11.83 9.72
CA LEU C 158 -17.72 10.37 9.81
C LEU C 158 -18.92 9.64 9.14
N PRO C 159 -18.64 8.61 8.32
CA PRO C 159 -19.67 7.80 7.63
C PRO C 159 -20.64 7.21 8.61
N GLU C 160 -21.86 6.98 8.16
CA GLU C 160 -22.88 6.35 8.99
C GLU C 160 -22.55 4.89 9.07
N GLY C 161 -22.83 4.27 10.20
CA GLY C 161 -22.75 2.82 10.30
C GLY C 161 -21.78 2.26 11.30
N ASN C 162 -20.94 1.34 10.87
CA ASN C 162 -20.06 0.66 11.79
C ASN C 162 -18.76 1.49 11.98
N ILE C 163 -18.54 1.99 13.20
CA ILE C 163 -17.34 2.70 13.55
C ILE C 163 -16.47 1.89 14.52
N LEU C 164 -15.16 2.01 14.39
CA LEU C 164 -14.25 1.25 15.25
C LEU C 164 -13.35 2.20 16.01
N THR C 165 -12.99 1.81 17.24
CA THR C 165 -12.08 2.65 18.06
C THR C 165 -11.20 1.92 19.05
N HIS C 166 -10.37 2.71 19.75
CA HIS C 166 -9.21 2.24 20.54
C HIS C 166 -9.13 2.97 21.88
N CYS C 167 -8.65 2.27 22.90
CA CYS C 167 -8.42 2.88 24.22
C CYS C 167 -9.67 3.68 24.64
N ASN C 168 -9.48 4.75 25.41
CA ASN C 168 -10.60 5.40 26.06
C ASN C 168 -10.52 6.91 25.98
N ALA C 169 -11.29 7.45 25.05
CA ALA C 169 -11.44 8.87 24.93
C ALA C 169 -12.93 9.15 24.93
N GLY C 170 -13.57 8.71 25.99
CA GLY C 170 -14.97 9.01 26.21
C GLY C 170 -15.13 9.94 27.41
N SER C 171 -16.36 9.97 27.91
CA SER C 171 -16.72 10.83 29.03
C SER C 171 -15.69 10.73 30.17
N LEU C 172 -15.20 9.52 30.42
CA LEU C 172 -14.35 9.26 31.58
C LEU C 172 -12.98 9.74 31.36
N ALA C 173 -12.67 10.17 30.13
CA ALA C 173 -11.32 10.66 29.82
C ALA C 173 -11.29 12.18 29.89
N THR C 174 -12.44 12.75 30.18
CA THR C 174 -12.66 14.19 30.13
C THR C 174 -13.51 14.63 31.31
N VAL C 175 -14.04 15.84 31.23
CA VAL C 175 -14.92 16.35 32.24
C VAL C 175 -16.31 15.82 31.95
N HIS C 176 -16.71 15.79 30.68
CA HIS C 176 -18.01 15.22 30.27
C HIS C 176 -17.96 14.97 28.75
N LEU C 177 -18.72 13.96 28.32
CA LEU C 177 -18.89 13.51 26.93
C LEU C 177 -17.68 12.83 26.35
N GLY C 178 -16.53 13.47 26.48
CA GLY C 178 -15.29 12.91 25.95
C GLY C 178 -15.07 13.48 24.57
N THR C 179 -13.98 13.07 23.95
CA THR C 179 -13.62 13.61 22.66
C THR C 179 -14.29 12.67 21.64
N VAL C 180 -13.65 11.52 21.38
CA VAL C 180 -14.25 10.44 20.59
C VAL C 180 -15.67 10.15 21.02
N GLY C 181 -15.91 10.19 22.33
CA GLY C 181 -17.20 9.87 22.91
C GLY C 181 -18.28 10.90 22.67
N SER C 182 -17.90 12.11 22.39
CA SER C 182 -18.87 13.09 22.05
C SER C 182 -19.37 12.75 20.64
N VAL C 183 -18.41 12.48 19.76
CA VAL C 183 -18.73 12.14 18.37
C VAL C 183 -19.74 10.98 18.28
N VAL C 184 -19.41 9.82 18.87
CA VAL C 184 -20.27 8.66 18.74
C VAL C 184 -21.59 8.90 19.44
N ARG C 185 -21.54 9.61 20.57
CA ARG C 185 -22.77 9.91 21.34
C ARG C 185 -23.73 10.74 20.49
N VAL C 186 -23.16 11.59 19.66
CA VAL C 186 -23.98 12.47 18.84
C VAL C 186 -24.50 11.68 17.68
N MET C 187 -23.65 10.83 17.11
CA MET C 187 -24.07 9.95 16.04
C MET C 187 -25.13 8.95 16.52
N HIS C 188 -25.01 8.49 17.76
CA HIS C 188 -25.98 7.58 18.35
C HIS C 188 -27.33 8.25 18.35
N LYS C 189 -27.40 9.46 18.91
CA LYS C 189 -28.68 10.18 19.07
C LYS C 189 -29.29 10.56 17.75
N ASP C 190 -28.45 10.80 16.74
CA ASP C 190 -28.91 11.04 15.36
C ASP C 190 -29.52 9.78 14.77
N GLY C 191 -28.96 8.63 15.15
CA GLY C 191 -29.36 7.36 14.58
C GLY C 191 -28.34 6.83 13.62
N SER C 192 -27.26 7.58 13.40
CA SER C 192 -26.21 7.18 12.44
C SER C 192 -25.11 6.30 13.03
N LEU C 193 -25.22 5.84 14.27
CA LEU C 193 -24.28 4.87 14.88
C LEU C 193 -24.88 3.45 15.10
N LYS C 194 -24.87 2.62 14.05
CA LYS C 194 -25.37 1.25 14.11
C LYS C 194 -24.54 0.33 14.95
N LEU C 195 -23.22 0.51 14.93
CA LEU C 195 -22.29 -0.41 15.63
C LEU C 195 -20.94 0.25 15.95
N LEU C 196 -20.58 0.25 17.24
CA LEU C 196 -19.33 0.83 17.70
C LEU C 196 -18.43 -0.28 18.16
N TRP C 197 -17.41 -0.60 17.37
CA TRP C 197 -16.46 -1.67 17.75
C TRP C 197 -15.39 -1.19 18.72
N LEU C 198 -15.10 -1.97 19.75
CA LEU C 198 -14.14 -1.52 20.75
C LEU C 198 -12.93 -2.41 20.86
N ASP C 199 -11.76 -1.88 20.52
CA ASP C 199 -10.51 -2.58 20.76
C ASP C 199 -10.26 -2.60 22.23
N GLU C 200 -10.06 -3.79 22.80
CA GLU C 200 -9.87 -3.92 24.26
C GLU C 200 -8.63 -3.09 24.69
N THR C 201 -7.61 -3.04 23.85
CA THR C 201 -6.46 -2.12 24.01
C THR C 201 -5.47 -2.45 25.12
N ARG C 202 -4.86 -3.63 25.00
CA ARG C 202 -3.71 -4.03 25.81
C ARG C 202 -2.57 -3.03 25.67
N PRO C 203 -1.77 -2.85 26.72
CA PRO C 203 -1.76 -3.72 27.90
C PRO C 203 -2.71 -3.34 28.95
N VAL C 204 -2.87 -2.04 29.16
CA VAL C 204 -3.64 -1.46 30.29
C VAL C 204 -5.17 -1.61 30.19
N LEU C 205 -5.67 -2.08 29.04
CA LEU C 205 -7.08 -2.53 28.83
C LEU C 205 -8.17 -1.49 29.05
N GLN C 206 -7.84 -0.23 28.79
CA GLN C 206 -8.82 0.83 29.00
C GLN C 206 -10.00 0.75 28.03
N GLY C 207 -9.81 -0.01 26.95
CA GLY C 207 -10.89 -0.31 26.02
C GLY C 207 -12.02 -1.12 26.59
N ALA C 208 -11.64 -2.20 27.26
CA ALA C 208 -12.59 -3.17 27.77
C ALA C 208 -13.12 -2.67 29.08
N ARG C 209 -12.17 -2.21 29.88
CA ARG C 209 -12.41 -1.87 31.27
C ARG C 209 -13.16 -0.53 31.40
N LEU C 210 -13.12 0.33 30.39
CA LEU C 210 -13.72 1.69 30.50
C LEU C 210 -14.62 2.09 29.31
N SER C 211 -14.11 1.96 28.09
CA SER C 211 -14.89 2.28 26.91
C SER C 211 -16.13 1.33 26.83
N ALA C 212 -15.91 0.01 26.92
CA ALA C 212 -17.03 -0.92 26.89
C ALA C 212 -18.04 -0.51 27.92
N TRP C 213 -17.56 -0.18 29.12
CA TRP C 213 -18.45 0.22 30.21
C TRP C 213 -19.21 1.53 29.92
N GLU C 214 -18.50 2.62 29.69
CA GLU C 214 -19.15 3.94 29.58
C GLU C 214 -20.10 4.03 28.35
N TYR C 215 -19.76 3.37 27.24
CA TYR C 215 -20.68 3.34 26.07
C TYR C 215 -21.84 2.31 26.33
N SER C 216 -21.51 1.19 26.95
CA SER C 216 -22.54 0.25 27.41
C SER C 216 -23.65 0.94 28.24
N TYR C 217 -23.25 1.75 29.23
CA TYR C 217 -24.15 2.52 30.15
C TYR C 217 -25.13 3.47 29.43
N ASP C 218 -24.68 4.05 28.31
CA ASP C 218 -25.50 4.95 27.48
C ASP C 218 -26.27 4.19 26.35
N GLY C 219 -26.06 2.88 26.25
CA GLY C 219 -26.82 2.08 25.31
C GLY C 219 -26.43 2.27 23.87
N LEU C 220 -25.14 2.49 23.62
CA LEU C 220 -24.62 2.47 22.27
C LEU C 220 -24.39 0.99 21.91
N ASN C 221 -24.66 0.60 20.66
CA ASN C 221 -24.47 -0.78 20.26
C ASN C 221 -22.98 -1.05 19.97
N VAL C 222 -22.40 -2.01 20.67
CA VAL C 222 -20.96 -2.01 20.92
C VAL C 222 -20.46 -3.46 20.90
N LYS C 223 -19.36 -3.75 20.23
CA LYS C 223 -18.82 -5.08 20.31
C LYS C 223 -17.41 -4.95 20.71
N LEU C 224 -17.09 -5.57 21.83
CA LEU C 224 -15.71 -5.62 22.29
C LEU C 224 -14.96 -6.75 21.60
N ILE C 225 -13.70 -6.50 21.25
CA ILE C 225 -12.80 -7.46 20.60
C ILE C 225 -11.36 -7.32 21.07
N ALA C 226 -10.55 -8.34 20.81
CA ALA C 226 -9.10 -8.26 20.94
C ALA C 226 -8.53 -7.37 19.85
N ASP C 227 -7.33 -6.82 20.08
CA ASP C 227 -6.72 -5.87 19.17
C ASP C 227 -6.34 -6.59 17.89
N ASN C 228 -5.82 -7.82 18.02
CA ASN C 228 -5.57 -8.75 16.90
C ASN C 228 -6.72 -8.82 15.90
N ALA C 229 -7.95 -8.78 16.40
CA ALA C 229 -9.10 -9.00 15.55
C ALA C 229 -9.43 -7.81 14.66
N ALA C 230 -8.89 -6.62 14.95
CA ALA C 230 -9.31 -5.42 14.20
C ALA C 230 -8.99 -5.58 12.70
N ALA C 231 -7.82 -6.08 12.41
CA ALA C 231 -7.49 -6.37 11.04
C ALA C 231 -8.60 -7.22 10.37
N PHE C 232 -8.88 -8.38 10.95
CA PHE C 232 -9.86 -9.26 10.40
C PHE C 232 -11.22 -8.59 10.19
N VAL C 233 -11.68 -7.79 11.14
CA VAL C 233 -13.03 -7.24 10.95
C VAL C 233 -12.99 -6.25 9.82
N MET C 234 -11.85 -5.62 9.62
CA MET C 234 -11.68 -4.65 8.56
C MET C 234 -11.84 -5.39 7.26
N GLN C 235 -10.95 -6.36 7.02
CA GLN C 235 -11.05 -7.37 5.94
C GLN C 235 -12.47 -7.76 5.58
N GLN C 236 -13.30 -8.07 6.59
CA GLN C 236 -14.66 -8.60 6.35
C GLN C 236 -15.65 -7.52 5.91
N GLY C 237 -15.16 -6.28 5.77
CA GLY C 237 -16.01 -5.14 5.41
C GLY C 237 -16.91 -4.65 6.52
N PHE C 238 -16.70 -5.10 7.76
CA PHE C 238 -17.59 -4.74 8.86
C PHE C 238 -17.33 -3.35 9.45
N VAL C 239 -16.52 -2.50 8.78
CA VAL C 239 -16.11 -1.23 9.35
C VAL C 239 -16.08 -0.16 8.30
N ASP C 240 -16.94 0.85 8.47
CA ASP C 240 -17.06 1.95 7.54
C ASP C 240 -16.10 3.10 7.86
N ALA C 241 -15.68 3.20 9.12
CA ALA C 241 -14.76 4.27 9.55
C ALA C 241 -14.06 3.93 10.87
N ILE C 242 -12.84 4.46 11.03
CA ILE C 242 -12.08 4.33 12.25
C ILE C 242 -11.85 5.71 12.85
N ILE C 243 -12.16 5.88 14.13
CA ILE C 243 -11.82 7.10 14.81
C ILE C 243 -11.02 6.82 16.09
N VAL C 244 -9.95 7.60 16.31
CA VAL C 244 -9.21 7.58 17.57
C VAL C 244 -9.07 8.94 18.21
N GLY C 245 -8.95 8.98 19.53
CA GLY C 245 -8.44 10.15 20.26
C GLY C 245 -6.96 10.37 19.96
N ALA C 246 -6.31 11.25 20.74
CA ALA C 246 -4.91 11.64 20.50
C ALA C 246 -4.33 12.39 21.69
N ASP C 247 -3.21 11.91 22.18
CA ASP C 247 -2.60 12.53 23.33
C ASP C 247 -1.67 13.68 22.97
N ARG C 248 -1.24 13.78 21.70
CA ARG C 248 -0.49 14.95 21.21
C ARG C 248 -0.29 14.95 19.68
N ILE C 249 -0.80 16.00 19.03
CA ILE C 249 -0.59 16.29 17.58
C ILE C 249 0.55 17.30 17.42
N VAL C 250 1.29 17.26 16.33
CA VAL C 250 2.38 18.23 16.14
C VAL C 250 2.15 19.03 14.84
N ALA C 251 3.17 19.76 14.39
CA ALA C 251 2.98 20.77 13.37
C ALA C 251 2.38 20.19 12.12
N ASN C 252 2.90 19.02 11.73
CA ASN C 252 2.59 18.41 10.42
C ASN C 252 1.46 17.36 10.43
N GLY C 253 0.79 17.20 11.56
CA GLY C 253 -0.28 16.23 11.67
C GLY C 253 0.18 14.96 12.35
N ASP C 254 1.46 14.60 12.18
CA ASP C 254 2.04 13.49 12.93
C ASP C 254 1.43 13.55 14.33
N PHE C 255 1.15 12.40 14.93
CA PHE C 255 0.54 12.40 16.29
C PHE C 255 0.78 11.13 17.09
N ALA C 256 0.48 11.24 18.38
CA ALA C 256 0.74 10.14 19.34
C ALA C 256 -0.50 9.73 20.15
N ASN C 257 -0.78 8.42 20.17
CA ASN C 257 -1.91 7.91 20.92
C ASN C 257 -1.43 6.63 21.55
N LYS C 258 -2.28 6.03 22.37
CA LYS C 258 -2.00 4.74 22.98
C LYS C 258 -1.52 3.72 21.95
N ILE C 259 -0.53 2.91 22.34
CA ILE C 259 -0.02 1.78 21.50
C ILE C 259 -1.15 0.95 20.82
N GLY C 260 -1.00 0.66 19.53
CA GLY C 260 -2.12 0.16 18.74
C GLY C 260 -2.70 1.10 17.68
N THR C 261 -2.60 2.42 17.93
CA THR C 261 -3.13 3.45 17.03
C THR C 261 -2.49 3.55 15.63
N TYR C 262 -1.25 3.10 15.51
CA TYR C 262 -0.59 3.18 14.21
C TYR C 262 -0.94 1.94 13.41
N MET C 263 -0.89 0.78 14.08
CA MET C 263 -1.43 -0.50 13.63
C MET C 263 -2.80 -0.28 13.02
N LEU C 264 -3.62 0.49 13.72
CA LEU C 264 -4.97 0.75 13.25
C LEU C 264 -4.90 1.57 12.00
N ALA C 265 -4.08 2.62 12.03
CA ALA C 265 -3.96 3.57 10.91
C ALA C 265 -3.51 2.92 9.59
N VAL C 266 -2.55 2.02 9.71
CA VAL C 266 -2.01 1.19 8.61
C VAL C 266 -3.05 0.21 8.05
N LEU C 267 -3.83 -0.45 8.90
CA LEU C 267 -4.89 -1.35 8.39
C LEU C 267 -6.03 -0.57 7.73
N ALA C 268 -6.29 0.61 8.31
CA ALA C 268 -7.28 1.49 7.78
C ALA C 268 -6.95 1.78 6.33
N ARG C 269 -5.66 2.03 6.11
CA ARG C 269 -5.21 2.46 4.84
C ARG C 269 -5.24 1.34 3.84
N GLU C 270 -5.06 0.12 4.29
CA GLU C 270 -5.02 -1.02 3.39
C GLU C 270 -6.42 -1.54 3.05
N HIS C 271 -7.44 -0.99 3.68
CA HIS C 271 -8.81 -1.30 3.30
C HIS C 271 -9.55 -0.03 2.90
N GLY C 272 -8.81 1.08 2.72
CA GLY C 272 -9.41 2.36 2.31
C GLY C 272 -10.51 2.80 3.25
N ILE C 273 -10.38 2.42 4.50
CA ILE C 273 -11.34 2.80 5.49
C ILE C 273 -10.85 4.14 6.02
N PRO C 274 -11.73 5.17 6.02
CA PRO C 274 -11.36 6.48 6.53
C PRO C 274 -10.75 6.35 7.91
N PHE C 275 -9.66 7.08 8.13
CA PHE C 275 -9.04 7.20 9.45
C PHE C 275 -9.06 8.67 9.97
N PHE C 276 -9.61 8.88 11.16
CA PHE C 276 -9.76 10.23 11.74
C PHE C 276 -9.24 10.28 13.17
N ALA C 277 -8.54 11.35 13.52
CA ALA C 277 -8.19 11.59 14.92
C ALA C 277 -8.97 12.81 15.43
N VAL C 278 -9.28 12.82 16.73
CA VAL C 278 -10.01 13.92 17.33
C VAL C 278 -9.37 14.39 18.66
N ALA C 279 -9.38 15.70 18.87
CA ALA C 279 -8.73 16.37 20.02
C ALA C 279 -8.91 17.91 19.96
N PRO C 280 -9.00 18.55 21.12
CA PRO C 280 -9.01 20.02 21.14
C PRO C 280 -7.71 20.65 20.58
N LEU C 281 -7.74 21.96 20.34
CA LEU C 281 -6.56 22.70 19.85
C LEU C 281 -5.33 22.58 20.77
N SER C 282 -5.57 22.64 22.08
CA SER C 282 -4.50 22.54 23.11
C SER C 282 -3.72 21.22 23.11
N SER C 283 -4.24 20.21 22.43
CA SER C 283 -3.54 18.97 22.25
C SER C 283 -2.49 19.08 21.14
N ILE C 284 -2.51 20.20 20.40
CA ILE C 284 -1.66 20.38 19.23
C ILE C 284 -0.48 21.23 19.63
N ASP C 285 0.72 20.77 19.30
CA ASP C 285 1.98 21.41 19.71
C ASP C 285 2.80 21.83 18.49
N MET C 286 2.71 23.12 18.12
CA MET C 286 3.38 23.64 16.91
C MET C 286 4.87 23.72 17.11
N GLU C 287 5.29 23.82 18.37
CA GLU C 287 6.71 23.75 18.70
C GLU C 287 7.36 22.49 18.17
N LEU C 288 6.54 21.47 17.84
CA LEU C 288 7.06 20.22 17.29
C LEU C 288 6.76 20.07 15.80
N LYS C 289 7.81 19.94 15.01
CA LYS C 289 7.67 19.91 13.57
C LYS C 289 7.15 18.56 13.10
N SER C 290 7.71 17.47 13.62
CA SER C 290 7.34 16.14 13.16
C SER C 290 7.38 15.03 14.25
N GLY C 291 6.84 13.87 13.90
CA GLY C 291 6.63 12.76 14.83
C GLY C 291 7.90 12.28 15.52
N LYS C 292 8.99 12.19 14.76
CA LYS C 292 10.32 11.89 15.33
C LYS C 292 10.74 12.85 16.47
N ASP C 293 10.06 13.99 16.62
CA ASP C 293 10.29 14.92 17.75
C ASP C 293 9.47 14.56 18.99
N ILE C 294 8.55 13.59 18.88
CA ILE C 294 7.74 13.15 20.02
C ILE C 294 8.49 12.08 20.81
N PRO C 295 8.83 12.39 22.09
CA PRO C 295 9.45 11.39 23.00
C PRO C 295 8.51 10.19 23.31
N ILE C 296 9.07 8.99 23.31
CA ILE C 296 8.32 7.74 23.54
C ILE C 296 8.46 7.25 24.99
N GLU C 297 7.34 7.19 25.72
CA GLU C 297 7.31 6.65 27.09
C GLU C 297 7.26 5.10 27.13
N GLU C 298 8.24 4.50 27.80
CA GLU C 298 8.14 3.10 28.19
C GLU C 298 7.60 3.00 29.63
N ARG C 299 6.51 2.24 29.80
CA ARG C 299 5.95 1.94 31.10
C ARG C 299 6.41 0.56 31.62
N SER C 300 6.09 0.29 32.89
CA SER C 300 6.53 -0.89 33.63
C SER C 300 6.23 -2.18 32.84
N PRO C 301 7.11 -3.18 32.95
CA PRO C 301 6.89 -4.41 32.19
C PRO C 301 5.68 -5.21 32.72
N GLU C 302 5.38 -5.04 33.98
CA GLU C 302 4.35 -5.81 34.64
C GLU C 302 2.97 -5.54 34.00
N GLU C 303 2.84 -4.43 33.30
CA GLU C 303 1.62 -4.14 32.54
C GLU C 303 1.44 -5.22 31.47
N VAL C 304 2.54 -5.75 30.93
CA VAL C 304 2.47 -6.81 29.89
C VAL C 304 2.40 -8.20 30.53
N LEU C 305 3.25 -8.42 31.52
CA LEU C 305 3.42 -9.72 32.20
C LEU C 305 2.22 -10.16 33.00
N THR C 306 1.37 -9.22 33.36
CA THR C 306 0.15 -9.50 34.07
C THR C 306 -0.99 -8.90 33.25
N CYS C 307 -2.22 -9.16 33.66
CA CYS C 307 -3.40 -8.83 32.87
C CYS C 307 -4.59 -8.96 33.78
N GLY C 308 -5.34 -7.86 33.98
CA GLY C 308 -6.15 -7.72 35.19
C GLY C 308 -5.24 -7.91 36.41
N GLY C 309 -5.71 -8.63 37.42
CA GLY C 309 -4.81 -9.03 38.51
C GLY C 309 -3.91 -10.23 38.18
N CYS C 310 -4.23 -10.95 37.11
CA CYS C 310 -3.62 -12.25 36.85
C CYS C 310 -2.26 -12.03 36.24
N ARG C 311 -1.30 -12.92 36.58
CA ARG C 311 -0.05 -13.09 35.83
C ARG C 311 -0.21 -14.08 34.67
N ILE C 312 0.30 -13.72 33.49
CA ILE C 312 0.15 -14.54 32.28
C ILE C 312 1.46 -14.89 31.62
N ALA C 313 2.60 -14.59 32.24
CA ALA C 313 3.88 -14.82 31.58
C ALA C 313 5.00 -15.17 32.53
N PRO C 314 6.02 -15.87 32.02
CA PRO C 314 7.25 -16.05 32.78
C PRO C 314 7.96 -14.73 32.94
N ASP C 315 8.97 -14.71 33.80
CA ASP C 315 9.83 -13.56 33.89
C ASP C 315 10.76 -13.64 32.70
N VAL C 316 10.51 -12.72 31.77
CA VAL C 316 11.19 -12.58 30.47
C VAL C 316 11.20 -11.12 30.10
N PRO C 317 12.20 -10.70 29.29
CA PRO C 317 12.20 -9.29 28.91
C PRO C 317 10.93 -8.91 28.17
N VAL C 318 10.52 -7.66 28.35
CA VAL C 318 9.37 -7.08 27.71
C VAL C 318 9.80 -5.80 27.00
N TYR C 319 9.04 -5.40 25.99
CA TYR C 319 9.04 -4.02 25.50
C TYR C 319 7.58 -3.52 25.61
N ASN C 320 7.41 -2.50 26.47
CA ASN C 320 6.11 -1.90 26.79
C ASN C 320 6.15 -0.41 26.53
N PRO C 321 6.11 -0.03 25.23
CA PRO C 321 5.90 1.33 24.83
C PRO C 321 4.46 1.62 25.03
N ALA C 322 4.16 2.71 25.74
CA ALA C 322 2.77 3.02 26.08
C ALA C 322 2.05 3.86 25.03
N PHE C 323 2.81 4.37 24.03
CA PHE C 323 2.31 5.24 22.97
C PHE C 323 3.10 4.91 21.68
N ASP C 324 2.40 4.93 20.56
CA ASP C 324 3.06 4.89 19.26
C ASP C 324 2.83 6.24 18.59
N VAL C 325 3.45 6.41 17.42
CA VAL C 325 3.47 7.67 16.68
C VAL C 325 2.99 7.40 15.29
N THR C 326 1.90 8.06 14.93
CA THR C 326 1.20 7.84 13.68
C THR C 326 1.51 8.98 12.65
N PRO C 327 2.30 8.69 11.61
CA PRO C 327 2.58 9.64 10.55
C PRO C 327 1.34 10.21 9.91
N HIS C 328 1.37 11.52 9.65
CA HIS C 328 0.19 12.31 9.22
C HIS C 328 -0.54 11.81 7.97
N LYS C 329 0.18 11.14 7.08
CA LYS C 329 -0.43 10.74 5.80
C LYS C 329 -1.55 9.70 5.92
N TYR C 330 -1.69 9.10 7.11
CA TYR C 330 -2.68 8.07 7.38
C TYR C 330 -4.01 8.68 7.80
N LEU C 331 -3.98 9.98 8.13
CA LEU C 331 -5.17 10.73 8.50
C LEU C 331 -6.02 11.21 7.32
N THR C 332 -7.28 10.77 7.28
CA THR C 332 -8.26 11.28 6.36
C THR C 332 -8.56 12.75 6.71
N GLY C 333 -8.67 13.03 8.01
CA GLY C 333 -8.81 14.41 8.49
C GLY C 333 -8.54 14.47 9.99
N ILE C 334 -8.72 15.62 10.61
CA ILE C 334 -8.45 15.80 12.05
C ILE C 334 -9.56 16.64 12.63
N ILE C 335 -10.36 16.08 13.52
CA ILE C 335 -11.45 16.82 14.11
C ILE C 335 -10.98 17.51 15.35
N THR C 336 -11.18 18.81 15.40
CA THR C 336 -10.90 19.58 16.60
C THR C 336 -12.14 20.35 16.99
N ASP C 337 -12.06 20.99 18.15
CA ASP C 337 -13.17 21.73 18.70
C ASP C 337 -13.47 23.01 17.90
N ARG C 338 -12.60 23.34 16.96
CA ARG C 338 -12.74 24.51 16.09
C ARG C 338 -12.86 24.12 14.61
N GLY C 339 -13.12 22.83 14.36
CA GLY C 339 -13.45 22.33 13.05
C GLY C 339 -12.48 21.29 12.57
N VAL C 340 -12.83 20.73 11.41
CA VAL C 340 -12.08 19.66 10.83
C VAL C 340 -10.93 20.29 10.03
N VAL C 341 -9.84 19.55 9.88
CA VAL C 341 -8.62 20.00 9.27
C VAL C 341 -8.11 18.96 8.25
N TRP C 342 -8.17 19.29 6.98
CA TRP C 342 -7.79 18.37 5.94
C TRP C 342 -6.35 18.63 5.50
N PRO C 343 -5.77 17.70 4.74
CA PRO C 343 -4.41 17.91 4.28
C PRO C 343 -4.31 18.95 3.12
N PRO C 344 -3.29 19.79 3.12
CA PRO C 344 -2.06 19.68 3.90
C PRO C 344 -2.12 20.11 5.38
N PHE C 345 -1.84 19.15 6.26
CA PHE C 345 -1.98 19.38 7.71
C PHE C 345 -0.98 20.39 8.20
N LYS C 346 0.28 20.21 7.78
CA LYS C 346 1.38 21.13 8.13
C LYS C 346 0.92 22.56 8.13
N ARG C 347 0.35 22.97 7.00
CA ARG C 347 -0.12 24.32 6.79
C ARG C 347 -1.49 24.58 7.40
N ASN C 348 -2.50 23.81 6.96
CA ASN C 348 -3.88 23.96 7.48
C ASN C 348 -3.94 24.16 8.99
N LEU C 349 -3.01 23.53 9.70
CA LEU C 349 -3.00 23.63 11.16
C LEU C 349 -2.64 25.01 11.71
N LYS C 350 -1.60 25.67 11.19
CA LYS C 350 -1.30 27.07 11.64
C LYS C 350 -2.39 28.05 11.18
N LYS C 351 -2.86 27.88 9.95
CA LYS C 351 -4.00 28.64 9.44
C LYS C 351 -5.08 28.63 10.50
N LEU C 352 -5.28 27.46 11.11
CA LEU C 352 -6.24 27.29 12.20
C LEU C 352 -5.83 27.99 13.52
N PHE C 353 -4.52 28.13 13.75
CA PHE C 353 -4.00 28.82 14.95
C PHE C 353 -3.93 30.35 14.91
N GLU C 354 -3.84 30.96 13.73
CA GLU C 354 -4.05 32.41 13.59
C GLU C 354 -5.55 32.74 13.71
N VAL C 355 -6.35 32.03 12.93
CA VAL C 355 -7.79 32.33 12.82
C VAL C 355 -8.57 32.04 14.12
N ASN C 356 -7.87 31.96 15.26
CA ASN C 356 -8.47 31.88 16.60
C ASN C 356 -7.70 32.78 17.55
N MET D 1 19.72 -30.24 0.80
CA MET D 1 19.43 -29.83 2.20
C MET D 1 19.87 -30.89 3.22
N GLU D 2 20.70 -30.49 4.18
CA GLU D 2 21.21 -31.43 5.19
C GLU D 2 20.71 -31.10 6.60
N ILE D 3 20.26 -32.15 7.29
CA ILE D 3 19.98 -32.06 8.71
C ILE D 3 21.35 -32.00 9.35
N ARG D 4 21.65 -30.85 9.93
CA ARG D 4 22.93 -30.60 10.55
C ARG D 4 22.86 -30.92 12.04
N TYR D 5 21.72 -30.65 12.66
CA TYR D 5 21.59 -30.78 14.11
C TYR D 5 20.62 -31.87 14.53
N THR D 6 20.89 -32.49 15.68
CA THR D 6 19.94 -33.42 16.30
C THR D 6 18.93 -32.63 17.09
N PRO D 7 17.88 -33.30 17.60
CA PRO D 7 17.02 -32.67 18.58
C PRO D 7 17.77 -32.20 19.81
N LYS D 8 18.39 -33.12 20.54
CA LYS D 8 19.15 -32.77 21.76
C LYS D 8 20.13 -31.60 21.68
N GLU D 9 20.58 -31.25 20.47
CA GLU D 9 21.41 -30.05 20.25
C GLU D 9 20.58 -28.79 19.99
N LEU D 10 19.27 -28.93 19.78
CA LEU D 10 18.39 -27.77 19.59
C LEU D 10 17.47 -27.43 20.75
N THR D 11 17.20 -28.37 21.65
CA THR D 11 16.40 -28.10 22.84
C THR D 11 16.77 -29.02 24.01
N LYS D 12 16.48 -28.56 25.23
CA LYS D 12 16.63 -29.38 26.43
C LYS D 12 15.26 -29.90 26.87
N LEU D 13 14.21 -29.53 26.14
CA LEU D 13 12.88 -29.99 26.47
C LEU D 13 12.75 -31.45 26.06
N PRO D 14 12.02 -32.25 26.84
CA PRO D 14 11.68 -33.58 26.38
C PRO D 14 10.66 -33.46 25.30
N ARG D 15 10.34 -34.58 24.67
CA ARG D 15 9.30 -34.61 23.67
C ARG D 15 8.05 -34.15 24.34
N THR D 16 7.19 -33.49 23.60
CA THR D 16 5.92 -33.04 24.17
C THR D 16 5.02 -34.21 24.64
N VAL D 17 4.94 -35.25 23.78
CA VAL D 17 4.23 -36.48 24.09
C VAL D 17 5.20 -37.64 23.88
N GLU D 18 5.46 -38.42 24.92
CA GLU D 18 6.36 -39.59 24.84
C GLU D 18 5.69 -40.88 25.36
N TYR D 19 6.33 -42.03 25.09
CA TYR D 19 5.87 -43.35 25.59
C TYR D 19 7.03 -44.15 26.20
N LYS D 20 6.77 -44.81 27.34
CA LYS D 20 7.82 -45.52 28.10
C LYS D 20 7.21 -46.47 29.17
N ASN D 21 7.81 -47.67 29.31
CA ASN D 21 7.28 -48.75 30.19
C ASN D 21 5.76 -48.71 30.29
N LYS D 22 5.07 -48.90 29.18
CA LYS D 22 3.61 -49.00 29.23
C LYS D 22 2.93 -47.77 29.88
N SER D 23 3.53 -46.60 29.71
CA SER D 23 2.99 -45.35 30.25
C SER D 23 3.16 -44.23 29.22
N VAL D 24 2.17 -43.32 29.10
CA VAL D 24 2.27 -42.16 28.20
C VAL D 24 2.62 -40.88 28.97
N TYR D 25 3.77 -40.31 28.66
CA TYR D 25 4.29 -39.12 29.37
C TYR D 25 4.07 -37.83 28.56
N MET D 26 3.38 -36.85 29.14
CA MET D 26 3.15 -35.55 28.46
C MET D 26 3.52 -34.38 29.33
N ILE D 27 3.89 -33.28 28.68
CA ILE D 27 4.03 -32.03 29.35
C ILE D 27 2.63 -31.44 29.66
N ASN D 28 2.43 -31.01 30.91
CA ASN D 28 1.17 -30.35 31.31
C ASN D 28 1.20 -28.82 31.06
N GLN D 29 0.63 -28.51 29.91
CA GLN D 29 0.65 -27.17 29.37
C GLN D 29 -0.36 -26.27 30.04
N ARG D 30 -1.43 -26.86 30.59
CA ARG D 30 -2.32 -26.12 31.46
C ARG D 30 -1.63 -25.48 32.70
N LEU D 31 -0.54 -26.05 33.18
CA LEU D 31 0.14 -25.45 34.32
C LEU D 31 1.10 -24.34 33.92
N LEU D 32 1.53 -24.33 32.67
CA LEU D 32 2.46 -23.31 32.18
C LEU D 32 1.77 -21.92 32.14
N PRO D 33 2.56 -20.86 32.35
CA PRO D 33 4.01 -20.89 32.61
C PRO D 33 4.45 -20.94 34.09
N LYS D 34 3.52 -21.10 35.02
CA LYS D 34 3.85 -21.08 36.45
C LYS D 34 4.74 -22.29 36.78
N GLU D 35 4.21 -23.47 36.48
CA GLU D 35 4.81 -24.73 36.84
C GLU D 35 5.00 -25.60 35.59
N PHE D 36 6.16 -26.24 35.52
CA PHE D 36 6.52 -27.16 34.44
C PHE D 36 6.45 -28.60 34.97
N LYS D 37 5.36 -29.30 34.67
CA LYS D 37 5.18 -30.68 35.15
C LYS D 37 4.90 -31.66 34.01
N VAL D 38 5.68 -32.74 33.92
CA VAL D 38 5.41 -33.83 32.94
C VAL D 38 4.53 -34.87 33.60
N GLU D 39 3.26 -34.95 33.20
CA GLU D 39 2.33 -35.93 33.80
C GLU D 39 2.51 -37.32 33.15
N LYS D 40 2.21 -38.38 33.91
CA LYS D 40 2.42 -39.80 33.52
C LYS D 40 1.12 -40.58 33.58
N PHE D 41 0.45 -40.76 32.44
CA PHE D 41 -0.84 -41.48 32.41
C PHE D 41 -0.65 -42.97 32.11
N SER D 42 -1.37 -43.80 32.86
CA SER D 42 -1.21 -45.27 32.77
C SER D 42 -2.41 -45.99 32.10
N LYS D 43 -3.54 -45.29 31.94
CA LYS D 43 -4.77 -45.87 31.38
C LYS D 43 -5.11 -45.12 30.13
N VAL D 44 -6.18 -45.47 29.43
CA VAL D 44 -6.54 -44.75 28.19
C VAL D 44 -7.49 -43.59 28.48
N GLU D 45 -8.45 -43.78 29.38
CA GLU D 45 -9.38 -42.69 29.65
C GLU D 45 -8.62 -41.53 30.29
N GLU D 46 -7.50 -41.83 30.92
CA GLU D 46 -6.67 -40.78 31.45
C GLU D 46 -6.00 -40.05 30.29
N VAL D 47 -5.41 -40.80 29.37
CA VAL D 47 -4.91 -40.23 28.11
C VAL D 47 -6.00 -39.50 27.33
N ALA D 48 -7.24 -39.99 27.43
CA ALA D 48 -8.39 -39.40 26.72
C ALA D 48 -8.79 -38.10 27.41
N GLU D 49 -8.85 -38.12 28.74
CA GLU D 49 -9.16 -36.94 29.56
C GLU D 49 -8.12 -35.81 29.39
N ALA D 50 -6.86 -36.17 29.17
CA ALA D 50 -5.79 -35.21 28.90
C ALA D 50 -5.97 -34.42 27.61
N ILE D 51 -6.61 -35.01 26.62
CA ILE D 51 -6.79 -34.37 25.33
C ILE D 51 -7.96 -33.39 25.39
N LYS D 52 -9.03 -33.78 26.08
CA LYS D 52 -10.16 -32.87 26.35
C LYS D 52 -9.77 -31.73 27.29
N ASN D 53 -9.06 -32.08 28.36
CA ASN D 53 -8.42 -31.11 29.26
C ASN D 53 -7.67 -30.03 28.53
N MET D 54 -6.90 -30.45 27.54
CA MET D 54 -5.85 -29.64 26.92
C MET D 54 -4.56 -29.71 27.76
N THR D 55 -4.37 -30.79 28.52
CA THR D 55 -3.06 -31.14 29.08
C THR D 55 -2.07 -31.09 27.92
N VAL D 56 -2.46 -31.75 26.85
CA VAL D 56 -1.76 -31.70 25.59
C VAL D 56 -2.56 -30.82 24.60
N ARG D 57 -1.84 -30.14 23.71
CA ARG D 57 -2.46 -29.39 22.62
C ARG D 57 -1.47 -29.24 21.45
N GLY D 58 -1.97 -28.78 20.30
CA GLY D 58 -1.23 -28.79 19.03
C GLY D 58 -1.56 -30.08 18.27
N ALA D 59 -1.95 -29.97 16.99
CA ALA D 59 -2.51 -31.11 16.23
C ALA D 59 -1.70 -32.43 16.23
N PRO D 60 -0.40 -32.36 15.88
CA PRO D 60 0.40 -33.54 15.84
C PRO D 60 0.82 -34.06 17.23
N ALA D 61 0.77 -33.22 18.26
CA ALA D 61 0.89 -33.71 19.63
C ALA D 61 -0.37 -34.49 20.05
N ILE D 62 -1.51 -34.01 19.55
CA ILE D 62 -2.81 -34.62 19.84
C ILE D 62 -2.95 -35.95 19.14
N GLY D 63 -2.55 -35.99 17.87
CA GLY D 63 -2.36 -37.23 17.13
C GLY D 63 -1.49 -38.19 17.93
N ALA D 64 -0.23 -37.81 18.16
CA ALA D 64 0.75 -38.70 18.78
C ALA D 64 0.27 -39.26 20.13
N ALA D 65 -0.45 -38.42 20.87
CA ALA D 65 -1.07 -38.81 22.13
C ALA D 65 -2.15 -39.92 22.01
N ALA D 66 -2.89 -39.88 20.91
CA ALA D 66 -3.89 -40.90 20.60
C ALA D 66 -3.18 -42.19 20.13
N GLY D 67 -2.15 -42.06 19.32
CA GLY D 67 -1.43 -43.23 18.82
C GLY D 67 -0.96 -44.02 20.02
N PHE D 68 -0.23 -43.32 20.88
CA PHE D 68 0.32 -43.89 22.08
C PHE D 68 -0.74 -44.37 23.05
N GLY D 69 -1.94 -43.81 22.96
CA GLY D 69 -3.08 -44.31 23.73
C GLY D 69 -3.50 -45.73 23.31
N LEU D 70 -3.64 -45.94 22.02
CA LEU D 70 -3.87 -47.29 21.53
C LEU D 70 -2.69 -48.15 21.95
N ALA D 71 -1.47 -47.75 21.57
CA ALA D 71 -0.25 -48.41 22.02
C ALA D 71 -0.23 -48.78 23.50
N LEU D 72 -0.82 -47.94 24.33
CA LEU D 72 -1.00 -48.26 25.72
C LEU D 72 -1.95 -49.47 25.84
N TYR D 73 -3.15 -49.37 25.26
CA TYR D 73 -4.14 -50.48 25.25
C TYR D 73 -3.56 -51.84 24.83
N ALA D 74 -2.83 -51.87 23.72
CA ALA D 74 -2.17 -53.09 23.29
C ALA D 74 -1.33 -53.65 24.42
N GLU D 75 -0.41 -52.86 24.95
CA GLU D 75 0.54 -53.36 25.94
C GLU D 75 -0.05 -53.49 27.35
N THR D 76 -1.37 -53.44 27.48
CA THR D 76 -2.04 -53.36 28.79
C THR D 76 -3.25 -54.29 28.87
N SER D 77 -4.12 -54.23 27.87
CA SER D 77 -5.23 -55.20 27.69
C SER D 77 -4.97 -56.57 28.29
N LYS D 78 -5.89 -57.00 29.14
CA LYS D 78 -5.84 -58.33 29.75
C LYS D 78 -6.37 -59.42 28.80
N ALA D 79 -7.06 -59.01 27.72
CA ALA D 79 -7.72 -59.93 26.80
C ALA D 79 -6.82 -61.08 26.35
N LYS D 80 -7.44 -62.25 26.21
CA LYS D 80 -6.74 -63.52 25.93
C LYS D 80 -7.04 -63.99 24.50
N THR D 81 -8.31 -63.94 24.08
CA THR D 81 -8.70 -64.30 22.70
C THR D 81 -8.64 -63.07 21.75
N LYS D 82 -7.98 -63.24 20.61
CA LYS D 82 -7.85 -62.20 19.59
C LYS D 82 -9.18 -61.51 19.30
N GLU D 83 -10.25 -62.27 19.40
CA GLU D 83 -11.60 -61.73 19.34
C GLU D 83 -11.74 -60.56 20.32
N GLU D 84 -11.67 -60.89 21.62
CA GLU D 84 -11.88 -59.96 22.76
C GLU D 84 -11.02 -58.73 22.67
N PHE D 85 -9.76 -58.95 22.32
CA PHE D 85 -8.85 -57.86 22.09
C PHE D 85 -9.44 -56.88 21.09
N LEU D 86 -9.72 -57.31 19.87
CA LEU D 86 -10.22 -56.39 18.84
C LEU D 86 -11.61 -55.84 19.17
N ASP D 87 -12.34 -56.56 20.02
CA ASP D 87 -13.62 -56.09 20.54
C ASP D 87 -13.40 -54.91 21.51
N GLY D 88 -12.21 -54.84 22.11
CA GLY D 88 -11.82 -53.77 23.04
C GLY D 88 -10.80 -52.75 22.53
N PHE D 89 -10.16 -53.05 21.39
CA PHE D 89 -9.41 -52.07 20.63
C PHE D 89 -10.39 -51.07 20.00
N GLU D 90 -11.38 -51.58 19.28
CA GLU D 90 -12.40 -50.71 18.69
C GLU D 90 -13.06 -49.85 19.75
N LYS D 91 -13.19 -50.40 20.97
CA LYS D 91 -13.72 -49.65 22.12
C LYS D 91 -12.82 -48.49 22.48
N ALA D 92 -11.51 -48.75 22.53
CA ALA D 92 -10.48 -47.76 22.92
C ALA D 92 -10.34 -46.65 21.89
N TYR D 93 -10.51 -47.04 20.64
CA TYR D 93 -10.47 -46.13 19.51
C TYR D 93 -11.62 -45.11 19.53
N GLU D 94 -12.77 -45.45 20.10
CA GLU D 94 -13.92 -44.49 20.21
C GLU D 94 -13.87 -43.63 21.50
N ILE D 95 -13.10 -44.06 22.49
CA ILE D 95 -12.82 -43.23 23.66
C ILE D 95 -11.92 -42.09 23.19
N LEU D 96 -10.85 -42.42 22.50
CA LEU D 96 -9.94 -41.40 22.06
C LEU D 96 -10.58 -40.49 21.00
N LYS D 97 -11.31 -41.10 20.09
CA LYS D 97 -11.99 -40.36 19.06
C LYS D 97 -13.08 -39.44 19.62
N ASN D 98 -13.52 -39.64 20.86
CA ASN D 98 -14.46 -38.69 21.50
C ASN D 98 -13.81 -37.76 22.54
N THR D 99 -12.74 -37.09 22.11
CA THR D 99 -12.03 -36.15 22.95
C THR D 99 -12.30 -34.75 22.41
N ARG D 100 -11.57 -34.39 21.36
CA ARG D 100 -11.92 -33.24 20.52
C ARG D 100 -12.29 -33.80 19.16
N PRO D 101 -13.57 -34.18 18.96
CA PRO D 101 -14.04 -34.60 17.62
C PRO D 101 -13.96 -33.50 16.54
N THR D 102 -12.91 -32.67 16.62
CA THR D 102 -12.72 -31.50 15.76
C THR D 102 -11.23 -31.32 15.39
N ALA D 103 -10.35 -31.14 16.39
CA ALA D 103 -8.88 -31.07 16.21
C ALA D 103 -8.35 -32.22 15.32
N VAL D 104 -8.17 -31.92 14.03
CA VAL D 104 -8.20 -32.88 12.90
C VAL D 104 -7.28 -34.13 12.90
N ASN D 105 -6.02 -33.96 13.31
CA ASN D 105 -5.03 -35.05 13.25
C ASN D 105 -5.45 -36.30 13.98
N LEU D 106 -5.90 -36.10 15.21
CA LEU D 106 -6.41 -37.15 16.07
C LEU D 106 -7.11 -38.22 15.28
N PHE D 107 -7.93 -37.79 14.34
CA PHE D 107 -8.63 -38.66 13.45
C PHE D 107 -7.68 -39.47 12.56
N TRP D 108 -6.65 -38.82 12.02
CA TRP D 108 -5.60 -39.50 11.19
C TRP D 108 -4.79 -40.55 11.94
N ALA D 109 -4.22 -40.19 13.06
CA ALA D 109 -3.45 -41.14 13.82
C ALA D 109 -4.33 -42.31 14.19
N LEU D 110 -5.52 -41.99 14.73
CA LEU D 110 -6.48 -43.03 15.13
C LEU D 110 -6.86 -43.97 13.99
N ASN D 111 -7.09 -43.45 12.78
CA ASN D 111 -7.40 -44.27 11.60
C ASN D 111 -6.23 -45.13 11.13
N ARG D 112 -5.21 -44.47 10.58
CA ARG D 112 -3.97 -45.13 10.15
C ARG D 112 -3.65 -46.42 10.90
N ILE D 113 -3.79 -46.39 12.22
CA ILE D 113 -3.60 -47.56 13.08
C ILE D 113 -4.73 -48.57 12.96
N LYS D 114 -5.97 -48.15 13.26
CA LYS D 114 -7.17 -48.99 13.05
C LYS D 114 -7.17 -49.63 11.65
N LYS D 115 -6.64 -48.93 10.63
CA LYS D 115 -6.46 -49.52 9.29
C LYS D 115 -5.39 -50.61 9.32
N LEU D 116 -4.21 -50.29 9.84
CA LEU D 116 -3.10 -51.25 9.94
C LEU D 116 -3.49 -52.50 10.70
N VAL D 117 -4.45 -52.37 11.61
CA VAL D 117 -4.97 -53.49 12.37
C VAL D 117 -6.06 -54.26 11.60
N GLU D 118 -6.85 -53.56 10.79
CA GLU D 118 -7.83 -54.20 9.88
C GLU D 118 -7.10 -55.02 8.82
N GLU D 119 -5.95 -54.49 8.44
CA GLU D 119 -5.09 -55.04 7.42
C GLU D 119 -4.40 -56.32 7.86
N HIS D 120 -4.19 -56.50 9.16
CA HIS D 120 -3.29 -57.54 9.69
C HIS D 120 -4.02 -58.42 10.72
N SER D 121 -5.33 -58.60 10.57
CA SER D 121 -6.14 -59.37 11.56
C SER D 121 -5.80 -60.85 11.54
N GLU D 122 -5.16 -61.28 10.45
CA GLU D 122 -4.71 -62.66 10.30
C GLU D 122 -3.45 -63.03 11.10
N ASP D 123 -2.49 -62.09 11.23
CA ASP D 123 -1.27 -62.28 12.08
C ASP D 123 -1.73 -62.60 13.53
N PRO D 124 -0.83 -63.17 14.38
CA PRO D 124 -1.20 -63.52 15.78
C PRO D 124 -1.40 -62.32 16.70
N LEU D 125 -1.78 -62.57 17.94
CA LEU D 125 -2.25 -61.49 18.82
C LEU D 125 -1.12 -60.72 19.54
N ASP D 126 -0.01 -61.38 19.84
CA ASP D 126 1.16 -60.69 20.38
C ASP D 126 1.88 -59.93 19.26
N GLU D 127 1.64 -60.34 18.01
CA GLU D 127 2.18 -59.62 16.85
C GLU D 127 1.39 -58.35 16.58
N ILE D 128 0.07 -58.46 16.46
CA ILE D 128 -0.77 -57.31 16.14
C ILE D 128 -0.46 -56.24 17.18
N LYS D 129 -0.31 -56.69 18.43
CA LYS D 129 0.19 -55.84 19.49
C LYS D 129 1.44 -55.06 19.05
N ARG D 130 2.50 -55.79 18.73
CA ARG D 130 3.78 -55.18 18.35
C ARG D 130 3.70 -54.19 17.19
N LEU D 131 2.76 -54.44 16.26
CA LEU D 131 2.61 -53.61 15.05
C LEU D 131 2.08 -52.21 15.35
N ILE D 132 1.17 -52.19 16.32
CA ILE D 132 0.49 -51.00 16.78
C ILE D 132 1.51 -50.13 17.50
N VAL D 133 2.28 -50.77 18.39
CA VAL D 133 3.36 -50.11 19.10
C VAL D 133 4.29 -49.39 18.11
N GLN D 134 4.79 -50.11 17.11
CA GLN D 134 5.74 -49.51 16.17
C GLN D 134 5.14 -48.31 15.44
N GLU D 135 3.83 -48.35 15.26
CA GLU D 135 3.13 -47.40 14.40
C GLU D 135 2.93 -46.06 15.12
N ALA D 136 2.79 -46.15 16.45
CA ALA D 136 2.70 -44.98 17.28
C ALA D 136 4.01 -44.17 17.26
N TYR D 137 5.13 -44.82 17.57
CA TYR D 137 6.44 -44.22 17.33
C TYR D 137 6.50 -43.65 15.93
N LYS D 138 6.30 -44.49 14.92
CA LYS D 138 6.40 -44.03 13.55
C LYS D 138 5.79 -42.66 13.43
N ILE D 139 4.54 -42.55 13.86
CA ILE D 139 3.73 -41.32 13.76
C ILE D 139 4.38 -40.12 14.45
N ALA D 140 4.83 -40.38 15.67
CA ALA D 140 5.48 -39.38 16.51
C ALA D 140 6.90 -39.02 16.01
N ASP D 141 7.65 -40.02 15.56
CA ASP D 141 8.94 -39.77 14.90
C ASP D 141 8.71 -39.04 13.59
N GLU D 142 7.72 -39.49 12.83
CA GLU D 142 7.36 -38.80 11.58
C GLU D 142 7.17 -37.30 11.72
N ASP D 143 6.66 -36.86 12.89
CA ASP D 143 6.47 -35.43 13.14
C ASP D 143 7.76 -34.72 13.56
N VAL D 144 8.60 -35.38 14.36
CA VAL D 144 9.86 -34.78 14.82
C VAL D 144 10.83 -34.58 13.68
N GLU D 145 10.85 -35.49 12.71
CA GLU D 145 11.76 -35.33 11.58
C GLU D 145 11.22 -34.37 10.52
N ALA D 146 9.90 -34.33 10.34
CA ALA D 146 9.30 -33.25 9.54
C ALA D 146 9.70 -31.87 10.09
N ASN D 147 9.79 -31.78 11.41
CA ASN D 147 10.09 -30.52 12.07
C ASN D 147 11.57 -30.20 11.92
N LEU D 148 12.43 -31.23 12.01
CA LEU D 148 13.88 -31.07 11.74
C LEU D 148 14.13 -30.55 10.34
N ARG D 149 13.43 -31.11 9.36
CA ARG D 149 13.56 -30.67 7.96
C ARG D 149 13.10 -29.22 7.77
N MET D 150 11.98 -28.86 8.37
CA MET D 150 11.44 -27.49 8.31
C MET D 150 12.39 -26.44 8.88
N GLY D 151 12.91 -26.70 10.08
CA GLY D 151 13.89 -25.83 10.70
C GLY D 151 14.99 -25.43 9.73
N HIS D 152 15.56 -26.42 9.06
CA HIS D 152 16.75 -26.22 8.23
C HIS D 152 16.40 -25.55 6.93
N TYR D 153 15.28 -25.91 6.33
CA TYR D 153 14.80 -25.23 5.13
C TYR D 153 14.59 -23.76 5.41
N GLY D 154 13.99 -23.45 6.56
CA GLY D 154 13.66 -22.09 6.93
C GLY D 154 14.89 -21.29 7.32
N ALA D 155 15.81 -21.94 8.01
CA ALA D 155 17.04 -21.27 8.40
C ALA D 155 17.91 -20.96 7.17
N GLU D 156 17.69 -21.61 6.03
CA GLU D 156 18.35 -21.21 4.78
C GLU D 156 17.86 -19.85 4.24
N VAL D 157 16.58 -19.54 4.43
CA VAL D 157 15.92 -18.49 3.66
C VAL D 157 15.48 -17.23 4.41
N LEU D 158 15.49 -17.29 5.75
CA LEU D 158 15.23 -16.13 6.63
C LEU D 158 16.50 -15.32 6.86
N PRO D 159 16.37 -14.00 6.99
CA PRO D 159 17.56 -13.19 7.26
C PRO D 159 18.06 -13.42 8.67
N GLU D 160 19.30 -12.99 8.89
CA GLU D 160 19.85 -12.95 10.22
C GLU D 160 19.21 -11.78 10.97
N GLY D 161 19.25 -11.84 12.29
CA GLY D 161 18.91 -10.71 13.14
C GLY D 161 17.64 -10.78 13.97
N ASN D 162 16.74 -9.83 13.73
CA ASN D 162 15.57 -9.70 14.54
C ASN D 162 14.36 -10.37 13.87
N ILE D 163 13.81 -11.39 14.49
CA ILE D 163 12.62 -12.05 13.96
C ILE D 163 11.48 -11.84 14.92
N LEU D 164 10.27 -11.72 14.37
CA LEU D 164 9.06 -11.56 15.17
C LEU D 164 8.08 -12.69 14.86
N THR D 165 7.50 -13.31 15.88
CA THR D 165 6.51 -14.41 15.68
C THR D 165 5.23 -14.30 16.49
N HIS D 166 4.33 -15.26 16.37
CA HIS D 166 2.93 -15.07 16.82
C HIS D 166 2.31 -16.37 17.32
N CYS D 167 1.40 -16.28 18.29
CA CYS D 167 0.82 -17.49 18.93
C CYS D 167 1.91 -18.45 19.40
N ASN D 168 1.61 -19.74 19.45
CA ASN D 168 2.62 -20.76 19.77
C ASN D 168 2.70 -21.84 18.69
N ALA D 169 3.88 -21.91 18.08
CA ALA D 169 4.20 -22.90 17.09
C ALA D 169 5.61 -23.40 17.33
N GLY D 170 5.88 -23.80 18.57
CA GLY D 170 7.18 -24.44 18.94
C GLY D 170 7.04 -25.84 19.53
N SER D 171 8.13 -26.36 20.08
CA SER D 171 8.14 -27.71 20.60
C SER D 171 6.80 -28.13 21.19
N LEU D 172 6.05 -27.19 21.79
CA LEU D 172 4.87 -27.57 22.55
C LEU D 172 3.63 -27.60 21.70
N ALA D 173 3.77 -27.28 20.42
CA ALA D 173 2.64 -27.36 19.48
C ALA D 173 2.78 -28.61 18.60
N THR D 174 3.72 -29.46 18.99
CA THR D 174 4.12 -30.56 18.16
C THR D 174 4.67 -31.65 19.08
N VAL D 175 5.24 -32.68 18.48
CA VAL D 175 5.87 -33.77 19.21
C VAL D 175 7.20 -33.28 19.75
N HIS D 176 7.94 -32.58 18.92
CA HIS D 176 9.16 -31.99 19.37
C HIS D 176 9.58 -30.98 18.33
N LEU D 177 10.40 -30.05 18.81
CA LEU D 177 11.01 -28.94 18.07
C LEU D 177 10.06 -27.86 17.69
N GLY D 178 8.89 -28.21 17.17
CA GLY D 178 7.91 -27.21 16.68
C GLY D 178 8.15 -26.84 15.23
N THR D 179 7.15 -26.22 14.59
CA THR D 179 7.29 -25.80 13.21
C THR D 179 8.09 -24.51 13.18
N VAL D 180 7.53 -23.40 13.66
CA VAL D 180 8.33 -22.19 13.85
C VAL D 180 9.54 -22.48 14.77
N GLY D 181 9.30 -23.26 15.83
CA GLY D 181 10.30 -23.52 16.87
C GLY D 181 11.55 -24.26 16.43
N SER D 182 11.43 -25.00 15.34
CA SER D 182 12.58 -25.62 14.74
C SER D 182 13.45 -24.57 14.02
N VAL D 183 12.81 -23.61 13.34
CA VAL D 183 13.50 -22.60 12.52
C VAL D 183 14.34 -21.71 13.43
N VAL D 184 13.68 -21.19 14.44
CA VAL D 184 14.31 -20.24 15.33
C VAL D 184 15.39 -21.01 16.11
N ARG D 185 15.09 -22.24 16.53
CA ARG D 185 16.08 -23.05 17.25
C ARG D 185 17.31 -23.38 16.40
N VAL D 186 17.16 -23.46 15.09
CA VAL D 186 18.30 -23.70 14.23
C VAL D 186 19.06 -22.41 14.03
N MET D 187 18.36 -21.36 13.64
CA MET D 187 18.98 -20.06 13.57
C MET D 187 19.73 -19.69 14.88
N HIS D 188 19.10 -19.96 16.02
CA HIS D 188 19.77 -19.74 17.30
C HIS D 188 21.07 -20.56 17.36
N LYS D 189 20.98 -21.86 17.07
CA LYS D 189 22.16 -22.73 17.23
C LYS D 189 23.32 -22.26 16.33
N ASP D 190 22.99 -21.77 15.14
CA ASP D 190 23.97 -21.07 14.28
C ASP D 190 24.43 -19.72 14.85
N GLY D 191 23.63 -19.07 15.70
CA GLY D 191 23.95 -17.72 16.17
C GLY D 191 23.44 -16.61 15.26
N SER D 192 22.63 -16.98 14.29
CA SER D 192 22.04 -16.05 13.33
C SER D 192 20.72 -15.42 13.81
N LEU D 193 20.27 -15.78 15.02
CA LEU D 193 19.02 -15.26 15.56
C LEU D 193 19.31 -14.38 16.77
N LYS D 194 19.37 -13.07 16.56
CA LYS D 194 19.84 -12.13 17.59
C LYS D 194 18.75 -11.80 18.59
N LEU D 195 17.53 -11.60 18.07
CA LEU D 195 16.35 -11.27 18.88
C LEU D 195 15.09 -11.91 18.28
N LEU D 196 14.26 -12.50 19.13
CA LEU D 196 12.97 -13.02 18.69
C LEU D 196 11.91 -12.26 19.41
N TRP D 197 11.04 -11.58 18.67
CA TRP D 197 9.92 -10.84 19.30
C TRP D 197 8.76 -11.79 19.51
N LEU D 198 8.08 -11.72 20.66
CA LEU D 198 6.96 -12.62 20.91
C LEU D 198 5.69 -11.84 21.16
N ASP D 199 4.77 -11.84 20.21
CA ASP D 199 3.42 -11.34 20.45
C ASP D 199 2.74 -12.12 21.55
N GLU D 200 2.15 -11.44 22.50
CA GLU D 200 1.57 -12.19 23.56
C GLU D 200 0.45 -13.11 22.99
N THR D 201 -0.32 -12.56 22.05
CA THR D 201 -1.36 -13.28 21.32
C THR D 201 -2.66 -13.49 22.05
N ARG D 202 -3.34 -12.40 22.40
CA ARG D 202 -4.71 -12.47 22.88
C ARG D 202 -5.67 -13.13 21.86
N PRO D 203 -6.76 -13.76 22.32
CA PRO D 203 -7.21 -13.68 23.70
C PRO D 203 -6.59 -14.74 24.57
N VAL D 204 -6.16 -15.84 23.95
CA VAL D 204 -5.78 -17.04 24.65
C VAL D 204 -4.36 -16.88 25.17
N LEU D 205 -3.65 -15.84 24.78
CA LEU D 205 -2.30 -15.56 25.31
C LEU D 205 -1.31 -16.73 25.23
N GLN D 206 -1.38 -17.51 24.14
CA GLN D 206 -0.49 -18.69 23.99
C GLN D 206 0.99 -18.27 23.75
N GLY D 207 1.21 -17.02 23.38
CA GLY D 207 2.58 -16.53 23.17
C GLY D 207 3.26 -16.05 24.42
N ALA D 208 2.46 -15.49 25.30
CA ALA D 208 2.97 -15.08 26.58
C ALA D 208 3.18 -16.36 27.33
N ARG D 209 2.12 -17.15 27.35
CA ARG D 209 2.00 -18.25 28.30
C ARG D 209 2.85 -19.46 27.90
N LEU D 210 3.14 -19.61 26.60
CA LEU D 210 3.90 -20.78 26.12
C LEU D 210 5.10 -20.42 25.27
N SER D 211 4.94 -19.59 24.24
CA SER D 211 6.09 -19.27 23.42
C SER D 211 7.24 -18.66 24.28
N ALA D 212 6.91 -17.69 25.13
CA ALA D 212 7.94 -17.04 25.96
C ALA D 212 8.63 -18.02 26.89
N TRP D 213 7.83 -18.90 27.48
CA TRP D 213 8.37 -19.91 28.41
C TRP D 213 9.36 -20.88 27.70
N GLU D 214 8.85 -21.66 26.75
CA GLU D 214 9.68 -22.68 26.03
C GLU D 214 10.89 -22.08 25.31
N TYR D 215 10.72 -20.93 24.67
CA TYR D 215 11.87 -20.32 23.98
C TYR D 215 12.85 -19.71 24.99
N SER D 216 12.33 -19.19 26.09
CA SER D 216 13.18 -18.79 27.18
C SER D 216 13.87 -20.04 27.77
N TYR D 217 13.12 -21.12 27.93
CA TYR D 217 13.69 -22.42 28.43
C TYR D 217 14.97 -22.87 27.76
N ASP D 218 15.08 -22.71 26.44
CA ASP D 218 16.25 -23.10 25.68
C ASP D 218 17.23 -21.96 25.46
N GLY D 219 17.15 -20.92 26.30
CA GLY D 219 18.01 -19.75 26.19
C GLY D 219 18.03 -19.00 24.87
N LEU D 220 16.87 -18.80 24.26
CA LEU D 220 16.74 -17.90 23.09
C LEU D 220 16.51 -16.49 23.60
N ASN D 221 16.73 -15.47 22.77
CA ASN D 221 16.70 -14.06 23.25
C ASN D 221 15.45 -13.33 22.81
N VAL D 222 14.53 -13.29 23.72
CA VAL D 222 13.15 -13.18 23.42
C VAL D 222 12.67 -11.84 24.01
N LYS D 223 11.82 -11.13 23.28
CA LYS D 223 11.19 -9.96 23.85
C LYS D 223 9.70 -10.06 23.70
N LEU D 224 9.02 -9.97 24.83
CA LEU D 224 7.57 -10.09 24.87
C LEU D 224 6.99 -8.70 24.64
N ILE D 225 5.97 -8.61 23.77
CA ILE D 225 5.28 -7.37 23.54
C ILE D 225 3.80 -7.62 23.51
N ALA D 226 3.03 -6.56 23.74
CA ALA D 226 1.58 -6.53 23.49
C ALA D 226 1.29 -6.68 21.99
N ASP D 227 0.13 -7.22 21.63
CA ASP D 227 -0.22 -7.41 20.20
C ASP D 227 -0.23 -6.08 19.39
N ASN D 228 -0.91 -5.06 19.93
CA ASN D 228 -0.80 -3.67 19.50
C ASN D 228 0.60 -3.11 19.17
N ALA D 229 1.65 -3.58 19.84
CA ALA D 229 2.99 -3.00 19.64
C ALA D 229 3.73 -3.51 18.45
N ALA D 230 3.24 -4.55 17.77
CA ALA D 230 3.99 -5.17 16.65
C ALA D 230 4.25 -4.13 15.55
N ALA D 231 3.21 -3.37 15.25
CA ALA D 231 3.28 -2.35 14.26
C ALA D 231 4.41 -1.41 14.60
N PHE D 232 4.42 -0.92 15.85
CA PHE D 232 5.41 0.08 16.27
C PHE D 232 6.83 -0.43 16.14
N VAL D 233 7.10 -1.64 16.57
CA VAL D 233 8.49 -2.10 16.51
C VAL D 233 8.86 -2.34 15.05
N MET D 234 7.86 -2.71 14.24
CA MET D 234 8.04 -2.78 12.79
C MET D 234 8.46 -1.43 12.27
N GLN D 235 7.73 -0.38 12.64
CA GLN D 235 8.03 0.99 12.20
C GLN D 235 9.44 1.45 12.51
N GLN D 236 9.98 1.06 13.66
CA GLN D 236 11.31 1.47 14.14
C GLN D 236 12.44 0.75 13.41
N GLY D 237 12.11 -0.15 12.51
CA GLY D 237 13.09 -0.99 11.87
C GLY D 237 13.67 -2.03 12.80
N PHE D 238 12.95 -2.41 13.86
CA PHE D 238 13.45 -3.46 14.78
C PHE D 238 13.19 -4.89 14.31
N VAL D 239 12.61 -5.05 13.11
CA VAL D 239 12.18 -6.36 12.68
C VAL D 239 12.69 -6.66 11.29
N ASP D 240 13.38 -7.81 11.15
CA ASP D 240 14.01 -8.21 9.87
C ASP D 240 13.17 -9.19 9.06
N ALA D 241 12.42 -10.05 9.74
CA ALA D 241 11.51 -10.96 9.04
C ALA D 241 10.47 -11.42 9.99
N ILE D 242 9.29 -11.72 9.45
CA ILE D 242 8.21 -12.32 10.23
C ILE D 242 7.91 -13.76 9.79
N ILE D 243 7.68 -14.62 10.78
CA ILE D 243 7.41 -16.02 10.56
C ILE D 243 6.24 -16.47 11.43
N VAL D 244 5.37 -17.30 10.85
CA VAL D 244 4.20 -17.82 11.54
C VAL D 244 3.84 -19.20 11.06
N GLY D 245 3.17 -19.94 11.93
CA GLY D 245 2.65 -21.24 11.58
C GLY D 245 1.37 -21.12 10.82
N ALA D 246 0.66 -22.23 10.64
CA ALA D 246 -0.63 -22.25 9.96
C ALA D 246 -1.45 -23.44 10.44
N ASP D 247 -2.75 -23.24 10.67
CA ASP D 247 -3.61 -24.36 11.00
C ASP D 247 -4.19 -24.97 9.75
N ARG D 248 -4.27 -24.20 8.67
CA ARG D 248 -4.60 -24.78 7.38
C ARG D 248 -4.25 -23.87 6.19
N ILE D 249 -3.48 -24.44 5.25
CA ILE D 249 -3.17 -23.74 3.99
C ILE D 249 -4.01 -24.37 2.85
N VAL D 250 -4.46 -23.56 1.90
CA VAL D 250 -5.33 -24.07 0.86
C VAL D 250 -4.74 -23.79 -0.51
N ALA D 251 -5.34 -24.41 -1.54
CA ALA D 251 -4.88 -24.32 -2.95
C ALA D 251 -3.99 -23.13 -3.30
N ASN D 252 -4.58 -21.94 -3.37
CA ASN D 252 -3.84 -20.78 -3.86
C ASN D 252 -2.84 -20.16 -2.84
N GLY D 253 -2.65 -20.81 -1.68
CA GLY D 253 -1.72 -20.35 -0.64
C GLY D 253 -2.35 -19.54 0.49
N ASP D 254 -3.53 -18.99 0.25
CA ASP D 254 -4.33 -18.40 1.31
C ASP D 254 -4.24 -19.30 2.50
N PHE D 255 -4.21 -18.73 3.71
CA PHE D 255 -4.09 -19.61 4.90
C PHE D 255 -4.76 -19.07 6.17
N ALA D 256 -5.00 -19.99 7.10
CA ALA D 256 -5.65 -19.75 8.38
C ALA D 256 -4.69 -20.01 9.54
N ASN D 257 -4.71 -19.10 10.53
CA ASN D 257 -3.83 -19.19 11.70
C ASN D 257 -4.44 -18.32 12.77
N LYS D 258 -4.05 -18.60 14.04
CA LYS D 258 -4.49 -17.87 15.22
C LYS D 258 -4.64 -16.37 14.95
N ILE D 259 -5.77 -15.80 15.36
CA ILE D 259 -6.15 -14.37 15.15
C ILE D 259 -5.04 -13.32 15.39
N GLY D 260 -4.81 -12.49 14.39
CA GLY D 260 -3.82 -11.43 14.45
C GLY D 260 -2.68 -11.62 13.46
N THR D 261 -2.76 -12.72 12.72
CA THR D 261 -1.76 -13.12 11.72
C THR D 261 -1.86 -12.26 10.44
N TYR D 262 -3.07 -12.07 9.99
CA TYR D 262 -3.34 -11.19 8.88
C TYR D 262 -2.87 -9.79 9.19
N MET D 263 -3.11 -9.39 10.44
CA MET D 263 -2.66 -8.10 10.99
C MET D 263 -1.18 -7.92 10.69
N LEU D 264 -0.37 -8.89 11.08
CA LEU D 264 1.07 -8.82 10.82
C LEU D 264 1.29 -8.78 9.29
N ALA D 265 0.77 -9.79 8.57
CA ALA D 265 0.87 -9.84 7.09
C ALA D 265 0.72 -8.45 6.46
N VAL D 266 -0.35 -7.73 6.80
CA VAL D 266 -0.51 -6.34 6.37
C VAL D 266 0.59 -5.41 6.93
N LEU D 267 0.93 -5.52 8.21
CA LEU D 267 2.03 -4.70 8.76
C LEU D 267 3.38 -4.96 8.10
N ALA D 268 3.67 -6.23 7.85
CA ALA D 268 4.97 -6.61 7.32
C ALA D 268 5.14 -6.04 5.93
N ARG D 269 4.00 -5.96 5.24
CA ARG D 269 3.96 -5.56 3.88
C ARG D 269 4.18 -4.07 3.76
N GLU D 270 3.64 -3.29 4.70
CA GLU D 270 3.82 -1.83 4.68
C GLU D 270 5.20 -1.40 5.15
N HIS D 271 6.05 -2.35 5.51
CA HIS D 271 7.38 -2.04 6.01
C HIS D 271 8.37 -2.90 5.26
N GLY D 272 8.01 -3.31 4.05
CA GLY D 272 8.80 -4.19 3.19
C GLY D 272 9.56 -5.28 3.91
N ILE D 273 8.91 -5.90 4.90
CA ILE D 273 9.52 -6.90 5.78
C ILE D 273 9.03 -8.24 5.33
N PRO D 274 9.93 -9.19 5.08
CA PRO D 274 9.44 -10.48 4.56
C PRO D 274 8.52 -11.15 5.54
N PHE D 275 7.71 -12.05 5.02
CA PHE D 275 6.70 -12.73 5.81
C PHE D 275 6.50 -14.13 5.27
N PHE D 276 6.52 -15.10 6.18
CA PHE D 276 6.63 -16.50 5.82
C PHE D 276 5.70 -17.33 6.67
N ALA D 277 5.04 -18.30 6.05
CA ALA D 277 4.33 -19.30 6.80
C ALA D 277 5.22 -20.55 6.88
N VAL D 278 5.08 -21.34 7.94
CA VAL D 278 5.76 -22.62 8.05
C VAL D 278 4.80 -23.74 8.55
N ALA D 279 4.83 -24.91 7.88
CA ALA D 279 3.88 -25.99 8.19
C ALA D 279 4.16 -27.26 7.41
N PRO D 280 3.85 -28.42 8.00
CA PRO D 280 4.00 -29.64 7.22
C PRO D 280 2.99 -29.70 6.07
N LEU D 281 3.26 -30.57 5.09
CA LEU D 281 2.38 -30.75 3.93
C LEU D 281 0.97 -31.19 4.34
N SER D 282 0.90 -32.04 5.37
CA SER D 282 -0.39 -32.50 5.89
C SER D 282 -1.29 -31.33 6.30
N SER D 283 -0.72 -30.15 6.44
CA SER D 283 -1.51 -28.97 6.76
C SER D 283 -1.96 -28.21 5.50
N ILE D 284 -1.70 -28.73 4.31
CA ILE D 284 -2.10 -28.06 3.06
C ILE D 284 -3.30 -28.74 2.36
N ASP D 285 -4.52 -28.37 2.73
CA ASP D 285 -5.73 -28.92 2.11
C ASP D 285 -5.87 -28.36 0.68
N MET D 286 -5.47 -29.18 -0.29
CA MET D 286 -5.50 -28.78 -1.70
C MET D 286 -6.89 -28.88 -2.28
N GLU D 287 -7.77 -29.58 -1.57
CA GLU D 287 -9.18 -29.66 -1.94
C GLU D 287 -9.87 -28.32 -1.94
N LEU D 288 -9.52 -27.46 -0.99
CA LEU D 288 -10.16 -26.15 -0.88
C LEU D 288 -9.41 -25.16 -1.74
N LYS D 289 -10.12 -24.39 -2.55
CA LYS D 289 -9.48 -23.48 -3.51
C LYS D 289 -8.96 -22.23 -2.82
N SER D 290 -9.80 -21.21 -2.66
CA SER D 290 -9.37 -19.90 -2.19
C SER D 290 -9.49 -19.74 -0.67
N GLY D 291 -9.36 -18.50 -0.19
CA GLY D 291 -9.38 -18.22 1.24
C GLY D 291 -10.77 -18.24 1.82
N LYS D 292 -11.73 -17.74 1.05
CA LYS D 292 -13.13 -17.70 1.47
C LYS D 292 -13.78 -19.10 1.55
N ASP D 293 -13.05 -20.14 1.17
CA ASP D 293 -13.53 -21.50 1.40
C ASP D 293 -13.18 -22.00 2.84
N ILE D 294 -12.51 -21.21 3.67
CA ILE D 294 -12.14 -21.67 5.04
C ILE D 294 -13.18 -21.31 6.13
N PRO D 295 -13.69 -22.34 6.82
CA PRO D 295 -14.66 -22.07 7.89
C PRO D 295 -14.09 -21.31 9.10
N ILE D 296 -14.72 -20.16 9.42
CA ILE D 296 -14.34 -19.23 10.51
C ILE D 296 -14.98 -19.55 11.89
N GLU D 297 -14.18 -20.15 12.79
CA GLU D 297 -14.66 -20.48 14.13
C GLU D 297 -14.62 -19.36 15.21
N GLU D 298 -15.77 -19.08 15.81
CA GLU D 298 -15.78 -18.20 16.97
C GLU D 298 -15.81 -19.01 18.25
N ARG D 299 -15.13 -18.51 19.27
CA ARG D 299 -15.16 -19.14 20.55
C ARG D 299 -15.83 -18.22 21.59
N SER D 300 -16.02 -18.82 22.76
CA SER D 300 -16.65 -18.22 23.94
C SER D 300 -16.30 -16.75 24.17
N PRO D 301 -17.30 -15.92 24.48
CA PRO D 301 -16.94 -14.54 24.76
C PRO D 301 -16.02 -14.44 25.99
N GLU D 302 -16.08 -15.45 26.82
CA GLU D 302 -15.32 -15.49 28.05
C GLU D 302 -13.81 -15.37 27.75
N GLU D 303 -13.40 -15.74 26.55
CA GLU D 303 -12.01 -15.66 26.21
C GLU D 303 -11.54 -14.20 26.15
N VAL D 304 -12.46 -13.34 25.71
CA VAL D 304 -12.19 -11.93 25.61
C VAL D 304 -12.51 -11.18 26.89
N LEU D 305 -13.68 -11.41 27.49
CA LEU D 305 -14.10 -10.65 28.69
C LEU D 305 -13.25 -10.98 29.91
N THR D 306 -12.53 -12.08 29.86
CA THR D 306 -11.54 -12.41 30.90
C THR D 306 -10.15 -12.47 30.30
N CYS D 307 -9.17 -12.40 31.18
CA CYS D 307 -7.80 -12.40 30.77
C CYS D 307 -7.13 -13.13 31.92
N GLY D 308 -6.56 -14.31 31.65
CA GLY D 308 -6.25 -15.24 32.72
C GLY D 308 -7.56 -15.54 33.45
N GLY D 309 -7.48 -15.67 34.77
CA GLY D 309 -8.70 -15.83 35.55
C GLY D 309 -9.50 -14.56 35.74
N CYS D 310 -8.87 -13.43 35.48
CA CYS D 310 -9.40 -12.17 35.90
C CYS D 310 -10.40 -11.72 34.85
N ARG D 311 -11.56 -11.30 35.31
CA ARG D 311 -12.50 -10.58 34.46
C ARG D 311 -11.97 -9.16 34.32
N ILE D 312 -12.23 -8.56 33.15
CA ILE D 312 -11.66 -7.28 32.79
C ILE D 312 -12.68 -6.44 32.04
N ALA D 313 -13.96 -6.83 32.07
CA ALA D 313 -14.94 -6.22 31.18
C ALA D 313 -16.37 -6.37 31.65
N PRO D 314 -17.19 -5.36 31.34
CA PRO D 314 -18.60 -5.40 31.65
C PRO D 314 -19.29 -6.43 30.76
N ASP D 315 -20.54 -6.74 31.08
CA ASP D 315 -21.28 -7.69 30.30
C ASP D 315 -21.73 -6.99 29.03
N VAL D 316 -20.88 -7.02 28.02
CA VAL D 316 -21.14 -6.44 26.69
C VAL D 316 -20.97 -7.55 25.65
N PRO D 317 -21.50 -7.36 24.42
CA PRO D 317 -21.23 -8.32 23.32
C PRO D 317 -19.78 -8.33 22.90
N VAL D 318 -19.37 -9.45 22.29
CA VAL D 318 -17.98 -9.70 21.89
C VAL D 318 -17.93 -10.35 20.51
N TYR D 319 -16.83 -10.10 19.77
CA TYR D 319 -16.48 -10.89 18.58
C TYR D 319 -15.08 -11.56 18.78
N ASN D 320 -15.12 -12.87 18.98
CA ASN D 320 -13.94 -13.66 19.25
C ASN D 320 -13.78 -14.70 18.13
N PRO D 321 -13.41 -14.24 16.95
CA PRO D 321 -12.95 -15.19 15.96
C PRO D 321 -11.63 -15.78 16.44
N ALA D 322 -11.42 -17.09 16.34
CA ALA D 322 -10.18 -17.67 16.87
C ALA D 322 -9.03 -17.58 15.89
N PHE D 323 -9.37 -17.45 14.59
CA PHE D 323 -8.44 -17.52 13.46
C PHE D 323 -8.84 -16.45 12.43
N ASP D 324 -7.85 -15.89 11.73
CA ASP D 324 -8.09 -15.06 10.55
C ASP D 324 -7.58 -15.76 9.29
N VAL D 325 -7.99 -15.23 8.14
CA VAL D 325 -7.54 -15.73 6.83
C VAL D 325 -6.64 -14.65 6.24
N THR D 326 -5.37 -15.02 6.11
CA THR D 326 -4.36 -14.27 5.40
C THR D 326 -4.39 -14.72 3.92
N PRO D 327 -4.61 -13.77 3.01
CA PRO D 327 -4.52 -14.03 1.56
C PRO D 327 -3.09 -14.21 1.00
N HIS D 328 -2.94 -15.17 0.08
CA HIS D 328 -1.66 -15.53 -0.55
C HIS D 328 -0.71 -14.40 -0.92
N LYS D 329 -1.22 -13.24 -1.30
CA LYS D 329 -0.29 -12.21 -1.77
C LYS D 329 0.63 -11.64 -0.69
N TYR D 330 0.23 -11.71 0.57
CA TYR D 330 1.06 -11.23 1.68
C TYR D 330 2.26 -12.13 1.98
N LEU D 331 2.20 -13.36 1.48
CA LEU D 331 3.27 -14.33 1.64
C LEU D 331 4.53 -14.15 0.76
N THR D 332 5.67 -13.97 1.39
CA THR D 332 6.93 -14.08 0.71
C THR D 332 7.12 -15.54 0.34
N GLY D 333 6.79 -16.43 1.25
CA GLY D 333 6.82 -17.84 0.93
C GLY D 333 6.35 -18.77 2.03
N ILE D 334 6.34 -20.06 1.73
CA ILE D 334 5.80 -21.08 2.58
C ILE D 334 6.96 -22.08 2.82
N ILE D 335 7.32 -22.29 4.08
CA ILE D 335 8.36 -23.24 4.42
C ILE D 335 7.69 -24.57 4.77
N THR D 336 8.00 -25.63 4.02
CA THR D 336 7.45 -26.96 4.27
C THR D 336 8.56 -27.92 4.69
N ASP D 337 8.15 -29.11 5.08
CA ASP D 337 9.08 -30.17 5.48
C ASP D 337 9.70 -30.79 4.24
N ARG D 338 9.13 -30.46 3.07
CA ARG D 338 9.59 -30.96 1.78
C ARG D 338 10.09 -29.79 0.89
N GLY D 339 10.77 -28.85 1.55
CA GLY D 339 11.37 -27.68 0.91
C GLY D 339 10.57 -26.39 1.08
N VAL D 340 11.02 -25.33 0.40
CA VAL D 340 10.32 -24.05 0.40
C VAL D 340 9.53 -23.92 -0.91
N VAL D 341 8.32 -23.38 -0.83
CA VAL D 341 7.48 -23.03 -1.98
C VAL D 341 7.46 -21.52 -2.25
N TRP D 342 7.71 -21.07 -3.49
CA TRP D 342 7.61 -19.64 -3.84
C TRP D 342 6.41 -19.31 -4.78
N PRO D 343 6.12 -18.00 -4.96
CA PRO D 343 5.08 -17.66 -5.90
C PRO D 343 5.24 -18.24 -7.31
N PRO D 344 4.20 -18.12 -8.11
CA PRO D 344 2.84 -17.93 -7.60
C PRO D 344 2.33 -19.30 -7.10
N PHE D 345 1.79 -19.33 -5.89
CA PHE D 345 1.77 -20.56 -5.08
C PHE D 345 0.84 -21.64 -5.60
N LYS D 346 -0.19 -21.21 -6.30
CA LYS D 346 -1.22 -22.13 -6.82
C LYS D 346 -0.58 -23.34 -7.49
N ARG D 347 0.25 -23.02 -8.48
CA ARG D 347 0.88 -23.98 -9.37
C ARG D 347 2.00 -24.77 -8.69
N ASN D 348 2.88 -24.06 -7.99
CA ASN D 348 4.06 -24.67 -7.36
C ASN D 348 3.65 -25.64 -6.25
N LEU D 349 2.45 -25.46 -5.70
CA LEU D 349 1.93 -26.36 -4.68
C LEU D 349 1.47 -27.71 -5.23
N LYS D 350 0.68 -27.73 -6.31
CA LYS D 350 0.28 -29.03 -6.92
C LYS D 350 1.55 -29.72 -7.40
N LYS D 351 2.40 -28.95 -8.08
CA LYS D 351 3.70 -29.45 -8.50
C LYS D 351 4.37 -30.16 -7.35
N LEU D 352 4.39 -29.52 -6.18
CA LEU D 352 5.03 -30.08 -5.00
C LEU D 352 4.36 -31.36 -4.49
N PHE D 353 3.04 -31.50 -4.67
CA PHE D 353 2.30 -32.70 -4.20
C PHE D 353 2.45 -33.91 -5.13
N GLU D 354 2.42 -33.70 -6.44
CA GLU D 354 2.68 -34.79 -7.41
C GLU D 354 4.02 -35.43 -7.11
N VAL D 355 5.07 -34.61 -7.17
CA VAL D 355 6.43 -35.09 -6.96
C VAL D 355 6.58 -35.76 -5.59
N ASN D 356 5.75 -35.35 -4.63
CA ASN D 356 5.63 -36.02 -3.33
C ASN D 356 4.27 -36.73 -3.22
#